data_1Q3R
#
_entry.id   1Q3R
#
_cell.length_a   210.058
_cell.length_b   210.058
_cell.length_c   157.173
_cell.angle_alpha   90.00
_cell.angle_beta   90.00
_cell.angle_gamma   90.00
#
_symmetry.space_group_name_H-M   'P 4 21 2'
#
loop_
_entity.id
_entity.type
_entity.pdbx_description
1 polymer 'Thermosome alpha subunit'
2 non-polymer 'SULFATE ION'
#
_entity_poly.entity_id   1
_entity_poly.type   'polypeptide(L)'
_entity_poly.pdbx_seq_one_letter_code
;MAQLSGQPVVILPEGTQRYVGRDAQRLNILAARIIAETVRTTLGPKGMDKMLVDSLGDIVVTNDGATILDKIDLQHPAAK
MMVEVAKTQDKEAGDGTTTAVVIAGELLRKAEELLDQNIHPSIITKGYALAAEKAQEILDEIAIRVDPDDEETLLKIAAT
SITGKNAESHKELLAKLAVEAVKQVAEKKDGKYVVDLDNIKFEKKAGEGVEESELVRGVVIDKEVVHPRMPKRVENAKIA
LINEALEVKKTETDAKINITSPDQLMSFLEQEEKMLKDMVDHIAQTGANVVFVQKGIDDLAQHYLAKYGIMAVRRVKKSD
MEKLAKATGAKIVTNVKDLTPEDLGYAEVVEERKLAGENMIFVEGCKNPKAVTILIRGGTEHVIDEVERALEDAVKVVKD
VMEDGAVLPAGGAPEIELAIRLDEYAKQVGGKEALAIENFADALKIIPKTLAENAGLDTVEMLVKVISEHKNRGLGIGID
VFEGKPADMLEKGIIEPLRVKKQAIKSASEAAIMILRIDDVIAAKATKPEGGQGGGMPGGMGGMDMGM
;
_entity_poly.pdbx_strand_id   A,B,C,D
#
# COMPACT_ATOMS: atom_id res chain seq x y z
N VAL A 9 3.27 -0.42 42.74
CA VAL A 9 2.55 -1.64 43.24
C VAL A 9 1.94 -2.48 42.11
N VAL A 10 2.35 -3.75 42.04
CA VAL A 10 1.89 -4.69 41.01
C VAL A 10 0.44 -5.14 41.19
N ILE A 11 -0.47 -4.51 40.46
CA ILE A 11 -1.89 -4.86 40.53
C ILE A 11 -2.24 -5.83 39.41
N LEU A 12 -1.82 -5.48 38.19
CA LEU A 12 -2.08 -6.29 37.01
C LEU A 12 -0.89 -7.18 36.64
N PRO A 13 -1.17 -8.33 35.97
CA PRO A 13 -0.16 -9.31 35.52
C PRO A 13 0.68 -8.76 34.38
N GLU A 14 1.98 -9.05 34.38
CA GLU A 14 2.87 -8.58 33.31
C GLU A 14 2.37 -9.11 31.97
N GLY A 15 2.34 -8.24 30.98
CA GLY A 15 1.87 -8.63 29.67
C GLY A 15 0.49 -8.04 29.41
N THR A 16 -0.10 -7.50 30.48
CA THR A 16 -1.41 -6.87 30.37
C THR A 16 -1.20 -5.50 29.77
N GLN A 17 -2.14 -5.08 28.93
CA GLN A 17 -2.07 -3.79 28.27
C GLN A 17 -3.23 -2.92 28.70
N ARG A 18 -2.98 -1.63 28.89
CA ARG A 18 -4.02 -0.71 29.29
C ARG A 18 -3.83 0.65 28.63
N TYR A 19 -4.93 1.25 28.18
CA TYR A 19 -4.92 2.55 27.54
C TYR A 19 -6.02 3.34 28.21
N VAL A 20 -5.83 4.64 28.42
CA VAL A 20 -6.86 5.41 29.09
C VAL A 20 -7.09 6.80 28.49
N GLY A 21 -8.29 7.33 28.71
CA GLY A 21 -8.63 8.64 28.20
C GLY A 21 -8.47 8.76 26.69
N ARG A 22 -7.89 9.87 26.25
CA ARG A 22 -7.67 10.11 24.83
C ARG A 22 -6.96 8.95 24.13
N ASP A 23 -6.13 8.22 24.86
CA ASP A 23 -5.40 7.11 24.28
C ASP A 23 -6.33 5.95 23.96
N ALA A 24 -7.24 5.67 24.89
CA ALA A 24 -8.19 4.60 24.72
C ALA A 24 -9.10 4.93 23.55
N GLN A 25 -9.44 6.20 23.43
CA GLN A 25 -10.33 6.66 22.37
C GLN A 25 -9.60 6.69 21.04
N ARG A 26 -8.43 7.30 21.03
CA ARG A 26 -7.66 7.37 19.82
C ARG A 26 -7.53 5.96 19.25
N LEU A 27 -7.04 5.03 20.06
CA LEU A 27 -6.87 3.65 19.63
C LEU A 27 -8.16 2.99 19.12
N ASN A 28 -9.19 2.99 19.96
CA ASN A 28 -10.45 2.38 19.58
C ASN A 28 -11.03 2.97 18.31
N ILE A 29 -11.04 4.29 18.21
CA ILE A 29 -11.60 4.93 17.04
C ILE A 29 -10.77 4.71 15.77
N LEU A 30 -9.44 4.78 15.90
CA LEU A 30 -8.58 4.58 14.75
C LEU A 30 -8.77 3.17 14.23
N ALA A 31 -8.94 2.23 15.15
CA ALA A 31 -9.16 0.85 14.79
C ALA A 31 -10.46 0.75 13.99
N ALA A 32 -11.55 1.24 14.55
CA ALA A 32 -12.84 1.20 13.88
C ALA A 32 -12.81 1.88 12.51
N ARG A 33 -12.18 3.05 12.44
CA ARG A 33 -12.11 3.76 11.17
C ARG A 33 -11.33 2.99 10.10
N ILE A 34 -10.25 2.34 10.51
CA ILE A 34 -9.43 1.58 9.57
C ILE A 34 -10.21 0.41 9.00
N ILE A 35 -10.87 -0.34 9.87
CA ILE A 35 -11.62 -1.49 9.42
C ILE A 35 -12.73 -1.00 8.48
N ALA A 36 -13.26 0.20 8.73
CA ALA A 36 -14.30 0.75 7.87
C ALA A 36 -13.70 1.24 6.54
N GLU A 37 -12.51 1.83 6.57
CA GLU A 37 -11.89 2.29 5.35
C GLU A 37 -11.52 1.10 4.47
N THR A 38 -11.31 -0.05 5.11
CA THR A 38 -10.94 -1.26 4.39
C THR A 38 -12.04 -1.86 3.53
N VAL A 39 -13.21 -2.06 4.11
CA VAL A 39 -14.35 -2.65 3.41
C VAL A 39 -15.07 -1.60 2.54
N ARG A 40 -14.77 -0.34 2.84
CA ARG A 40 -15.34 0.81 2.16
C ARG A 40 -15.22 0.79 0.63
N THR A 41 -14.09 0.31 0.13
CA THR A 41 -13.85 0.28 -1.32
C THR A 41 -14.76 -0.65 -2.12
N THR A 42 -15.60 -1.42 -1.46
CA THR A 42 -16.50 -2.36 -2.14
C THR A 42 -17.89 -1.79 -2.32
N LEU A 43 -18.14 -0.62 -1.74
CA LEU A 43 -19.45 0.02 -1.79
C LEU A 43 -19.88 0.64 -3.12
N GLY A 44 -21.11 0.35 -3.52
CA GLY A 44 -21.65 0.92 -4.75
C GLY A 44 -21.45 0.14 -6.04
N PRO A 45 -22.15 0.55 -7.12
CA PRO A 45 -22.10 -0.03 -8.47
C PRO A 45 -20.69 -0.23 -8.99
N LYS A 46 -19.76 0.58 -8.52
CA LYS A 46 -18.38 0.46 -8.96
C LYS A 46 -17.48 0.08 -7.79
N GLY A 47 -18.04 -0.66 -6.85
CA GLY A 47 -17.26 -1.11 -5.72
C GLY A 47 -16.56 -2.36 -6.19
N MET A 48 -15.35 -2.58 -5.69
CA MET A 48 -14.55 -3.74 -6.07
C MET A 48 -14.59 -4.88 -5.07
N ASP A 49 -13.94 -5.99 -5.40
CA ASP A 49 -13.93 -7.16 -4.52
C ASP A 49 -12.61 -7.49 -3.85
N LYS A 50 -12.70 -8.34 -2.84
CA LYS A 50 -11.52 -8.76 -2.11
C LYS A 50 -11.34 -10.27 -2.18
N MET A 51 -10.09 -10.71 -2.17
CA MET A 51 -9.77 -12.12 -2.18
C MET A 51 -9.18 -12.39 -0.81
N LEU A 52 -9.86 -13.22 -0.02
CA LEU A 52 -9.42 -13.55 1.32
C LEU A 52 -8.94 -15.00 1.40
N VAL A 53 -7.66 -15.18 1.72
CA VAL A 53 -7.10 -16.52 1.83
C VAL A 53 -6.75 -16.78 3.30
N ASP A 54 -7.42 -17.75 3.92
CA ASP A 54 -7.14 -18.04 5.33
C ASP A 54 -5.90 -18.88 5.54
N SER A 55 -5.62 -19.18 6.80
CA SER A 55 -4.46 -19.97 7.19
C SER A 55 -4.37 -21.34 6.52
N LEU A 56 -5.50 -21.86 6.04
CA LEU A 56 -5.54 -23.16 5.37
C LEU A 56 -5.60 -23.03 3.85
N GLY A 57 -5.11 -21.92 3.31
CA GLY A 57 -5.11 -21.72 1.87
C GLY A 57 -6.47 -21.71 1.20
N ASP A 58 -7.52 -21.66 2.02
CA ASP A 58 -8.89 -21.61 1.52
C ASP A 58 -9.12 -20.20 0.98
N ILE A 59 -9.66 -20.09 -0.23
CA ILE A 59 -9.87 -18.78 -0.87
C ILE A 59 -11.31 -18.27 -1.00
N VAL A 60 -11.54 -17.03 -0.60
CA VAL A 60 -12.87 -16.44 -0.72
C VAL A 60 -12.81 -15.12 -1.49
N VAL A 61 -13.63 -15.00 -2.54
CA VAL A 61 -13.67 -13.80 -3.36
C VAL A 61 -15.06 -13.15 -3.33
N THR A 62 -15.20 -12.08 -2.56
CA THR A 62 -16.50 -11.41 -2.46
C THR A 62 -16.43 -9.92 -2.50
N ASN A 63 -17.62 -9.33 -2.42
CA ASN A 63 -17.81 -7.90 -2.41
C ASN A 63 -18.61 -7.63 -1.15
N ASP A 64 -19.11 -8.71 -0.56
CA ASP A 64 -19.94 -8.64 0.64
C ASP A 64 -19.21 -8.24 1.91
N GLY A 65 -19.63 -7.10 2.48
CA GLY A 65 -19.01 -6.60 3.68
C GLY A 65 -19.02 -7.58 4.83
N ALA A 66 -20.18 -8.17 5.10
CA ALA A 66 -20.29 -9.13 6.19
C ALA A 66 -19.36 -10.33 5.99
N THR A 67 -19.31 -10.86 4.77
CA THR A 67 -18.45 -12.01 4.48
C THR A 67 -17.00 -11.64 4.71
N ILE A 68 -16.59 -10.47 4.24
CA ILE A 68 -15.22 -10.03 4.39
C ILE A 68 -14.79 -9.95 5.85
N LEU A 69 -15.48 -9.14 6.64
CA LEU A 69 -15.16 -8.96 8.06
C LEU A 69 -15.21 -10.24 8.87
N ASP A 70 -16.09 -11.14 8.47
CA ASP A 70 -16.23 -12.40 9.17
C ASP A 70 -15.09 -13.37 8.86
N LYS A 71 -14.51 -13.26 7.68
CA LYS A 71 -13.41 -14.14 7.27
C LYS A 71 -12.03 -13.60 7.65
N ILE A 72 -11.89 -12.28 7.71
CA ILE A 72 -10.60 -11.70 8.06
C ILE A 72 -10.26 -12.00 9.52
N ASP A 73 -9.00 -12.27 9.79
CA ASP A 73 -8.56 -12.55 11.16
C ASP A 73 -8.22 -11.21 11.82
N LEU A 74 -9.16 -10.62 12.56
CA LEU A 74 -8.94 -9.33 13.21
C LEU A 74 -8.41 -9.41 14.65
N GLN A 75 -7.38 -8.62 14.94
CA GLN A 75 -6.77 -8.61 16.27
C GLN A 75 -7.33 -7.58 17.24
N HIS A 76 -7.53 -6.36 16.77
CA HIS A 76 -8.03 -5.30 17.61
C HIS A 76 -9.48 -5.46 18.07
N PRO A 77 -9.74 -5.24 19.38
CA PRO A 77 -11.09 -5.35 19.95
C PRO A 77 -12.07 -4.43 19.25
N ALA A 78 -11.65 -3.20 18.99
CA ALA A 78 -12.54 -2.25 18.33
C ALA A 78 -12.91 -2.78 16.96
N ALA A 79 -11.94 -3.35 16.24
CA ALA A 79 -12.22 -3.88 14.92
C ALA A 79 -13.25 -4.99 15.06
N LYS A 80 -13.03 -5.87 16.04
CA LYS A 80 -13.97 -6.97 16.26
C LYS A 80 -15.37 -6.48 16.52
N MET A 81 -15.51 -5.27 17.05
CA MET A 81 -16.84 -4.75 17.33
C MET A 81 -17.61 -4.28 16.11
N MET A 82 -16.89 -3.98 15.03
CA MET A 82 -17.52 -3.53 13.80
C MET A 82 -18.10 -4.74 13.09
N VAL A 83 -17.46 -5.88 13.30
CA VAL A 83 -17.92 -7.11 12.69
C VAL A 83 -19.39 -7.36 13.09
N GLU A 84 -19.71 -7.10 14.36
CA GLU A 84 -21.07 -7.31 14.84
C GLU A 84 -22.07 -6.43 14.09
N VAL A 85 -21.64 -5.23 13.74
CA VAL A 85 -22.49 -4.32 12.99
C VAL A 85 -22.79 -4.95 11.64
N ALA A 86 -21.73 -5.41 10.96
CA ALA A 86 -21.87 -6.04 9.66
C ALA A 86 -22.72 -7.30 9.73
N LYS A 87 -22.50 -8.09 10.77
CA LYS A 87 -23.22 -9.35 10.95
C LYS A 87 -24.70 -9.15 11.27
N THR A 88 -25.02 -8.27 12.21
CA THR A 88 -26.41 -8.04 12.59
C THR A 88 -27.20 -7.44 11.44
N GLN A 89 -26.53 -6.64 10.63
CA GLN A 89 -27.13 -6.00 9.46
C GLN A 89 -27.52 -7.06 8.42
N ASP A 90 -26.60 -8.01 8.19
CA ASP A 90 -26.81 -9.08 7.24
C ASP A 90 -27.98 -9.95 7.63
N LYS A 91 -28.12 -10.23 8.93
CA LYS A 91 -29.20 -11.09 9.39
C LYS A 91 -30.58 -10.47 9.24
N GLU A 92 -30.66 -9.15 9.39
CA GLU A 92 -31.94 -8.45 9.33
C GLU A 92 -32.36 -7.88 7.97
N ALA A 93 -31.43 -7.34 7.19
CA ALA A 93 -31.78 -6.73 5.91
C ALA A 93 -31.06 -7.26 4.66
N GLY A 94 -30.01 -8.06 4.87
CA GLY A 94 -29.27 -8.58 3.75
C GLY A 94 -28.24 -7.58 3.28
N ASP A 95 -28.70 -6.57 2.54
CA ASP A 95 -27.80 -5.53 2.03
C ASP A 95 -27.57 -4.43 3.09
N GLY A 96 -26.56 -3.61 2.86
CA GLY A 96 -26.27 -2.56 3.81
C GLY A 96 -25.23 -2.93 4.85
N THR A 97 -24.66 -4.11 4.72
CA THR A 97 -23.65 -4.58 5.67
C THR A 97 -22.46 -3.65 5.64
N THR A 98 -21.98 -3.34 4.45
CA THR A 98 -20.85 -2.43 4.29
C THR A 98 -21.24 -1.00 4.68
N THR A 99 -22.40 -0.54 4.20
CA THR A 99 -22.87 0.80 4.53
C THR A 99 -22.86 1.04 6.04
N ALA A 100 -23.40 0.08 6.79
CA ALA A 100 -23.48 0.17 8.24
C ALA A 100 -22.10 0.33 8.87
N VAL A 101 -21.13 -0.43 8.38
CA VAL A 101 -19.78 -0.36 8.93
C VAL A 101 -19.10 0.94 8.56
N VAL A 102 -19.34 1.40 7.34
CA VAL A 102 -18.73 2.63 6.85
C VAL A 102 -19.26 3.85 7.59
N ILE A 103 -20.56 3.84 7.87
CA ILE A 103 -21.17 4.93 8.58
C ILE A 103 -20.63 4.95 10.02
N ALA A 104 -20.66 3.79 10.69
CA ALA A 104 -20.18 3.68 12.06
C ALA A 104 -18.77 4.26 12.18
N GLY A 105 -17.92 3.96 11.20
CA GLY A 105 -16.57 4.49 11.22
C GLY A 105 -16.54 6.01 11.11
N GLU A 106 -17.28 6.55 10.15
CA GLU A 106 -17.33 7.99 9.95
C GLU A 106 -17.87 8.66 11.21
N LEU A 107 -18.93 8.08 11.76
CA LEU A 107 -19.56 8.59 12.95
C LEU A 107 -18.51 8.81 14.04
N LEU A 108 -17.57 7.87 14.15
CA LEU A 108 -16.53 7.97 15.15
C LEU A 108 -15.49 9.01 14.74
N ARG A 109 -15.20 9.11 13.44
CA ARG A 109 -14.24 10.10 13.00
C ARG A 109 -14.76 11.48 13.39
N LYS A 110 -15.99 11.78 12.99
CA LYS A 110 -16.62 13.07 13.30
C LYS A 110 -16.73 13.33 14.80
N ALA A 111 -16.81 12.27 15.59
CA ALA A 111 -16.93 12.42 17.03
C ALA A 111 -15.60 12.76 17.71
N GLU A 112 -14.48 12.22 17.22
CA GLU A 112 -13.20 12.53 17.87
C GLU A 112 -12.87 14.01 17.68
N GLU A 113 -13.43 14.61 16.64
CA GLU A 113 -13.20 16.03 16.41
C GLU A 113 -13.77 16.81 17.59
N LEU A 114 -14.92 16.35 18.08
CA LEU A 114 -15.58 16.98 19.22
C LEU A 114 -14.83 16.64 20.50
N LEU A 115 -14.30 15.43 20.57
CA LEU A 115 -13.53 14.98 21.73
C LEU A 115 -12.29 15.84 21.89
N ASP A 116 -11.70 16.22 20.76
CA ASP A 116 -10.52 17.07 20.79
C ASP A 116 -10.86 18.47 21.29
N GLN A 117 -12.12 18.88 21.10
CA GLN A 117 -12.59 20.19 21.54
C GLN A 117 -12.80 20.17 23.05
N ASN A 118 -12.71 18.97 23.60
CA ASN A 118 -12.89 18.71 25.02
C ASN A 118 -14.37 18.70 25.34
N ILE A 119 -15.17 18.32 24.36
CA ILE A 119 -16.60 18.23 24.59
C ILE A 119 -16.80 16.89 25.28
N HIS A 120 -17.34 16.94 26.50
CA HIS A 120 -17.53 15.71 27.25
C HIS A 120 -18.23 14.66 26.41
N PRO A 121 -17.71 13.42 26.43
CA PRO A 121 -18.28 12.30 25.68
C PRO A 121 -19.75 12.04 26.02
N SER A 122 -20.19 12.53 27.17
CA SER A 122 -21.57 12.34 27.56
C SER A 122 -22.45 13.13 26.61
N ILE A 123 -22.00 14.34 26.30
CA ILE A 123 -22.74 15.22 25.39
C ILE A 123 -22.73 14.67 23.97
N ILE A 124 -21.56 14.24 23.49
CA ILE A 124 -21.46 13.70 22.15
C ILE A 124 -22.41 12.51 22.03
N THR A 125 -22.40 11.68 23.07
CA THR A 125 -23.25 10.49 23.12
C THR A 125 -24.74 10.80 23.16
N LYS A 126 -25.14 11.78 23.95
CA LYS A 126 -26.56 12.14 23.99
C LYS A 126 -26.95 12.68 22.62
N GLY A 127 -26.15 13.60 22.09
CA GLY A 127 -26.45 14.17 20.79
C GLY A 127 -26.62 13.11 19.70
N TYR A 128 -25.72 12.12 19.67
CA TYR A 128 -25.83 11.08 18.65
C TYR A 128 -27.11 10.28 18.77
N ALA A 129 -27.58 10.03 19.98
CA ALA A 129 -28.82 9.27 20.15
C ALA A 129 -30.04 10.06 19.66
N LEU A 130 -30.02 11.38 19.85
CA LEU A 130 -31.12 12.22 19.42
C LEU A 130 -31.14 12.15 17.88
N ALA A 131 -29.97 12.30 17.29
CA ALA A 131 -29.83 12.25 15.84
C ALA A 131 -30.31 10.90 15.31
N ALA A 132 -29.96 9.83 16.00
CA ALA A 132 -30.36 8.50 15.58
C ALA A 132 -31.87 8.29 15.67
N GLU A 133 -32.47 8.60 16.82
CA GLU A 133 -33.92 8.45 16.96
C GLU A 133 -34.61 9.31 15.91
N LYS A 134 -34.13 10.54 15.74
CA LYS A 134 -34.71 11.43 14.76
C LYS A 134 -34.58 10.81 13.37
N ALA A 135 -33.44 10.18 13.10
CA ALA A 135 -33.22 9.57 11.80
C ALA A 135 -34.25 8.49 11.51
N GLN A 136 -34.58 7.67 12.49
CA GLN A 136 -35.56 6.60 12.30
C GLN A 136 -36.92 7.18 11.93
N GLU A 137 -37.32 8.24 12.62
CA GLU A 137 -38.60 8.88 12.33
C GLU A 137 -38.60 9.38 10.90
N ILE A 138 -37.56 10.12 10.54
CA ILE A 138 -37.43 10.67 9.20
C ILE A 138 -37.52 9.56 8.16
N LEU A 139 -36.87 8.44 8.42
CA LEU A 139 -36.90 7.33 7.48
C LEU A 139 -38.31 6.80 7.35
N ASP A 140 -38.99 6.60 8.47
CA ASP A 140 -40.36 6.09 8.41
C ASP A 140 -41.25 7.06 7.62
N GLU A 141 -40.92 8.35 7.65
CA GLU A 141 -41.74 9.34 6.94
C GLU A 141 -41.49 9.39 5.44
N ILE A 142 -40.24 9.58 5.05
CA ILE A 142 -39.91 9.66 3.64
C ILE A 142 -40.07 8.32 2.93
N ALA A 143 -40.12 7.24 3.70
CA ALA A 143 -40.26 5.91 3.12
C ALA A 143 -41.44 5.83 2.16
N ILE A 144 -41.17 5.32 0.97
CA ILE A 144 -42.19 5.15 -0.07
C ILE A 144 -42.92 3.81 0.08
N ARG A 145 -44.21 3.88 0.38
CA ARG A 145 -45.01 2.66 0.56
C ARG A 145 -45.46 2.07 -0.77
N VAL A 146 -45.40 0.75 -0.87
CA VAL A 146 -45.78 0.06 -2.09
C VAL A 146 -46.47 -1.28 -1.79
N ASP A 147 -47.04 -1.92 -2.81
CA ASP A 147 -47.71 -3.20 -2.62
C ASP A 147 -46.65 -4.26 -2.43
N PRO A 148 -46.65 -4.92 -1.27
CA PRO A 148 -45.67 -5.97 -0.98
C PRO A 148 -45.44 -6.96 -2.13
N ASP A 149 -46.47 -7.20 -2.92
CA ASP A 149 -46.35 -8.14 -4.03
C ASP A 149 -46.15 -7.48 -5.39
N ASP A 150 -46.09 -6.16 -5.43
CA ASP A 150 -45.89 -5.45 -6.68
C ASP A 150 -44.63 -5.95 -7.37
N GLU A 151 -44.79 -6.83 -8.35
CA GLU A 151 -43.66 -7.39 -9.06
C GLU A 151 -42.75 -6.32 -9.64
N GLU A 152 -43.35 -5.32 -10.28
CA GLU A 152 -42.62 -4.23 -10.89
C GLU A 152 -41.52 -3.70 -9.97
N THR A 153 -41.88 -3.23 -8.77
CA THR A 153 -40.89 -2.70 -7.85
C THR A 153 -40.03 -3.80 -7.22
N LEU A 154 -40.62 -4.98 -7.03
CA LEU A 154 -39.90 -6.10 -6.44
C LEU A 154 -38.64 -6.40 -7.26
N LEU A 155 -38.78 -6.40 -8.58
CA LEU A 155 -37.66 -6.66 -9.48
C LEU A 155 -36.63 -5.54 -9.46
N LYS A 156 -37.08 -4.29 -9.24
CA LYS A 156 -36.16 -3.15 -9.19
C LYS A 156 -35.28 -3.30 -7.95
N ILE A 157 -35.91 -3.73 -6.86
CA ILE A 157 -35.21 -3.94 -5.60
C ILE A 157 -34.11 -4.98 -5.81
N ALA A 158 -34.49 -6.14 -6.36
CA ALA A 158 -33.53 -7.21 -6.62
C ALA A 158 -32.43 -6.81 -7.57
N ALA A 159 -32.79 -6.15 -8.67
CA ALA A 159 -31.82 -5.73 -9.67
C ALA A 159 -30.80 -4.73 -9.12
N THR A 160 -31.25 -3.80 -8.28
CA THR A 160 -30.28 -2.86 -7.73
C THR A 160 -29.41 -3.59 -6.71
N SER A 161 -29.99 -4.57 -6.01
CA SER A 161 -29.23 -5.33 -5.03
C SER A 161 -28.05 -6.03 -5.69
N ILE A 162 -28.31 -6.65 -6.82
CA ILE A 162 -27.29 -7.41 -7.54
C ILE A 162 -26.21 -6.56 -8.21
N THR A 163 -26.58 -5.42 -8.77
CA THR A 163 -25.57 -4.60 -9.40
C THR A 163 -24.44 -4.26 -8.43
N GLY A 164 -23.23 -4.08 -8.95
CA GLY A 164 -22.09 -3.77 -8.12
C GLY A 164 -21.41 -5.01 -7.62
N LYS A 165 -21.80 -6.16 -8.19
CA LYS A 165 -21.24 -7.46 -7.81
C LYS A 165 -20.84 -8.22 -9.07
N ASN A 166 -20.08 -9.28 -8.87
CA ASN A 166 -19.60 -10.15 -9.93
C ASN A 166 -20.73 -10.65 -10.84
N ALA A 167 -21.85 -10.99 -10.24
CA ALA A 167 -23.00 -11.50 -10.98
C ALA A 167 -23.86 -10.44 -11.68
N GLU A 168 -23.46 -9.18 -11.63
CA GLU A 168 -24.24 -8.12 -12.26
C GLU A 168 -24.40 -8.30 -13.75
N SER A 169 -23.46 -9.04 -14.34
CA SER A 169 -23.48 -9.30 -15.78
C SER A 169 -24.83 -9.90 -16.19
N HIS A 170 -25.48 -10.57 -15.24
CA HIS A 170 -26.78 -11.18 -15.50
C HIS A 170 -27.80 -10.77 -14.44
N LYS A 171 -27.85 -9.48 -14.12
CA LYS A 171 -28.77 -9.03 -13.08
C LYS A 171 -30.23 -9.15 -13.48
N GLU A 172 -30.52 -9.20 -14.78
CA GLU A 172 -31.92 -9.34 -15.19
C GLU A 172 -32.47 -10.73 -14.90
N LEU A 173 -31.76 -11.75 -15.37
CA LEU A 173 -32.16 -13.12 -15.12
C LEU A 173 -32.22 -13.38 -13.63
N LEU A 174 -31.09 -13.17 -12.95
CA LEU A 174 -31.01 -13.40 -11.51
C LEU A 174 -32.10 -12.70 -10.68
N ALA A 175 -32.39 -11.44 -10.99
CA ALA A 175 -33.40 -10.72 -10.25
C ALA A 175 -34.76 -11.42 -10.46
N LYS A 176 -35.02 -11.81 -11.70
CA LYS A 176 -36.26 -12.49 -12.04
C LYS A 176 -36.43 -13.77 -11.24
N LEU A 177 -35.33 -14.50 -11.06
CA LEU A 177 -35.39 -15.75 -10.31
C LEU A 177 -35.64 -15.47 -8.83
N ALA A 178 -34.94 -14.49 -8.29
CA ALA A 178 -35.09 -14.13 -6.89
C ALA A 178 -36.52 -13.68 -6.58
N VAL A 179 -37.00 -12.68 -7.33
CA VAL A 179 -38.34 -12.17 -7.11
C VAL A 179 -39.37 -13.29 -7.25
N GLU A 180 -39.17 -14.15 -8.25
CA GLU A 180 -40.07 -15.26 -8.51
C GLU A 180 -40.10 -16.24 -7.35
N ALA A 181 -38.92 -16.68 -6.93
CA ALA A 181 -38.78 -17.62 -5.83
C ALA A 181 -39.39 -17.13 -4.51
N VAL A 182 -39.02 -15.92 -4.08
CA VAL A 182 -39.55 -15.37 -2.85
C VAL A 182 -41.06 -15.22 -2.92
N LYS A 183 -41.55 -14.75 -4.06
CA LYS A 183 -42.99 -14.56 -4.23
C LYS A 183 -43.72 -15.88 -4.04
N GLN A 184 -43.23 -16.93 -4.68
CA GLN A 184 -43.85 -18.25 -4.61
C GLN A 184 -43.92 -18.82 -3.19
N VAL A 185 -42.80 -18.85 -2.47
CA VAL A 185 -42.78 -19.40 -1.13
C VAL A 185 -43.37 -18.47 -0.09
N ALA A 186 -43.54 -17.20 -0.46
CA ALA A 186 -44.08 -16.20 0.43
C ALA A 186 -45.50 -16.52 0.89
N GLU A 187 -45.79 -16.26 2.16
CA GLU A 187 -47.11 -16.52 2.71
C GLU A 187 -47.79 -15.26 3.22
N LYS A 188 -49.03 -15.06 2.75
CA LYS A 188 -49.85 -13.92 3.11
C LYS A 188 -50.89 -14.34 4.13
N LYS A 189 -50.55 -14.25 5.42
CA LYS A 189 -51.49 -14.64 6.47
C LYS A 189 -52.78 -13.80 6.44
N ASP A 190 -52.65 -12.51 6.69
CA ASP A 190 -53.79 -11.59 6.70
C ASP A 190 -53.40 -10.25 6.10
N GLY A 191 -53.55 -10.11 4.78
CA GLY A 191 -53.19 -8.86 4.14
C GLY A 191 -51.74 -8.49 4.42
N LYS A 192 -51.06 -9.37 5.15
CA LYS A 192 -49.66 -9.18 5.51
C LYS A 192 -48.85 -10.39 5.03
N TYR A 193 -47.72 -10.12 4.39
CA TYR A 193 -46.84 -11.17 3.89
C TYR A 193 -45.71 -11.51 4.84
N VAL A 194 -45.39 -12.80 4.90
CA VAL A 194 -44.29 -13.27 5.73
C VAL A 194 -43.58 -14.33 4.89
N VAL A 195 -42.25 -14.34 4.93
CA VAL A 195 -41.48 -15.26 4.12
C VAL A 195 -40.39 -16.00 4.85
N ASP A 196 -40.36 -17.32 4.68
CA ASP A 196 -39.34 -18.13 5.33
C ASP A 196 -38.30 -18.50 4.29
N LEU A 197 -37.18 -17.77 4.30
CA LEU A 197 -36.12 -18.03 3.35
C LEU A 197 -35.60 -19.47 3.36
N ASP A 198 -36.05 -20.28 4.31
CA ASP A 198 -35.63 -21.68 4.37
C ASP A 198 -36.36 -22.51 3.32
N ASN A 199 -37.46 -21.97 2.79
CA ASN A 199 -38.22 -22.68 1.78
C ASN A 199 -37.64 -22.48 0.39
N ILE A 200 -36.58 -21.68 0.31
CA ILE A 200 -35.89 -21.43 -0.97
C ILE A 200 -34.50 -22.02 -0.91
N LYS A 201 -34.31 -23.11 -1.66
CA LYS A 201 -33.03 -23.81 -1.69
C LYS A 201 -32.08 -23.29 -2.80
N PHE A 202 -30.78 -23.30 -2.50
CA PHE A 202 -29.78 -22.89 -3.46
C PHE A 202 -28.87 -24.07 -3.82
N GLU A 203 -28.87 -24.48 -5.09
CA GLU A 203 -28.04 -25.60 -5.55
C GLU A 203 -27.03 -25.08 -6.55
N LYS A 204 -25.76 -25.40 -6.31
CA LYS A 204 -24.69 -24.97 -7.19
C LYS A 204 -24.00 -26.14 -7.88
N LYS A 205 -23.62 -25.92 -9.14
CA LYS A 205 -22.93 -26.93 -9.91
C LYS A 205 -22.13 -26.22 -10.98
N ALA A 206 -20.80 -26.27 -10.85
CA ALA A 206 -19.93 -25.64 -11.82
C ALA A 206 -20.24 -26.23 -13.18
N GLY A 207 -20.10 -25.46 -14.25
CA GLY A 207 -20.46 -25.97 -15.56
C GLY A 207 -21.30 -24.92 -16.23
N GLU A 208 -21.19 -24.85 -17.58
CA GLU A 208 -21.91 -23.84 -18.39
C GLU A 208 -21.58 -22.45 -17.87
N GLY A 209 -22.37 -21.41 -18.16
CA GLY A 209 -22.14 -20.10 -17.52
C GLY A 209 -23.24 -19.75 -16.47
N VAL A 210 -23.14 -18.55 -15.86
CA VAL A 210 -24.13 -18.12 -14.88
C VAL A 210 -25.49 -17.94 -15.56
N GLU A 211 -25.48 -17.82 -16.89
CA GLU A 211 -26.72 -17.65 -17.63
C GLU A 211 -27.67 -18.85 -17.62
N GLU A 212 -27.14 -20.05 -17.39
CA GLU A 212 -27.96 -21.24 -17.37
C GLU A 212 -28.65 -21.50 -16.04
N SER A 213 -28.43 -20.60 -15.09
CA SER A 213 -29.05 -20.73 -13.77
C SER A 213 -30.55 -20.68 -13.98
N GLU A 214 -31.30 -21.36 -13.11
CA GLU A 214 -32.76 -21.40 -13.24
C GLU A 214 -33.50 -21.64 -11.93
N LEU A 215 -34.83 -21.45 -11.99
CA LEU A 215 -35.70 -21.66 -10.84
C LEU A 215 -36.49 -22.95 -11.04
N VAL A 216 -36.36 -23.88 -10.10
CA VAL A 216 -37.08 -25.15 -10.20
C VAL A 216 -38.27 -25.14 -9.26
N ARG A 217 -39.48 -25.12 -9.82
CA ARG A 217 -40.68 -25.12 -8.99
C ARG A 217 -40.82 -26.53 -8.41
N GLY A 218 -39.86 -26.87 -7.57
CA GLY A 218 -39.80 -28.16 -6.93
C GLY A 218 -38.49 -28.23 -6.15
N VAL A 219 -37.88 -29.41 -6.10
CA VAL A 219 -36.63 -29.57 -5.38
C VAL A 219 -35.58 -30.28 -6.21
N VAL A 220 -34.33 -29.88 -6.02
CA VAL A 220 -33.18 -30.50 -6.70
C VAL A 220 -32.39 -31.12 -5.57
N ILE A 221 -32.05 -32.39 -5.69
CA ILE A 221 -31.31 -33.04 -4.63
C ILE A 221 -30.04 -33.69 -5.15
N ASP A 222 -28.96 -33.50 -4.40
CA ASP A 222 -27.66 -34.05 -4.75
C ASP A 222 -27.61 -35.51 -4.25
N LYS A 223 -28.37 -36.36 -4.92
CA LYS A 223 -28.46 -37.79 -4.60
C LYS A 223 -28.71 -38.55 -5.89
N GLU A 224 -28.73 -39.88 -5.81
CA GLU A 224 -28.98 -40.75 -6.97
C GLU A 224 -30.12 -41.70 -6.69
N VAL A 225 -30.64 -42.32 -7.76
CA VAL A 225 -31.69 -43.32 -7.61
C VAL A 225 -30.92 -44.53 -7.08
N VAL A 226 -31.32 -45.00 -5.90
CA VAL A 226 -30.65 -46.10 -5.22
C VAL A 226 -30.36 -47.40 -5.98
N HIS A 227 -31.31 -47.87 -6.78
CA HIS A 227 -31.12 -49.13 -7.50
C HIS A 227 -31.05 -48.95 -9.04
N PRO A 228 -30.19 -49.74 -9.71
CA PRO A 228 -30.02 -49.67 -11.17
C PRO A 228 -31.28 -49.97 -12.00
N ARG A 229 -32.02 -51.01 -11.62
CA ARG A 229 -33.22 -51.38 -12.38
C ARG A 229 -34.42 -50.47 -12.07
N MET A 230 -34.18 -49.39 -11.33
CA MET A 230 -35.26 -48.46 -10.99
C MET A 230 -35.37 -47.39 -12.06
N PRO A 231 -36.58 -46.85 -12.25
CA PRO A 231 -36.83 -45.81 -13.25
C PRO A 231 -35.96 -44.58 -13.01
N LYS A 232 -35.42 -44.00 -14.08
CA LYS A 232 -34.59 -42.83 -13.93
C LYS A 232 -35.44 -41.57 -14.13
N ARG A 233 -36.65 -41.77 -14.60
CA ARG A 233 -37.58 -40.67 -14.86
C ARG A 233 -39.00 -41.16 -14.66
N VAL A 234 -39.79 -40.39 -13.91
CA VAL A 234 -41.17 -40.75 -13.65
C VAL A 234 -42.03 -39.54 -14.00
N GLU A 235 -42.98 -39.73 -14.91
CA GLU A 235 -43.85 -38.64 -15.35
C GLU A 235 -44.70 -37.99 -14.28
N ASN A 236 -45.94 -38.43 -14.09
CA ASN A 236 -46.77 -37.77 -13.08
C ASN A 236 -46.63 -38.43 -11.72
N ALA A 237 -45.40 -38.36 -11.23
CA ALA A 237 -45.00 -38.94 -9.97
C ALA A 237 -45.89 -38.72 -8.76
N LYS A 238 -46.10 -39.82 -8.04
CA LYS A 238 -46.88 -39.83 -6.82
C LYS A 238 -45.78 -40.08 -5.79
N ILE A 239 -45.33 -38.98 -5.17
CA ILE A 239 -44.24 -39.01 -4.21
C ILE A 239 -44.61 -39.47 -2.80
N ALA A 240 -43.77 -40.34 -2.25
CA ALA A 240 -43.96 -40.84 -0.89
C ALA A 240 -42.76 -40.38 -0.06
N LEU A 241 -43.03 -39.81 1.12
CA LEU A 241 -41.96 -39.34 2.00
C LEU A 241 -41.91 -40.14 3.31
N ILE A 242 -40.94 -41.05 3.40
CA ILE A 242 -40.78 -41.89 4.59
C ILE A 242 -39.59 -41.46 5.41
N ASN A 243 -39.74 -41.52 6.72
CA ASN A 243 -38.66 -41.14 7.62
C ASN A 243 -37.85 -42.33 8.11
N GLU A 244 -38.52 -43.36 8.61
CA GLU A 244 -37.84 -44.55 9.10
C GLU A 244 -37.13 -45.30 7.98
N ALA A 245 -36.05 -45.99 8.32
CA ALA A 245 -35.30 -46.74 7.32
C ALA A 245 -36.07 -47.99 6.93
N LEU A 246 -35.93 -48.41 5.69
CA LEU A 246 -36.59 -49.62 5.21
C LEU A 246 -35.65 -50.78 5.48
N GLU A 247 -35.62 -51.20 6.74
CA GLU A 247 -34.75 -52.29 7.18
C GLU A 247 -35.46 -53.11 8.23
N VAL A 248 -34.90 -54.26 8.59
CA VAL A 248 -35.49 -55.10 9.62
C VAL A 248 -35.44 -54.28 10.91
N LYS A 249 -36.61 -53.94 11.44
CA LYS A 249 -36.70 -53.15 12.67
C LYS A 249 -36.29 -53.95 13.90
N LYS A 250 -36.05 -53.25 14.99
CA LYS A 250 -35.65 -53.88 16.25
C LYS A 250 -36.32 -53.12 17.37
N THR A 251 -36.59 -53.78 18.48
CA THR A 251 -37.24 -53.09 19.58
C THR A 251 -36.27 -52.22 20.34
N GLU A 252 -36.81 -51.20 21.02
CA GLU A 252 -35.99 -50.30 21.80
C GLU A 252 -35.45 -51.07 23.00
N THR A 253 -36.28 -51.96 23.53
CA THR A 253 -35.91 -52.81 24.67
C THR A 253 -34.96 -53.88 24.17
N ASP A 254 -33.86 -54.10 24.86
CA ASP A 254 -32.91 -55.13 24.41
C ASP A 254 -33.63 -56.47 24.21
N ALA A 255 -33.27 -57.17 23.14
CA ALA A 255 -33.89 -58.47 22.84
C ALA A 255 -32.93 -59.36 22.07
N LYS A 256 -33.08 -60.68 22.25
CA LYS A 256 -32.23 -61.64 21.55
C LYS A 256 -33.02 -62.91 21.24
N ILE A 257 -32.74 -63.51 20.08
CA ILE A 257 -33.43 -64.73 19.71
C ILE A 257 -32.72 -65.93 20.30
N ASN A 258 -33.45 -66.74 21.06
CA ASN A 258 -32.89 -67.95 21.68
C ASN A 258 -33.32 -69.16 20.86
N ILE A 259 -32.44 -69.62 19.98
CA ILE A 259 -32.73 -70.76 19.11
C ILE A 259 -32.56 -72.09 19.80
N THR A 260 -33.50 -73.00 19.51
CA THR A 260 -33.52 -74.32 20.12
C THR A 260 -33.71 -75.47 19.13
N SER A 261 -34.04 -75.15 17.88
CA SER A 261 -34.21 -76.17 16.85
C SER A 261 -33.75 -75.62 15.50
N PRO A 262 -33.19 -76.49 14.64
CA PRO A 262 -32.70 -76.08 13.32
C PRO A 262 -33.75 -75.37 12.47
N ASP A 263 -34.99 -75.80 12.59
CA ASP A 263 -36.08 -75.21 11.84
C ASP A 263 -36.23 -73.70 12.06
N GLN A 264 -35.68 -73.20 13.16
CA GLN A 264 -35.78 -71.78 13.49
C GLN A 264 -34.76 -70.92 12.77
N LEU A 265 -33.58 -71.47 12.51
CA LEU A 265 -32.56 -70.71 11.82
C LEU A 265 -33.14 -70.14 10.52
N MET A 266 -34.09 -70.88 9.95
CA MET A 266 -34.72 -70.46 8.70
C MET A 266 -36.01 -69.67 8.88
N SER A 267 -36.84 -70.07 9.84
CA SER A 267 -38.09 -69.37 10.06
C SER A 267 -37.85 -67.91 10.47
N PHE A 268 -36.84 -67.66 11.30
CA PHE A 268 -36.55 -66.30 11.73
C PHE A 268 -35.91 -65.51 10.62
N LEU A 269 -35.30 -66.21 9.67
CA LEU A 269 -34.65 -65.56 8.55
C LEU A 269 -35.76 -65.13 7.59
N GLU A 270 -36.68 -66.04 7.33
CA GLU A 270 -37.80 -65.79 6.43
C GLU A 270 -38.76 -64.75 7.01
N GLN A 271 -38.77 -64.62 8.33
CA GLN A 271 -39.65 -63.66 8.99
C GLN A 271 -39.11 -62.25 8.77
N GLU A 272 -37.79 -62.10 8.81
CA GLU A 272 -37.21 -60.79 8.59
C GLU A 272 -37.38 -60.41 7.12
N GLU A 273 -37.39 -61.41 6.25
CA GLU A 273 -37.59 -61.13 4.83
C GLU A 273 -39.01 -60.60 4.68
N LYS A 274 -39.96 -61.35 5.21
CA LYS A 274 -41.37 -60.98 5.12
C LYS A 274 -41.60 -59.57 5.62
N MET A 275 -40.92 -59.20 6.70
CA MET A 275 -41.07 -57.86 7.26
C MET A 275 -40.65 -56.78 6.28
N LEU A 276 -39.57 -57.04 5.55
CA LEU A 276 -39.07 -56.11 4.54
C LEU A 276 -40.05 -56.08 3.37
N LYS A 277 -40.47 -57.25 2.92
CA LYS A 277 -41.40 -57.33 1.81
C LYS A 277 -42.69 -56.56 2.12
N ASP A 278 -43.25 -56.77 3.30
CA ASP A 278 -44.49 -56.08 3.68
C ASP A 278 -44.36 -54.57 3.60
N MET A 279 -43.24 -54.04 4.10
CA MET A 279 -43.03 -52.60 4.07
C MET A 279 -43.17 -52.14 2.63
N VAL A 280 -42.28 -52.64 1.78
CA VAL A 280 -42.28 -52.27 0.37
C VAL A 280 -43.65 -52.52 -0.24
N ASP A 281 -44.20 -53.70 -0.01
CA ASP A 281 -45.52 -54.06 -0.52
C ASP A 281 -46.52 -52.96 -0.13
N HIS A 282 -46.52 -52.58 1.13
CA HIS A 282 -47.42 -51.55 1.62
C HIS A 282 -47.28 -50.26 0.83
N ILE A 283 -46.05 -49.76 0.71
CA ILE A 283 -45.79 -48.52 -0.02
C ILE A 283 -46.42 -48.66 -1.40
N ALA A 284 -46.04 -49.73 -2.09
CA ALA A 284 -46.54 -50.01 -3.43
C ALA A 284 -48.05 -49.87 -3.49
N GLN A 285 -48.73 -50.40 -2.46
CA GLN A 285 -50.19 -50.36 -2.40
C GLN A 285 -50.77 -48.94 -2.39
N THR A 286 -50.04 -47.97 -1.87
CA THR A 286 -50.56 -46.60 -1.85
C THR A 286 -50.65 -46.03 -3.26
N GLY A 287 -49.83 -46.56 -4.15
CA GLY A 287 -49.83 -46.09 -5.53
C GLY A 287 -48.61 -45.22 -5.78
N ALA A 288 -47.81 -45.01 -4.74
CA ALA A 288 -46.61 -44.22 -4.85
C ALA A 288 -45.64 -44.85 -5.86
N ASN A 289 -45.01 -44.03 -6.70
CA ASN A 289 -44.07 -44.53 -7.69
C ASN A 289 -42.69 -43.89 -7.54
N VAL A 290 -42.56 -43.07 -6.51
CA VAL A 290 -41.32 -42.40 -6.18
C VAL A 290 -41.30 -42.36 -4.67
N VAL A 291 -40.16 -42.66 -4.07
CA VAL A 291 -40.08 -42.67 -2.61
C VAL A 291 -38.76 -42.13 -2.08
N PHE A 292 -38.83 -41.07 -1.28
CA PHE A 292 -37.62 -40.52 -0.67
C PHE A 292 -37.58 -40.98 0.78
N VAL A 293 -36.55 -41.74 1.13
CA VAL A 293 -36.37 -42.23 2.48
C VAL A 293 -35.26 -41.46 3.18
N GLN A 294 -35.55 -40.93 4.35
CA GLN A 294 -34.55 -40.15 5.09
C GLN A 294 -33.42 -40.99 5.65
N LYS A 295 -33.73 -42.23 5.99
CA LYS A 295 -32.74 -43.13 6.53
C LYS A 295 -32.32 -44.11 5.45
N GLY A 296 -31.83 -45.29 5.85
CA GLY A 296 -31.37 -46.26 4.87
C GLY A 296 -32.43 -47.11 4.18
N ILE A 297 -31.99 -47.88 3.20
CA ILE A 297 -32.86 -48.79 2.47
C ILE A 297 -32.11 -50.09 2.22
N ASP A 298 -32.55 -51.15 2.88
CA ASP A 298 -31.96 -52.48 2.81
C ASP A 298 -31.91 -52.95 1.35
N ASP A 299 -30.87 -53.70 0.99
CA ASP A 299 -30.74 -54.20 -0.37
C ASP A 299 -31.94 -55.02 -0.81
N LEU A 300 -32.51 -55.80 0.10
CA LEU A 300 -33.67 -56.61 -0.28
C LEU A 300 -34.87 -55.72 -0.60
N ALA A 301 -35.04 -54.67 0.20
CA ALA A 301 -36.13 -53.72 0.01
C ALA A 301 -35.97 -53.02 -1.34
N GLN A 302 -34.74 -52.63 -1.65
CA GLN A 302 -34.44 -51.96 -2.92
C GLN A 302 -34.89 -52.85 -4.06
N HIS A 303 -34.53 -54.13 -3.97
CA HIS A 303 -34.89 -55.13 -4.96
C HIS A 303 -36.40 -55.16 -5.20
N TYR A 304 -37.17 -55.08 -4.12
CA TYR A 304 -38.61 -55.10 -4.26
C TYR A 304 -39.14 -53.80 -4.86
N LEU A 305 -38.66 -52.65 -4.38
CA LEU A 305 -39.08 -51.37 -4.96
C LEU A 305 -38.85 -51.45 -6.47
N ALA A 306 -37.68 -51.97 -6.85
CA ALA A 306 -37.33 -52.10 -8.25
C ALA A 306 -38.36 -52.95 -8.98
N LYS A 307 -38.62 -54.15 -8.48
CA LYS A 307 -39.60 -55.03 -9.11
C LYS A 307 -40.91 -54.28 -9.33
N TYR A 308 -41.37 -53.59 -8.29
CA TYR A 308 -42.62 -52.82 -8.38
C TYR A 308 -42.46 -51.62 -9.31
N GLY A 309 -41.25 -51.39 -9.82
CA GLY A 309 -41.02 -50.27 -10.71
C GLY A 309 -41.08 -48.93 -9.99
N ILE A 310 -40.83 -48.93 -8.68
CA ILE A 310 -40.85 -47.71 -7.91
C ILE A 310 -39.46 -47.08 -7.80
N MET A 311 -39.34 -45.80 -8.11
CA MET A 311 -38.06 -45.11 -8.01
C MET A 311 -37.85 -44.64 -6.58
N ALA A 312 -36.74 -45.05 -5.96
CA ALA A 312 -36.46 -44.67 -4.56
C ALA A 312 -35.09 -44.08 -4.30
N VAL A 313 -35.02 -43.19 -3.31
CA VAL A 313 -33.78 -42.56 -2.92
C VAL A 313 -33.60 -42.74 -1.40
N ARG A 314 -32.39 -43.13 -0.98
CA ARG A 314 -32.14 -43.32 0.45
C ARG A 314 -31.19 -42.30 1.05
N ARG A 315 -31.18 -42.24 2.38
CA ARG A 315 -30.32 -41.33 3.09
C ARG A 315 -30.56 -39.87 2.69
N VAL A 316 -31.81 -39.50 2.41
CA VAL A 316 -32.10 -38.13 2.03
C VAL A 316 -32.00 -37.23 3.26
N LYS A 317 -31.33 -36.09 3.07
CA LYS A 317 -31.10 -35.11 4.12
C LYS A 317 -32.40 -34.55 4.69
N LYS A 318 -32.48 -34.48 6.01
CA LYS A 318 -33.66 -34.00 6.69
C LYS A 318 -34.27 -32.73 6.11
N SER A 319 -33.48 -31.69 5.96
CA SER A 319 -33.98 -30.44 5.41
C SER A 319 -34.55 -30.61 4.01
N ASP A 320 -34.06 -31.61 3.28
CA ASP A 320 -34.55 -31.85 1.93
C ASP A 320 -35.92 -32.55 1.98
N MET A 321 -36.11 -33.39 3.00
CA MET A 321 -37.38 -34.08 3.18
C MET A 321 -38.47 -33.04 3.36
N GLU A 322 -38.16 -32.01 4.14
CA GLU A 322 -39.12 -30.94 4.42
C GLU A 322 -39.41 -30.10 3.17
N LYS A 323 -38.38 -29.85 2.37
CA LYS A 323 -38.56 -29.10 1.14
C LYS A 323 -39.42 -29.92 0.18
N LEU A 324 -39.16 -31.22 0.15
CA LEU A 324 -39.91 -32.12 -0.71
C LEU A 324 -41.38 -32.10 -0.33
N ALA A 325 -41.66 -32.08 0.97
CA ALA A 325 -43.03 -32.05 1.45
C ALA A 325 -43.65 -30.74 1.05
N LYS A 326 -43.04 -29.65 1.45
CA LYS A 326 -43.54 -28.33 1.15
C LYS A 326 -43.78 -28.13 -0.36
N ALA A 327 -42.90 -28.68 -1.18
CA ALA A 327 -43.04 -28.53 -2.63
C ALA A 327 -44.12 -29.42 -3.24
N THR A 328 -43.94 -30.73 -3.06
CA THR A 328 -44.84 -31.74 -3.62
C THR A 328 -46.22 -31.88 -3.00
N GLY A 329 -46.37 -31.44 -1.75
CA GLY A 329 -47.66 -31.56 -1.10
C GLY A 329 -47.73 -32.84 -0.30
N ALA A 330 -46.74 -33.70 -0.48
CA ALA A 330 -46.69 -34.96 0.25
C ALA A 330 -46.56 -34.71 1.73
N LYS A 331 -47.14 -35.60 2.51
CA LYS A 331 -47.09 -35.54 3.96
C LYS A 331 -45.99 -36.51 4.39
N ILE A 332 -45.03 -36.04 5.19
CA ILE A 332 -43.93 -36.89 5.68
C ILE A 332 -44.43 -37.82 6.77
N VAL A 333 -44.27 -39.12 6.55
CA VAL A 333 -44.69 -40.13 7.50
C VAL A 333 -43.48 -40.75 8.19
N THR A 334 -43.63 -41.11 9.45
CA THR A 334 -42.55 -41.74 10.22
C THR A 334 -42.42 -43.24 9.94
N ASN A 335 -43.52 -43.98 9.99
CA ASN A 335 -43.47 -45.43 9.70
C ASN A 335 -44.21 -45.80 8.43
N VAL A 336 -43.57 -46.61 7.60
CA VAL A 336 -44.18 -47.06 6.34
C VAL A 336 -45.63 -47.46 6.56
N LYS A 337 -45.88 -48.13 7.68
CA LYS A 337 -47.21 -48.61 8.07
C LYS A 337 -48.31 -47.53 8.00
N ASP A 338 -47.97 -46.32 8.43
CA ASP A 338 -48.92 -45.21 8.45
C ASP A 338 -49.00 -44.43 7.14
N LEU A 339 -48.27 -44.86 6.12
CA LEU A 339 -48.32 -44.16 4.84
C LEU A 339 -49.59 -44.54 4.12
N THR A 340 -50.30 -43.53 3.64
CA THR A 340 -51.54 -43.75 2.91
C THR A 340 -51.54 -42.86 1.67
N PRO A 341 -52.54 -43.04 0.78
CA PRO A 341 -52.60 -42.23 -0.43
C PRO A 341 -52.67 -40.74 -0.14
N GLU A 342 -53.52 -40.36 0.82
CA GLU A 342 -53.67 -38.96 1.18
C GLU A 342 -52.32 -38.35 1.57
N ASP A 343 -51.33 -39.20 1.80
CA ASP A 343 -50.00 -38.74 2.19
C ASP A 343 -49.10 -38.46 1.02
N LEU A 344 -49.38 -39.07 -0.12
CA LEU A 344 -48.54 -38.88 -1.30
C LEU A 344 -48.55 -37.44 -1.82
N GLY A 345 -47.43 -37.03 -2.39
CA GLY A 345 -47.32 -35.69 -2.92
C GLY A 345 -47.28 -35.82 -4.42
N TYR A 346 -47.25 -34.69 -5.13
CA TYR A 346 -47.22 -34.70 -6.59
C TYR A 346 -46.16 -33.80 -7.21
N ALA A 347 -45.55 -34.29 -8.28
CA ALA A 347 -44.55 -33.55 -9.03
C ALA A 347 -44.79 -33.93 -10.47
N GLU A 348 -44.78 -32.95 -11.36
CA GLU A 348 -45.01 -33.22 -12.76
C GLU A 348 -43.93 -34.06 -13.42
N VAL A 349 -42.73 -34.08 -12.84
CA VAL A 349 -41.60 -34.86 -13.35
C VAL A 349 -40.51 -35.02 -12.28
N VAL A 350 -40.17 -36.25 -11.98
CA VAL A 350 -39.11 -36.56 -11.02
C VAL A 350 -38.11 -37.33 -11.87
N GLU A 351 -36.91 -36.78 -11.99
CA GLU A 351 -35.91 -37.42 -12.83
C GLU A 351 -34.48 -37.27 -12.36
N GLU A 352 -33.66 -38.24 -12.76
CA GLU A 352 -32.25 -38.24 -12.42
C GLU A 352 -31.50 -37.65 -13.63
N ARG A 353 -30.55 -36.77 -13.35
CA ARG A 353 -29.77 -36.15 -14.41
C ARG A 353 -28.36 -35.94 -13.93
N LYS A 354 -27.44 -35.78 -14.88
CA LYS A 354 -26.05 -35.54 -14.55
C LYS A 354 -25.75 -34.07 -14.74
N LEU A 355 -25.03 -33.49 -13.79
CA LEU A 355 -24.66 -32.10 -13.88
C LEU A 355 -23.19 -32.10 -13.54
N ALA A 356 -22.37 -31.63 -14.47
CA ALA A 356 -20.94 -31.60 -14.22
C ALA A 356 -20.50 -33.04 -13.92
N GLY A 357 -21.11 -34.00 -14.62
CA GLY A 357 -20.78 -35.39 -14.42
C GLY A 357 -21.40 -36.06 -13.21
N GLU A 358 -21.95 -35.28 -12.26
CA GLU A 358 -22.58 -35.87 -11.07
C GLU A 358 -24.10 -36.05 -11.18
N ASN A 359 -24.61 -37.15 -10.63
CA ASN A 359 -26.04 -37.43 -10.67
C ASN A 359 -26.81 -36.67 -9.60
N MET A 360 -27.98 -36.17 -9.98
CA MET A 360 -28.82 -35.43 -9.07
C MET A 360 -30.27 -35.73 -9.40
N ILE A 361 -31.14 -35.57 -8.42
CA ILE A 361 -32.56 -35.83 -8.62
C ILE A 361 -33.30 -34.51 -8.77
N PHE A 362 -34.13 -34.42 -9.80
CA PHE A 362 -34.93 -33.23 -10.02
C PHE A 362 -36.38 -33.55 -9.78
N VAL A 363 -37.02 -32.77 -8.92
CA VAL A 363 -38.44 -32.93 -8.64
C VAL A 363 -39.03 -31.60 -9.09
N GLU A 364 -39.58 -31.58 -10.28
CA GLU A 364 -40.12 -30.33 -10.80
C GLU A 364 -41.50 -30.44 -11.41
N GLY A 365 -42.15 -29.30 -11.57
CA GLY A 365 -43.48 -29.27 -12.13
C GLY A 365 -44.53 -29.42 -11.05
N CYS A 366 -44.13 -29.14 -9.82
CA CYS A 366 -45.05 -29.26 -8.70
C CYS A 366 -46.20 -28.28 -8.86
N LYS A 367 -47.36 -28.65 -8.32
CA LYS A 367 -48.55 -27.84 -8.38
C LYS A 367 -48.30 -26.42 -7.88
N ASN A 368 -48.44 -26.22 -6.58
CA ASN A 368 -48.25 -24.90 -5.99
C ASN A 368 -47.15 -25.01 -4.96
N PRO A 369 -45.91 -25.26 -5.41
CA PRO A 369 -44.76 -25.41 -4.52
C PRO A 369 -44.62 -24.34 -3.45
N LYS A 370 -44.44 -24.77 -2.20
CA LYS A 370 -44.28 -23.85 -1.08
C LYS A 370 -42.82 -23.81 -0.68
N ALA A 371 -42.04 -24.65 -1.35
CA ALA A 371 -40.60 -24.75 -1.18
C ALA A 371 -40.12 -24.76 -2.62
N VAL A 372 -39.08 -23.98 -2.90
CA VAL A 372 -38.58 -23.85 -4.26
C VAL A 372 -37.05 -23.89 -4.30
N THR A 373 -36.48 -24.22 -5.46
CA THR A 373 -35.03 -24.31 -5.61
C THR A 373 -34.45 -23.47 -6.76
N ILE A 374 -33.41 -22.71 -6.47
CA ILE A 374 -32.73 -21.93 -7.51
C ILE A 374 -31.45 -22.71 -7.84
N LEU A 375 -31.36 -23.23 -9.05
CA LEU A 375 -30.20 -24.00 -9.47
C LEU A 375 -29.18 -23.02 -10.03
N ILE A 376 -28.00 -22.98 -9.43
CA ILE A 376 -26.98 -22.07 -9.90
C ILE A 376 -25.91 -22.74 -10.72
N ARG A 377 -25.74 -22.25 -11.94
CA ARG A 377 -24.70 -22.80 -12.80
C ARG A 377 -23.66 -21.69 -12.93
N GLY A 378 -22.43 -22.05 -13.29
CA GLY A 378 -21.38 -21.05 -13.42
C GLY A 378 -20.10 -21.56 -14.06
N GLY A 379 -19.16 -20.66 -14.30
CA GLY A 379 -17.91 -21.06 -14.93
C GLY A 379 -16.93 -21.80 -14.04
N THR A 380 -16.84 -21.41 -12.77
CA THR A 380 -15.93 -22.04 -11.82
C THR A 380 -16.64 -22.11 -10.48
N GLU A 381 -16.05 -22.80 -9.52
CA GLU A 381 -16.65 -22.93 -8.21
C GLU A 381 -16.73 -21.56 -7.54
N HIS A 382 -15.65 -20.79 -7.64
CA HIS A 382 -15.65 -19.47 -7.03
C HIS A 382 -16.69 -18.55 -7.62
N VAL A 383 -16.90 -18.64 -8.92
CA VAL A 383 -17.88 -17.80 -9.58
C VAL A 383 -19.26 -18.17 -9.06
N ILE A 384 -19.46 -19.47 -8.89
CA ILE A 384 -20.72 -19.98 -8.43
C ILE A 384 -20.98 -19.61 -6.98
N ASP A 385 -19.94 -19.61 -6.15
CA ASP A 385 -20.09 -19.27 -4.74
C ASP A 385 -20.49 -17.80 -4.57
N GLU A 386 -19.93 -16.95 -5.40
CA GLU A 386 -20.20 -15.52 -5.32
C GLU A 386 -21.58 -15.18 -5.87
N VAL A 387 -22.06 -15.97 -6.82
CA VAL A 387 -23.39 -15.71 -7.36
C VAL A 387 -24.39 -16.16 -6.30
N GLU A 388 -24.07 -17.24 -5.61
CA GLU A 388 -24.94 -17.74 -4.55
C GLU A 388 -25.07 -16.67 -3.47
N ARG A 389 -23.99 -15.99 -3.13
CA ARG A 389 -24.07 -14.95 -2.12
C ARG A 389 -24.87 -13.78 -2.69
N ALA A 390 -24.61 -13.44 -3.94
CA ALA A 390 -25.31 -12.34 -4.58
C ALA A 390 -26.80 -12.62 -4.53
N LEU A 391 -27.17 -13.88 -4.71
CA LEU A 391 -28.58 -14.26 -4.67
C LEU A 391 -29.14 -14.28 -3.26
N GLU A 392 -28.35 -14.75 -2.29
CA GLU A 392 -28.83 -14.76 -0.92
C GLU A 392 -29.30 -13.36 -0.54
N ASP A 393 -28.63 -12.34 -1.05
CA ASP A 393 -29.00 -10.96 -0.76
C ASP A 393 -30.27 -10.56 -1.50
N ALA A 394 -30.29 -10.77 -2.81
CA ALA A 394 -31.45 -10.43 -3.63
C ALA A 394 -32.69 -11.03 -2.98
N VAL A 395 -32.58 -12.29 -2.60
CA VAL A 395 -33.68 -12.97 -1.97
C VAL A 395 -34.13 -12.27 -0.69
N LYS A 396 -33.18 -11.84 0.12
CA LYS A 396 -33.49 -11.18 1.39
C LYS A 396 -34.04 -9.76 1.25
N VAL A 397 -33.53 -8.96 0.30
CA VAL A 397 -34.06 -7.59 0.13
C VAL A 397 -35.48 -7.66 -0.41
N VAL A 398 -35.73 -8.63 -1.29
CA VAL A 398 -37.07 -8.80 -1.84
C VAL A 398 -37.98 -9.16 -0.68
N LYS A 399 -37.51 -10.06 0.17
CA LYS A 399 -38.24 -10.48 1.35
C LYS A 399 -38.57 -9.25 2.20
N ASP A 400 -37.60 -8.36 2.38
CA ASP A 400 -37.83 -7.17 3.18
C ASP A 400 -39.06 -6.38 2.70
N VAL A 401 -39.13 -6.15 1.38
CA VAL A 401 -40.22 -5.39 0.80
C VAL A 401 -41.59 -6.09 0.80
N MET A 402 -41.61 -7.42 0.90
CA MET A 402 -42.88 -8.10 0.93
C MET A 402 -43.46 -8.09 2.34
N GLU A 403 -42.59 -7.87 3.31
CA GLU A 403 -43.03 -7.82 4.70
C GLU A 403 -43.16 -6.37 5.17
N ASP A 404 -42.57 -5.47 4.41
CA ASP A 404 -42.61 -4.04 4.71
C ASP A 404 -43.02 -3.40 3.39
N GLY A 405 -44.13 -2.69 3.35
CA GLY A 405 -44.48 -2.09 2.07
C GLY A 405 -43.58 -0.90 1.76
N ALA A 406 -42.56 -0.71 2.59
CA ALA A 406 -41.65 0.42 2.45
C ALA A 406 -40.43 0.19 1.57
N VAL A 407 -40.06 1.23 0.84
CA VAL A 407 -38.94 1.20 -0.07
C VAL A 407 -38.34 2.62 -0.10
N LEU A 408 -37.09 2.75 -0.51
CA LEU A 408 -36.42 4.06 -0.57
C LEU A 408 -35.50 4.16 -1.76
N PRO A 409 -35.14 5.38 -2.16
CA PRO A 409 -34.23 5.46 -3.30
C PRO A 409 -32.84 5.16 -2.76
N ALA A 410 -31.90 4.86 -3.65
CA ALA A 410 -30.53 4.57 -3.22
C ALA A 410 -29.61 5.69 -3.72
N GLY A 411 -28.45 5.34 -4.25
CA GLY A 411 -27.52 6.35 -4.74
C GLY A 411 -27.19 7.41 -3.70
N GLY A 412 -27.37 7.07 -2.43
CA GLY A 412 -27.07 7.99 -1.36
C GLY A 412 -28.17 9.01 -1.14
N ALA A 413 -29.29 8.85 -1.83
CA ALA A 413 -30.40 9.79 -1.69
C ALA A 413 -30.92 9.84 -0.25
N PRO A 414 -31.07 8.69 0.41
CA PRO A 414 -31.56 8.74 1.80
C PRO A 414 -30.58 9.44 2.71
N GLU A 415 -29.33 8.99 2.69
CA GLU A 415 -28.34 9.62 3.56
C GLU A 415 -28.27 11.12 3.29
N ILE A 416 -28.44 11.52 2.02
CA ILE A 416 -28.42 12.94 1.69
C ILE A 416 -29.63 13.63 2.31
N GLU A 417 -30.80 13.00 2.21
CA GLU A 417 -32.00 13.56 2.80
C GLU A 417 -31.82 13.70 4.30
N LEU A 418 -31.24 12.68 4.92
CA LEU A 418 -31.02 12.69 6.36
C LEU A 418 -30.02 13.77 6.77
N ALA A 419 -28.95 13.95 6.01
CA ALA A 419 -27.94 14.95 6.31
C ALA A 419 -28.57 16.35 6.28
N ILE A 420 -29.44 16.59 5.30
CA ILE A 420 -30.10 17.87 5.19
C ILE A 420 -31.06 18.09 6.36
N ARG A 421 -31.96 17.13 6.59
CA ARG A 421 -32.92 17.25 7.68
C ARG A 421 -32.35 17.21 9.08
N LEU A 422 -31.39 16.33 9.33
CA LEU A 422 -30.81 16.23 10.67
C LEU A 422 -30.04 17.47 11.02
N ASP A 423 -29.55 18.16 10.00
CA ASP A 423 -28.80 19.39 10.23
C ASP A 423 -29.78 20.44 10.72
N GLU A 424 -30.97 20.45 10.14
CA GLU A 424 -32.00 21.38 10.53
C GLU A 424 -32.40 21.10 11.96
N TYR A 425 -32.61 19.81 12.23
CA TYR A 425 -32.99 19.34 13.55
C TYR A 425 -32.02 19.86 14.62
N ALA A 426 -30.73 19.88 14.29
CA ALA A 426 -29.72 20.34 15.22
C ALA A 426 -30.10 21.71 15.74
N LYS A 427 -30.39 22.62 14.82
CA LYS A 427 -30.76 23.99 15.16
C LYS A 427 -31.85 24.12 16.21
N GLN A 428 -32.84 23.23 16.16
CA GLN A 428 -33.94 23.31 17.13
C GLN A 428 -33.59 22.64 18.44
N VAL A 429 -32.39 22.08 18.53
CA VAL A 429 -31.97 21.44 19.77
C VAL A 429 -30.99 22.38 20.42
N GLY A 430 -30.07 22.90 19.63
CA GLY A 430 -29.09 23.84 20.12
C GLY A 430 -28.06 23.30 21.10
N GLY A 431 -27.18 24.19 21.55
CA GLY A 431 -26.17 23.79 22.51
C GLY A 431 -25.10 22.90 21.90
N LYS A 432 -24.47 22.10 22.75
CA LYS A 432 -23.41 21.21 22.31
C LYS A 432 -24.00 19.97 21.63
N GLU A 433 -25.23 19.62 21.98
CA GLU A 433 -25.89 18.47 21.35
C GLU A 433 -26.05 18.81 19.88
N ALA A 434 -26.29 20.10 19.60
CA ALA A 434 -26.45 20.55 18.24
C ALA A 434 -25.18 20.18 17.46
N LEU A 435 -24.01 20.38 18.06
CA LEU A 435 -22.76 20.04 17.40
C LEU A 435 -22.71 18.56 17.07
N ALA A 436 -23.06 17.75 18.06
CA ALA A 436 -23.04 16.31 17.89
C ALA A 436 -24.04 15.87 16.82
N ILE A 437 -25.23 16.47 16.82
CA ILE A 437 -26.25 16.14 15.85
C ILE A 437 -25.83 16.56 14.44
N GLU A 438 -25.02 17.61 14.37
CA GLU A 438 -24.55 18.08 13.08
C GLU A 438 -23.49 17.14 12.52
N ASN A 439 -22.64 16.62 13.41
CA ASN A 439 -21.58 15.71 13.02
C ASN A 439 -22.16 14.38 12.59
N PHE A 440 -23.25 13.97 13.24
CA PHE A 440 -23.93 12.73 12.91
C PHE A 440 -24.51 12.91 11.50
N ALA A 441 -25.03 14.10 11.22
CA ALA A 441 -25.60 14.40 9.92
C ALA A 441 -24.50 14.44 8.88
N ASP A 442 -23.38 15.07 9.21
CA ASP A 442 -22.25 15.18 8.29
C ASP A 442 -21.73 13.79 7.96
N ALA A 443 -21.46 13.00 9.01
CA ALA A 443 -20.94 11.65 8.86
C ALA A 443 -21.69 10.87 7.80
N LEU A 444 -23.01 10.99 7.79
CA LEU A 444 -23.84 10.26 6.84
C LEU A 444 -23.48 10.47 5.38
N LYS A 445 -22.65 11.45 5.09
CA LYS A 445 -22.31 11.67 3.71
C LYS A 445 -21.24 10.75 3.11
N ILE A 446 -20.52 9.96 3.93
CA ILE A 446 -19.51 9.10 3.33
C ILE A 446 -20.15 8.14 2.35
N ILE A 447 -21.44 7.87 2.51
CA ILE A 447 -22.12 6.98 1.59
C ILE A 447 -22.07 7.58 0.19
N PRO A 448 -22.67 8.76 -0.02
CA PRO A 448 -22.65 9.39 -1.34
C PRO A 448 -21.19 9.67 -1.72
N LYS A 449 -20.43 10.16 -0.75
CA LYS A 449 -19.03 10.48 -0.98
C LYS A 449 -18.27 9.27 -1.51
N THR A 450 -18.30 8.16 -0.79
CA THR A 450 -17.56 6.99 -1.25
C THR A 450 -18.20 6.31 -2.46
N LEU A 451 -19.47 6.59 -2.72
CA LEU A 451 -20.08 6.01 -3.91
C LEU A 451 -19.37 6.67 -5.08
N ALA A 452 -19.29 7.99 -5.05
CA ALA A 452 -18.63 8.72 -6.11
C ALA A 452 -17.16 8.35 -6.10
N GLU A 453 -16.58 8.32 -4.92
CA GLU A 453 -15.17 7.99 -4.79
C GLU A 453 -14.82 6.69 -5.54
N ASN A 454 -15.52 5.60 -5.25
CA ASN A 454 -15.22 4.34 -5.95
C ASN A 454 -15.42 4.44 -7.47
N ALA A 455 -16.29 5.35 -7.90
CA ALA A 455 -16.54 5.50 -9.33
C ALA A 455 -15.43 6.32 -9.97
N GLY A 456 -14.56 6.88 -9.14
CA GLY A 456 -13.45 7.69 -9.63
C GLY A 456 -13.83 9.15 -9.78
N LEU A 457 -15.09 9.48 -9.51
CA LEU A 457 -15.56 10.87 -9.61
C LEU A 457 -14.93 11.76 -8.56
N ASP A 458 -15.14 13.06 -8.68
CA ASP A 458 -14.60 14.00 -7.71
C ASP A 458 -15.57 14.13 -6.55
N THR A 459 -15.14 13.67 -5.38
CA THR A 459 -15.96 13.70 -4.18
C THR A 459 -16.50 15.07 -3.80
N VAL A 460 -15.63 16.06 -3.72
CA VAL A 460 -16.04 17.40 -3.34
C VAL A 460 -17.09 17.96 -4.28
N GLU A 461 -16.81 17.92 -5.58
CA GLU A 461 -17.72 18.43 -6.59
C GLU A 461 -19.05 17.68 -6.57
N MET A 462 -19.00 16.36 -6.60
CA MET A 462 -20.22 15.58 -6.57
C MET A 462 -21.10 16.00 -5.40
N LEU A 463 -20.56 15.90 -4.19
CA LEU A 463 -21.31 16.27 -3.00
C LEU A 463 -22.08 17.56 -3.14
N VAL A 464 -21.43 18.58 -3.70
CA VAL A 464 -22.09 19.87 -3.86
C VAL A 464 -23.25 19.82 -4.83
N LYS A 465 -23.06 19.17 -5.96
CA LYS A 465 -24.13 19.06 -6.95
C LYS A 465 -25.31 18.26 -6.40
N VAL A 466 -25.02 17.11 -5.81
CA VAL A 466 -26.07 16.24 -5.29
C VAL A 466 -26.95 16.95 -4.28
N ILE A 467 -26.33 17.52 -3.25
CA ILE A 467 -27.07 18.20 -2.21
C ILE A 467 -27.89 19.37 -2.76
N SER A 468 -27.25 20.14 -3.64
CA SER A 468 -27.88 21.29 -4.28
C SER A 468 -29.14 20.78 -5.01
N GLU A 469 -28.94 19.85 -5.92
CA GLU A 469 -30.04 19.25 -6.68
C GLU A 469 -31.10 18.62 -5.77
N HIS A 470 -30.64 17.80 -4.83
CA HIS A 470 -31.54 17.13 -3.93
C HIS A 470 -32.43 18.18 -3.27
N LYS A 471 -31.83 19.28 -2.86
CA LYS A 471 -32.57 20.37 -2.23
C LYS A 471 -33.58 20.95 -3.23
N ASN A 472 -33.23 20.96 -4.50
CA ASN A 472 -34.12 21.50 -5.52
C ASN A 472 -35.21 20.52 -5.93
N ARG A 473 -34.82 19.35 -6.42
CA ARG A 473 -35.78 18.36 -6.88
C ARG A 473 -36.44 17.43 -5.83
N GLY A 474 -35.78 17.18 -4.70
CA GLY A 474 -36.40 16.33 -3.69
C GLY A 474 -35.84 14.95 -3.38
N LEU A 475 -36.40 14.35 -2.34
CA LEU A 475 -36.03 13.01 -1.83
C LEU A 475 -35.34 12.03 -2.78
N GLY A 476 -35.80 11.95 -4.02
CA GLY A 476 -35.24 10.99 -4.96
C GLY A 476 -33.89 11.30 -5.56
N ILE A 477 -33.42 12.53 -5.41
CA ILE A 477 -32.15 12.90 -5.99
C ILE A 477 -30.98 12.22 -5.31
N GLY A 478 -30.17 11.53 -6.12
CA GLY A 478 -29.02 10.84 -5.59
C GLY A 478 -27.93 10.81 -6.63
N ILE A 479 -26.83 10.13 -6.33
CA ILE A 479 -25.71 10.04 -7.25
C ILE A 479 -25.86 8.88 -8.23
N ASP A 480 -25.65 9.17 -9.51
CA ASP A 480 -25.71 8.14 -10.54
C ASP A 480 -24.26 7.93 -10.97
N VAL A 481 -23.56 7.08 -10.22
CA VAL A 481 -22.14 6.81 -10.48
C VAL A 481 -21.83 6.35 -11.89
N PHE A 482 -22.75 5.63 -12.51
CA PHE A 482 -22.51 5.15 -13.86
C PHE A 482 -22.54 6.30 -14.85
N GLU A 483 -23.41 7.28 -14.61
CA GLU A 483 -23.50 8.42 -15.50
C GLU A 483 -22.69 9.60 -14.97
N GLY A 484 -22.11 9.43 -13.79
CA GLY A 484 -21.28 10.45 -13.17
C GLY A 484 -21.94 11.77 -12.83
N LYS A 485 -23.17 11.74 -12.32
CA LYS A 485 -23.87 12.97 -11.96
C LYS A 485 -25.14 12.71 -11.16
N PRO A 486 -25.70 13.77 -10.55
CA PRO A 486 -26.92 13.59 -9.76
C PRO A 486 -28.03 13.11 -10.68
N ALA A 487 -29.10 12.55 -10.12
CA ALA A 487 -30.20 12.06 -10.92
C ALA A 487 -31.34 11.62 -10.02
N ASP A 488 -32.48 11.34 -10.63
CA ASP A 488 -33.63 10.89 -9.86
C ASP A 488 -33.54 9.38 -9.79
N MET A 489 -33.31 8.87 -8.59
CA MET A 489 -33.17 7.45 -8.35
C MET A 489 -34.48 6.70 -8.51
N LEU A 490 -35.59 7.35 -8.19
CA LEU A 490 -36.89 6.69 -8.31
C LEU A 490 -37.21 6.42 -9.77
N GLU A 491 -36.95 7.40 -10.63
CA GLU A 491 -37.20 7.21 -12.05
C GLU A 491 -36.21 6.19 -12.59
N LYS A 492 -34.93 6.35 -12.27
CA LYS A 492 -33.90 5.43 -12.73
C LYS A 492 -34.16 4.02 -12.22
N GLY A 493 -35.07 3.88 -11.26
CA GLY A 493 -35.40 2.58 -10.72
C GLY A 493 -34.38 2.01 -9.74
N ILE A 494 -33.61 2.89 -9.11
CA ILE A 494 -32.60 2.50 -8.12
C ILE A 494 -33.19 2.67 -6.72
N ILE A 495 -33.79 1.60 -6.20
CA ILE A 495 -34.43 1.63 -4.90
C ILE A 495 -34.01 0.47 -4.02
N GLU A 496 -34.07 0.67 -2.70
CA GLU A 496 -33.71 -0.35 -1.72
C GLU A 496 -34.77 -0.40 -0.65
N PRO A 497 -34.81 -1.48 0.14
CA PRO A 497 -35.80 -1.61 1.21
C PRO A 497 -35.63 -0.55 2.27
N LEU A 498 -36.72 -0.23 2.98
CA LEU A 498 -36.64 0.77 4.03
C LEU A 498 -35.77 0.15 5.12
N ARG A 499 -35.95 -1.15 5.32
CA ARG A 499 -35.22 -1.88 6.35
C ARG A 499 -33.71 -1.74 6.25
N VAL A 500 -33.18 -1.86 5.04
CA VAL A 500 -31.74 -1.75 4.86
C VAL A 500 -31.16 -0.52 5.56
N LYS A 501 -31.81 0.63 5.38
CA LYS A 501 -31.34 1.87 5.98
C LYS A 501 -31.65 1.97 7.48
N LYS A 502 -32.86 1.59 7.88
CA LYS A 502 -33.25 1.65 9.28
C LYS A 502 -32.32 0.85 10.20
N GLN A 503 -32.06 -0.40 9.81
CA GLN A 503 -31.18 -1.25 10.62
C GLN A 503 -29.76 -0.70 10.62
N ALA A 504 -29.26 -0.39 9.43
CA ALA A 504 -27.92 0.17 9.27
C ALA A 504 -27.70 1.30 10.26
N ILE A 505 -28.57 2.30 10.24
CA ILE A 505 -28.42 3.44 11.14
C ILE A 505 -28.41 2.96 12.59
N LYS A 506 -29.36 2.12 12.98
CA LYS A 506 -29.38 1.64 14.36
C LYS A 506 -28.07 0.98 14.77
N SER A 507 -27.72 -0.11 14.08
CA SER A 507 -26.49 -0.82 14.39
C SER A 507 -25.29 0.10 14.43
N ALA A 508 -25.14 0.93 13.40
CA ALA A 508 -24.01 1.85 13.33
C ALA A 508 -24.01 2.80 14.51
N SER A 509 -25.18 3.38 14.75
CA SER A 509 -25.39 4.32 15.81
C SER A 509 -25.14 3.76 17.22
N GLU A 510 -25.73 2.62 17.53
CA GLU A 510 -25.56 2.03 18.85
C GLU A 510 -24.12 1.59 19.12
N ALA A 511 -23.43 1.19 18.07
CA ALA A 511 -22.04 0.76 18.19
C ALA A 511 -21.14 1.97 18.40
N ALA A 512 -21.40 3.05 17.66
CA ALA A 512 -20.60 4.25 17.80
C ALA A 512 -20.73 4.78 19.21
N ILE A 513 -21.96 4.89 19.69
CA ILE A 513 -22.18 5.39 21.04
C ILE A 513 -21.50 4.50 22.06
N MET A 514 -21.51 3.18 21.83
CA MET A 514 -20.86 2.28 22.76
C MET A 514 -19.34 2.52 22.82
N ILE A 515 -18.73 2.72 21.67
CA ILE A 515 -17.29 2.94 21.62
C ILE A 515 -16.89 4.29 22.18
N LEU A 516 -17.67 5.33 21.91
CA LEU A 516 -17.37 6.66 22.43
C LEU A 516 -17.41 6.67 23.97
N ARG A 517 -18.22 5.79 24.55
CA ARG A 517 -18.35 5.70 26.00
C ARG A 517 -17.17 5.04 26.70
N ILE A 518 -16.28 4.42 25.94
CA ILE A 518 -15.13 3.75 26.54
C ILE A 518 -13.98 4.73 26.82
N ASP A 519 -13.32 4.58 27.96
CA ASP A 519 -12.20 5.47 28.30
C ASP A 519 -11.13 4.71 29.07
N ASP A 520 -11.19 3.39 28.98
CA ASP A 520 -10.26 2.53 29.68
C ASP A 520 -10.31 1.18 29.00
N VAL A 521 -9.21 0.79 28.36
CA VAL A 521 -9.14 -0.50 27.71
C VAL A 521 -8.12 -1.33 28.48
N ILE A 522 -8.55 -2.49 28.95
CA ILE A 522 -7.66 -3.38 29.71
C ILE A 522 -7.66 -4.76 29.06
N ALA A 523 -6.57 -5.07 28.38
CA ALA A 523 -6.42 -6.35 27.67
C ALA A 523 -5.40 -7.28 28.31
N ALA A 524 -5.86 -8.49 28.62
CA ALA A 524 -4.98 -9.48 29.24
C ALA A 524 -4.01 -10.01 28.19
N LYS A 525 -2.84 -10.46 28.63
CA LYS A 525 -1.85 -11.00 27.71
C LYS A 525 -2.41 -12.31 27.18
N ALA A 526 -2.48 -12.43 25.86
CA ALA A 526 -3.01 -13.63 25.21
C ALA A 526 -2.05 -14.81 25.28
N VAL B 9 -2.58 1.35 14.20
CA VAL B 9 -2.85 0.35 15.28
C VAL B 9 -2.97 -1.08 14.72
N VAL B 10 -2.39 -2.05 15.42
CA VAL B 10 -2.38 -3.46 15.01
C VAL B 10 -3.77 -4.07 14.82
N ILE B 11 -4.22 -4.13 13.57
CA ILE B 11 -5.54 -4.69 13.23
C ILE B 11 -5.44 -6.15 12.77
N LEU B 12 -4.51 -6.41 11.88
CA LEU B 12 -4.30 -7.75 11.34
C LEU B 12 -3.17 -8.48 12.07
N PRO B 13 -3.30 -9.82 12.19
CA PRO B 13 -2.29 -10.64 12.86
C PRO B 13 -0.96 -10.52 12.14
N GLU B 14 0.13 -10.42 12.90
CA GLU B 14 1.44 -10.32 12.26
C GLU B 14 1.59 -11.57 11.42
N GLY B 15 2.15 -11.45 10.22
CA GLY B 15 2.30 -12.62 9.38
C GLY B 15 1.31 -12.60 8.24
N THR B 16 0.26 -11.78 8.36
CA THR B 16 -0.72 -11.67 7.29
C THR B 16 -0.09 -10.71 6.28
N GLN B 17 -0.36 -10.95 5.01
CA GLN B 17 0.16 -10.12 3.95
C GLN B 17 -1.00 -9.57 3.12
N ARG B 18 -0.85 -8.33 2.66
CA ARG B 18 -1.93 -7.69 1.91
C ARG B 18 -1.45 -6.79 0.77
N TYR B 19 -2.10 -6.90 -0.37
CA TYR B 19 -1.78 -6.10 -1.55
C TYR B 19 -3.08 -5.44 -1.89
N VAL B 20 -3.02 -4.22 -2.41
CA VAL B 20 -4.25 -3.51 -2.75
C VAL B 20 -4.08 -2.73 -4.04
N GLY B 21 -5.18 -2.25 -4.58
CA GLY B 21 -5.14 -1.46 -5.80
C GLY B 21 -4.44 -2.17 -6.94
N ARG B 22 -3.61 -1.43 -7.66
CA ARG B 22 -2.91 -1.99 -8.81
C ARG B 22 -1.93 -3.08 -8.42
N ASP B 23 -1.47 -3.08 -7.18
CA ASP B 23 -0.55 -4.13 -6.75
C ASP B 23 -1.26 -5.46 -6.64
N ALA B 24 -2.48 -5.44 -6.11
CA ALA B 24 -3.25 -6.66 -5.98
C ALA B 24 -3.50 -7.19 -7.39
N GLN B 25 -3.80 -6.26 -8.30
CA GLN B 25 -4.07 -6.60 -9.69
C GLN B 25 -2.85 -7.18 -10.41
N ARG B 26 -1.73 -6.47 -10.32
CA ARG B 26 -0.49 -6.90 -10.96
C ARG B 26 -0.09 -8.32 -10.57
N LEU B 27 -0.15 -8.59 -9.26
CA LEU B 27 0.20 -9.91 -8.76
C LEU B 27 -0.77 -10.97 -9.26
N ASN B 28 -2.07 -10.73 -9.11
CA ASN B 28 -3.08 -11.68 -9.54
C ASN B 28 -2.99 -12.00 -11.03
N ILE B 29 -2.84 -10.96 -11.85
CA ILE B 29 -2.74 -11.15 -13.30
C ILE B 29 -1.49 -11.94 -13.64
N LEU B 30 -0.36 -11.55 -13.06
CA LEU B 30 0.88 -12.23 -13.35
C LEU B 30 0.78 -13.70 -13.01
N ALA B 31 0.32 -14.00 -11.80
CA ALA B 31 0.20 -15.39 -11.38
C ALA B 31 -0.60 -16.16 -12.42
N ALA B 32 -1.80 -15.67 -12.72
CA ALA B 32 -2.68 -16.29 -13.69
C ALA B 32 -1.99 -16.45 -15.05
N ARG B 33 -1.33 -15.39 -15.50
CA ARG B 33 -0.64 -15.44 -16.78
C ARG B 33 0.41 -16.53 -16.82
N ILE B 34 1.26 -16.57 -15.83
CA ILE B 34 2.31 -17.58 -15.77
C ILE B 34 1.72 -19.00 -15.79
N ILE B 35 0.62 -19.21 -15.07
CA ILE B 35 -0.01 -20.52 -15.09
C ILE B 35 -0.44 -20.83 -16.52
N ALA B 36 -0.96 -19.82 -17.22
CA ALA B 36 -1.39 -20.00 -18.59
C ALA B 36 -0.20 -20.24 -19.52
N GLU B 37 0.89 -19.51 -19.31
CA GLU B 37 2.07 -19.70 -20.14
C GLU B 37 2.66 -21.10 -19.92
N THR B 38 2.48 -21.61 -18.71
CA THR B 38 3.00 -22.92 -18.38
C THR B 38 2.31 -24.09 -19.08
N VAL B 39 1.02 -23.96 -19.36
CA VAL B 39 0.34 -25.06 -20.02
C VAL B 39 0.23 -24.88 -21.54
N ARG B 40 0.30 -23.64 -22.00
CA ARG B 40 0.16 -23.39 -23.43
C ARG B 40 1.14 -24.17 -24.30
N THR B 41 2.27 -24.58 -23.74
CA THR B 41 3.25 -25.33 -24.54
C THR B 41 2.82 -26.75 -24.89
N THR B 42 1.63 -27.16 -24.44
CA THR B 42 1.11 -28.48 -24.72
C THR B 42 0.02 -28.41 -25.79
N LEU B 43 -0.48 -27.19 -26.01
CA LEU B 43 -1.55 -26.91 -26.96
C LEU B 43 -1.27 -27.18 -28.44
N GLY B 44 -2.20 -27.87 -29.09
CA GLY B 44 -2.07 -28.15 -30.51
C GLY B 44 -1.43 -29.48 -30.87
N PRO B 45 -1.43 -29.85 -32.17
CA PRO B 45 -0.86 -31.09 -32.72
C PRO B 45 0.63 -31.19 -32.45
N LYS B 46 1.31 -30.05 -32.40
CA LYS B 46 2.75 -30.02 -32.15
C LYS B 46 3.05 -29.66 -30.68
N GLY B 47 2.04 -29.79 -29.82
CA GLY B 47 2.22 -29.50 -28.41
C GLY B 47 2.96 -30.63 -27.74
N MET B 48 3.77 -30.30 -26.74
CA MET B 48 4.55 -31.31 -26.02
C MET B 48 3.98 -31.67 -24.65
N ASP B 49 4.62 -32.62 -23.98
CA ASP B 49 4.12 -33.09 -22.69
C ASP B 49 4.94 -32.74 -21.44
N LYS B 50 4.32 -32.88 -20.26
CA LYS B 50 5.00 -32.59 -19.01
C LYS B 50 5.15 -33.82 -18.10
N MET B 51 6.19 -33.79 -17.27
CA MET B 51 6.43 -34.86 -16.32
C MET B 51 6.27 -34.26 -14.92
N LEU B 52 5.27 -34.77 -14.19
CA LEU B 52 4.98 -34.27 -12.86
C LEU B 52 5.29 -35.32 -11.79
N VAL B 53 6.25 -35.00 -10.93
CA VAL B 53 6.62 -35.90 -9.85
C VAL B 53 6.20 -35.29 -8.51
N ASP B 54 5.28 -35.95 -7.81
CA ASP B 54 4.83 -35.42 -6.52
C ASP B 54 5.81 -35.64 -5.37
N SER B 55 5.50 -35.00 -4.24
CA SER B 55 6.28 -35.05 -3.01
C SER B 55 6.46 -36.46 -2.45
N LEU B 56 5.72 -37.40 -3.03
CA LEU B 56 5.75 -38.78 -2.61
C LEU B 56 6.48 -39.70 -3.59
N GLY B 57 6.83 -39.18 -4.76
CA GLY B 57 7.55 -39.98 -5.75
C GLY B 57 6.75 -40.43 -6.95
N ASP B 58 5.43 -40.34 -6.86
CA ASP B 58 4.56 -40.73 -7.96
C ASP B 58 4.85 -39.88 -9.21
N ILE B 59 4.87 -40.53 -10.38
CA ILE B 59 5.15 -39.87 -11.65
C ILE B 59 3.96 -39.78 -12.60
N VAL B 60 3.71 -38.58 -13.12
CA VAL B 60 2.63 -38.39 -14.08
C VAL B 60 3.21 -37.75 -15.34
N VAL B 61 3.01 -38.40 -16.47
CA VAL B 61 3.49 -37.90 -17.75
C VAL B 61 2.23 -37.72 -18.57
N THR B 62 1.94 -36.49 -18.94
CA THR B 62 0.72 -36.22 -19.68
C THR B 62 0.80 -34.93 -20.50
N ASN B 63 -0.25 -34.71 -21.28
CA ASN B 63 -0.36 -33.53 -22.12
C ASN B 63 -1.63 -32.76 -21.76
N ASP B 64 -2.46 -33.39 -20.93
CA ASP B 64 -3.73 -32.82 -20.50
C ASP B 64 -3.64 -31.64 -19.55
N GLY B 65 -4.18 -30.51 -19.98
CA GLY B 65 -4.15 -29.31 -19.16
C GLY B 65 -4.69 -29.53 -17.76
N ALA B 66 -5.91 -30.06 -17.68
CA ALA B 66 -6.55 -30.29 -16.40
C ALA B 66 -5.68 -31.15 -15.49
N THR B 67 -5.13 -32.24 -16.02
CA THR B 67 -4.29 -33.13 -15.24
C THR B 67 -3.07 -32.40 -14.71
N ILE B 68 -2.37 -31.70 -15.58
CA ILE B 68 -1.17 -30.97 -15.18
C ILE B 68 -1.45 -30.00 -14.02
N LEU B 69 -2.56 -29.28 -14.07
CA LEU B 69 -2.89 -28.33 -13.01
C LEU B 69 -3.37 -29.00 -11.73
N ASP B 70 -4.09 -30.12 -11.87
CA ASP B 70 -4.59 -30.85 -10.72
C ASP B 70 -3.43 -31.45 -9.92
N LYS B 71 -2.48 -32.05 -10.63
CA LYS B 71 -1.34 -32.68 -10.00
C LYS B 71 -0.30 -31.70 -9.46
N ILE B 72 0.04 -30.68 -10.21
CA ILE B 72 1.02 -29.71 -9.75
C ILE B 72 0.56 -29.07 -8.43
N ASP B 73 1.50 -28.63 -7.62
CA ASP B 73 1.19 -28.02 -6.32
C ASP B 73 1.33 -26.50 -6.35
N LEU B 74 0.24 -25.80 -6.60
CA LEU B 74 0.26 -24.33 -6.70
C LEU B 74 0.08 -23.58 -5.38
N GLN B 75 0.80 -22.46 -5.23
CA GLN B 75 0.70 -21.66 -4.02
C GLN B 75 -0.16 -20.41 -4.21
N HIS B 76 0.11 -19.64 -5.26
CA HIS B 76 -0.65 -18.43 -5.49
C HIS B 76 -2.15 -18.64 -5.65
N PRO B 77 -2.96 -17.84 -4.94
CA PRO B 77 -4.42 -17.94 -5.00
C PRO B 77 -4.92 -17.73 -6.42
N ALA B 78 -4.34 -16.77 -7.12
CA ALA B 78 -4.75 -16.49 -8.49
C ALA B 78 -4.47 -17.71 -9.36
N ALA B 79 -3.35 -18.37 -9.12
CA ALA B 79 -3.02 -19.57 -9.88
C ALA B 79 -4.09 -20.62 -9.59
N LYS B 80 -4.38 -20.79 -8.31
CA LYS B 80 -5.39 -21.75 -7.85
C LYS B 80 -6.72 -21.53 -8.52
N MET B 81 -7.01 -20.30 -8.90
CA MET B 81 -8.28 -20.03 -9.53
C MET B 81 -8.33 -20.47 -10.97
N MET B 82 -7.18 -20.49 -11.62
CA MET B 82 -7.11 -20.91 -13.02
C MET B 82 -7.36 -22.41 -13.09
N VAL B 83 -6.98 -23.11 -12.04
CA VAL B 83 -7.16 -24.55 -11.96
C VAL B 83 -8.64 -24.90 -12.06
N GLU B 84 -9.51 -24.05 -11.52
CA GLU B 84 -10.93 -24.36 -11.59
C GLU B 84 -11.44 -24.30 -13.02
N VAL B 85 -10.88 -23.41 -13.83
CA VAL B 85 -11.28 -23.25 -15.22
C VAL B 85 -11.05 -24.56 -15.97
N ALA B 86 -9.83 -25.09 -15.84
CA ALA B 86 -9.47 -26.33 -16.50
C ALA B 86 -10.31 -27.51 -16.03
N LYS B 87 -10.62 -27.56 -14.74
CA LYS B 87 -11.41 -28.64 -14.18
C LYS B 87 -12.86 -28.64 -14.63
N THR B 88 -13.47 -27.46 -14.69
CA THR B 88 -14.85 -27.36 -15.11
C THR B 88 -14.96 -27.62 -16.60
N GLN B 89 -13.94 -27.25 -17.35
CA GLN B 89 -13.90 -27.47 -18.78
C GLN B 89 -13.81 -28.99 -19.06
N ASP B 90 -13.05 -29.68 -18.23
CA ASP B 90 -12.84 -31.11 -18.36
C ASP B 90 -14.12 -31.90 -18.09
N LYS B 91 -14.85 -31.52 -17.05
CA LYS B 91 -16.07 -32.23 -16.70
C LYS B 91 -17.15 -32.06 -17.77
N GLU B 92 -17.27 -30.85 -18.30
CA GLU B 92 -18.29 -30.55 -19.30
C GLU B 92 -17.99 -30.93 -20.75
N ALA B 93 -16.85 -30.47 -21.28
CA ALA B 93 -16.52 -30.72 -22.68
C ALA B 93 -15.44 -31.77 -22.98
N GLY B 94 -14.66 -32.15 -21.97
CA GLY B 94 -13.61 -33.11 -22.19
C GLY B 94 -12.36 -32.36 -22.63
N ASP B 95 -12.32 -31.94 -23.88
CA ASP B 95 -11.19 -31.21 -24.44
C ASP B 95 -11.36 -29.70 -24.18
N GLY B 96 -10.32 -28.93 -24.47
CA GLY B 96 -10.36 -27.49 -24.29
C GLY B 96 -9.84 -27.00 -22.94
N THR B 97 -9.36 -27.93 -22.12
CA THR B 97 -8.83 -27.59 -20.80
C THR B 97 -7.72 -26.55 -20.88
N THR B 98 -6.68 -26.85 -21.66
CA THR B 98 -5.56 -25.92 -21.83
C THR B 98 -6.04 -24.64 -22.52
N THR B 99 -6.84 -24.80 -23.57
CA THR B 99 -7.36 -23.67 -24.31
C THR B 99 -8.01 -22.64 -23.38
N ALA B 100 -8.91 -23.11 -22.52
CA ALA B 100 -9.63 -22.24 -21.60
C ALA B 100 -8.69 -21.53 -20.64
N VAL B 101 -7.70 -22.23 -20.11
CA VAL B 101 -6.76 -21.60 -19.21
C VAL B 101 -5.91 -20.56 -19.95
N VAL B 102 -5.49 -20.90 -21.18
CA VAL B 102 -4.68 -19.98 -21.96
C VAL B 102 -5.48 -18.72 -22.33
N ILE B 103 -6.70 -18.90 -22.80
CA ILE B 103 -7.52 -17.76 -23.16
C ILE B 103 -7.71 -16.86 -21.93
N ALA B 104 -7.98 -17.47 -20.79
CA ALA B 104 -8.20 -16.73 -19.54
C ALA B 104 -6.97 -15.89 -19.18
N GLY B 105 -5.79 -16.46 -19.39
CA GLY B 105 -4.57 -15.73 -19.10
C GLY B 105 -4.43 -14.52 -20.02
N GLU B 106 -4.56 -14.71 -21.32
CA GLU B 106 -4.41 -13.60 -22.26
C GLU B 106 -5.48 -12.53 -22.00
N LEU B 107 -6.66 -13.00 -21.64
CA LEU B 107 -7.76 -12.09 -21.37
C LEU B 107 -7.28 -11.11 -20.29
N LEU B 108 -6.69 -11.66 -19.23
CA LEU B 108 -6.19 -10.80 -18.16
C LEU B 108 -5.06 -9.90 -18.65
N ARG B 109 -4.17 -10.40 -19.50
CA ARG B 109 -3.07 -9.58 -19.99
C ARG B 109 -3.58 -8.35 -20.73
N LYS B 110 -4.47 -8.57 -21.68
CA LYS B 110 -5.03 -7.47 -22.47
C LYS B 110 -5.82 -6.52 -21.57
N ALA B 111 -6.40 -7.07 -20.51
CA ALA B 111 -7.17 -6.24 -19.61
C ALA B 111 -6.25 -5.28 -18.85
N GLU B 112 -5.06 -5.72 -18.53
CA GLU B 112 -4.17 -4.86 -17.77
C GLU B 112 -3.70 -3.66 -18.57
N GLU B 113 -3.66 -3.77 -19.89
CA GLU B 113 -3.23 -2.65 -20.71
C GLU B 113 -4.24 -1.52 -20.56
N LEU B 114 -5.49 -1.89 -20.29
CA LEU B 114 -6.55 -0.93 -20.11
C LEU B 114 -6.50 -0.37 -18.68
N LEU B 115 -6.16 -1.23 -17.72
CA LEU B 115 -6.05 -0.80 -16.33
C LEU B 115 -4.92 0.21 -16.24
N ASP B 116 -3.81 -0.10 -16.89
CA ASP B 116 -2.65 0.76 -16.88
C ASP B 116 -2.95 2.09 -17.58
N GLN B 117 -3.95 2.09 -18.46
CA GLN B 117 -4.37 3.28 -19.19
C GLN B 117 -5.39 4.06 -18.35
N ASN B 118 -5.69 3.50 -17.17
CA ASN B 118 -6.60 4.09 -16.19
C ASN B 118 -8.08 4.01 -16.53
N ILE B 119 -8.49 2.86 -17.04
CA ILE B 119 -9.89 2.64 -17.37
C ILE B 119 -10.47 1.81 -16.25
N HIS B 120 -11.39 2.41 -15.50
CA HIS B 120 -12.01 1.74 -14.36
C HIS B 120 -12.35 0.29 -14.69
N PRO B 121 -11.93 -0.65 -13.82
CA PRO B 121 -12.21 -2.06 -14.07
C PRO B 121 -13.68 -2.38 -14.26
N SER B 122 -14.55 -1.54 -13.70
CA SER B 122 -15.98 -1.76 -13.84
C SER B 122 -16.32 -1.70 -15.33
N ILE B 123 -15.64 -0.82 -16.04
CA ILE B 123 -15.85 -0.67 -17.47
C ILE B 123 -15.28 -1.87 -18.23
N ILE B 124 -14.05 -2.26 -17.89
CA ILE B 124 -13.39 -3.40 -18.53
C ILE B 124 -14.26 -4.64 -18.34
N THR B 125 -14.70 -4.82 -17.10
CA THR B 125 -15.53 -5.94 -16.70
C THR B 125 -16.83 -6.00 -17.51
N LYS B 126 -17.48 -4.85 -17.66
CA LYS B 126 -18.72 -4.80 -18.44
C LYS B 126 -18.46 -5.16 -19.91
N GLY B 127 -17.44 -4.53 -20.49
CA GLY B 127 -17.11 -4.80 -21.88
C GLY B 127 -16.81 -6.27 -22.12
N TYR B 128 -16.06 -6.90 -21.21
CA TYR B 128 -15.74 -8.32 -21.38
C TYR B 128 -17.00 -9.17 -21.33
N ALA B 129 -17.92 -8.81 -20.43
CA ALA B 129 -19.17 -9.54 -20.30
C ALA B 129 -19.99 -9.39 -21.58
N LEU B 130 -19.94 -8.21 -22.19
CA LEU B 130 -20.66 -7.97 -23.43
C LEU B 130 -20.12 -8.85 -24.54
N ALA B 131 -18.79 -8.85 -24.66
CA ALA B 131 -18.11 -9.63 -25.68
C ALA B 131 -18.35 -11.12 -25.45
N ALA B 132 -18.31 -11.53 -24.19
CA ALA B 132 -18.54 -12.93 -23.83
C ALA B 132 -19.92 -13.36 -24.30
N GLU B 133 -20.93 -12.57 -23.97
CA GLU B 133 -22.30 -12.89 -24.37
C GLU B 133 -22.42 -12.96 -25.89
N LYS B 134 -21.78 -12.01 -26.59
CA LYS B 134 -21.83 -11.99 -28.04
C LYS B 134 -21.07 -13.17 -28.63
N ALA B 135 -20.06 -13.64 -27.91
CA ALA B 135 -19.27 -14.77 -28.37
C ALA B 135 -20.15 -16.01 -28.48
N GLN B 136 -20.97 -16.23 -27.46
CA GLN B 136 -21.84 -17.39 -27.45
C GLN B 136 -22.84 -17.36 -28.61
N GLU B 137 -23.42 -16.20 -28.89
CA GLU B 137 -24.37 -16.07 -29.99
C GLU B 137 -23.73 -16.45 -31.31
N ILE B 138 -22.56 -15.88 -31.57
CA ILE B 138 -21.83 -16.14 -32.81
C ILE B 138 -21.49 -17.62 -32.91
N LEU B 139 -21.06 -18.20 -31.81
CA LEU B 139 -20.72 -19.62 -31.81
C LEU B 139 -21.97 -20.42 -32.14
N ASP B 140 -23.09 -20.09 -31.51
CA ASP B 140 -24.30 -20.83 -31.79
C ASP B 140 -24.67 -20.63 -33.25
N GLU B 141 -24.33 -19.47 -33.80
CA GLU B 141 -24.66 -19.19 -35.19
C GLU B 141 -23.75 -19.83 -36.21
N ILE B 142 -22.45 -19.81 -35.97
CA ILE B 142 -21.53 -20.39 -36.94
C ILE B 142 -21.37 -21.88 -36.73
N ALA B 143 -21.95 -22.40 -35.67
CA ALA B 143 -21.83 -23.82 -35.39
C ALA B 143 -22.41 -24.63 -36.52
N ILE B 144 -21.68 -25.66 -36.92
CA ILE B 144 -22.09 -26.56 -37.99
C ILE B 144 -22.92 -27.71 -37.44
N ARG B 145 -24.21 -27.74 -37.80
CA ARG B 145 -25.10 -28.80 -37.34
C ARG B 145 -24.88 -30.11 -38.09
N VAL B 146 -24.82 -31.21 -37.35
CA VAL B 146 -24.60 -32.53 -37.93
C VAL B 146 -25.54 -33.60 -37.37
N ASP B 147 -25.54 -34.76 -38.04
CA ASP B 147 -26.34 -35.88 -37.61
C ASP B 147 -25.65 -36.41 -36.35
N PRO B 148 -26.32 -36.34 -35.20
CA PRO B 148 -25.72 -36.82 -33.95
C PRO B 148 -24.98 -38.16 -34.04
N ASP B 149 -25.47 -39.07 -34.89
CA ASP B 149 -24.83 -40.38 -35.01
C ASP B 149 -24.14 -40.62 -36.35
N ASP B 150 -23.67 -39.54 -36.97
CA ASP B 150 -22.97 -39.64 -38.24
C ASP B 150 -21.58 -40.23 -38.02
N GLU B 151 -21.37 -41.43 -38.53
CA GLU B 151 -20.10 -42.12 -38.40
C GLU B 151 -18.91 -41.22 -38.70
N GLU B 152 -18.80 -40.82 -39.97
CA GLU B 152 -17.70 -40.00 -40.40
C GLU B 152 -17.35 -38.81 -39.52
N THR B 153 -18.30 -37.91 -39.30
CA THR B 153 -17.96 -36.74 -38.47
C THR B 153 -17.58 -37.11 -37.04
N LEU B 154 -18.12 -38.21 -36.53
CA LEU B 154 -17.78 -38.64 -35.18
C LEU B 154 -16.31 -39.04 -35.15
N LEU B 155 -15.91 -39.83 -36.15
CA LEU B 155 -14.52 -40.28 -36.27
C LEU B 155 -13.55 -39.11 -36.35
N LYS B 156 -13.98 -38.02 -37.01
CA LYS B 156 -13.13 -36.85 -37.15
C LYS B 156 -12.97 -36.16 -35.80
N ILE B 157 -14.08 -36.06 -35.07
CA ILE B 157 -14.02 -35.45 -33.75
C ILE B 157 -13.04 -36.25 -32.93
N ALA B 158 -13.23 -37.57 -32.91
CA ALA B 158 -12.35 -38.45 -32.15
C ALA B 158 -10.89 -38.30 -32.58
N ALA B 159 -10.60 -38.54 -33.85
CA ALA B 159 -9.23 -38.43 -34.33
C ALA B 159 -8.61 -37.06 -34.06
N THR B 160 -9.39 -36.00 -34.24
CA THR B 160 -8.88 -34.65 -33.99
C THR B 160 -8.51 -34.53 -32.51
N SER B 161 -9.32 -35.11 -31.64
CA SER B 161 -9.01 -35.05 -30.23
C SER B 161 -7.73 -35.81 -29.93
N ILE B 162 -7.64 -37.05 -30.39
CA ILE B 162 -6.49 -37.89 -30.13
C ILE B 162 -5.14 -37.38 -30.66
N THR B 163 -5.15 -36.57 -31.70
CA THR B 163 -3.88 -36.07 -32.22
C THR B 163 -3.23 -35.06 -31.27
N GLY B 164 -1.91 -35.09 -31.19
CA GLY B 164 -1.17 -34.19 -30.32
C GLY B 164 -0.87 -34.75 -28.95
N LYS B 165 -1.20 -36.03 -28.76
CA LYS B 165 -1.00 -36.73 -27.49
C LYS B 165 -0.09 -37.91 -27.73
N ASN B 166 0.45 -38.49 -26.66
CA ASN B 166 1.36 -39.64 -26.80
C ASN B 166 0.72 -40.70 -27.67
N ALA B 167 -0.58 -40.93 -27.47
CA ALA B 167 -1.28 -41.96 -28.22
C ALA B 167 -1.59 -41.68 -29.70
N GLU B 168 -1.23 -40.50 -30.21
CA GLU B 168 -1.55 -40.17 -31.59
C GLU B 168 -1.00 -41.15 -32.62
N SER B 169 0.04 -41.88 -32.25
CA SER B 169 0.63 -42.86 -33.18
C SER B 169 -0.44 -43.80 -33.72
N HIS B 170 -1.47 -44.07 -32.91
CA HIS B 170 -2.54 -44.96 -33.31
C HIS B 170 -3.92 -44.30 -33.25
N LYS B 171 -4.01 -43.04 -33.66
CA LYS B 171 -5.27 -42.33 -33.61
C LYS B 171 -6.41 -43.02 -34.36
N GLU B 172 -6.11 -43.66 -35.49
CA GLU B 172 -7.16 -44.34 -36.26
C GLU B 172 -7.86 -45.43 -35.46
N LEU B 173 -7.08 -46.37 -34.92
CA LEU B 173 -7.64 -47.44 -34.13
C LEU B 173 -8.35 -46.88 -32.91
N LEU B 174 -7.67 -45.98 -32.21
CA LEU B 174 -8.25 -45.38 -31.00
C LEU B 174 -9.54 -44.60 -31.28
N ALA B 175 -9.50 -43.71 -32.26
CA ALA B 175 -10.69 -42.93 -32.60
C ALA B 175 -11.81 -43.93 -32.89
N LYS B 176 -11.46 -45.01 -33.58
CA LYS B 176 -12.42 -46.04 -33.93
C LYS B 176 -13.09 -46.63 -32.71
N LEU B 177 -12.28 -47.11 -31.76
CA LEU B 177 -12.81 -47.71 -30.54
C LEU B 177 -13.69 -46.72 -29.77
N ALA B 178 -13.24 -45.47 -29.70
CA ALA B 178 -13.97 -44.44 -29.00
C ALA B 178 -15.37 -44.24 -29.60
N VAL B 179 -15.42 -43.94 -30.90
CA VAL B 179 -16.69 -43.73 -31.56
C VAL B 179 -17.61 -44.93 -31.39
N GLU B 180 -17.07 -46.13 -31.55
CA GLU B 180 -17.87 -47.33 -31.42
C GLU B 180 -18.42 -47.53 -30.01
N ALA B 181 -17.57 -47.37 -29.00
CA ALA B 181 -18.00 -47.52 -27.62
C ALA B 181 -19.16 -46.58 -27.30
N VAL B 182 -18.98 -45.28 -27.55
CA VAL B 182 -20.03 -44.31 -27.27
C VAL B 182 -21.33 -44.65 -28.01
N LYS B 183 -21.23 -44.86 -29.31
CA LYS B 183 -22.38 -45.20 -30.14
C LYS B 183 -23.20 -46.34 -29.56
N GLN B 184 -22.53 -47.39 -29.09
CA GLN B 184 -23.20 -48.55 -28.53
C GLN B 184 -23.94 -48.30 -27.21
N VAL B 185 -23.29 -47.61 -26.28
CA VAL B 185 -23.91 -47.35 -24.99
C VAL B 185 -24.84 -46.15 -24.98
N ALA B 186 -24.80 -45.36 -26.05
CA ALA B 186 -25.65 -44.17 -26.15
C ALA B 186 -27.14 -44.52 -26.13
N GLU B 187 -27.92 -43.68 -25.47
CA GLU B 187 -29.36 -43.87 -25.38
C GLU B 187 -30.10 -42.69 -25.97
N LYS B 188 -31.05 -42.98 -26.84
CA LYS B 188 -31.83 -41.95 -27.49
C LYS B 188 -33.29 -42.07 -27.08
N LYS B 189 -33.92 -40.96 -26.74
CA LYS B 189 -35.33 -40.97 -26.35
C LYS B 189 -36.16 -40.66 -27.60
N ASP B 190 -35.99 -39.46 -28.12
CA ASP B 190 -36.73 -39.02 -29.31
C ASP B 190 -35.80 -38.92 -30.51
N GLY B 191 -35.15 -37.77 -30.65
CA GLY B 191 -34.22 -37.55 -31.75
C GLY B 191 -32.88 -37.12 -31.21
N LYS B 192 -32.81 -37.01 -29.88
CA LYS B 192 -31.58 -36.61 -29.22
C LYS B 192 -31.07 -37.74 -28.33
N TYR B 193 -29.76 -37.99 -28.40
CA TYR B 193 -29.13 -39.02 -27.59
C TYR B 193 -28.60 -38.44 -26.30
N VAL B 194 -28.36 -39.31 -25.34
CA VAL B 194 -27.79 -38.92 -24.07
C VAL B 194 -26.81 -40.04 -23.73
N VAL B 195 -25.63 -39.68 -23.24
CA VAL B 195 -24.61 -40.67 -22.94
C VAL B 195 -24.16 -40.69 -21.50
N ASP B 196 -24.02 -41.91 -20.96
CA ASP B 196 -23.56 -42.07 -19.59
C ASP B 196 -22.22 -42.79 -19.65
N LEU B 197 -21.15 -42.00 -19.60
CA LEU B 197 -19.80 -42.51 -19.66
C LEU B 197 -19.47 -43.59 -18.62
N ASP B 198 -20.40 -43.88 -17.71
CA ASP B 198 -20.15 -44.92 -16.71
C ASP B 198 -20.38 -46.31 -17.30
N ASN B 199 -20.95 -46.35 -18.50
CA ASN B 199 -21.21 -47.60 -19.19
C ASN B 199 -20.05 -47.99 -20.08
N ILE B 200 -19.02 -47.15 -20.13
CA ILE B 200 -17.82 -47.44 -20.93
C ILE B 200 -16.67 -47.62 -19.93
N LYS B 201 -16.25 -48.85 -19.73
CA LYS B 201 -15.17 -49.15 -18.82
C LYS B 201 -13.80 -49.11 -19.52
N PHE B 202 -12.77 -48.72 -18.78
CA PHE B 202 -11.41 -48.68 -19.33
C PHE B 202 -10.58 -49.67 -18.52
N GLU B 203 -10.10 -50.72 -19.19
CA GLU B 203 -9.26 -51.72 -18.53
C GLU B 203 -7.91 -51.58 -19.16
N LYS B 204 -6.88 -51.46 -18.35
CA LYS B 204 -5.53 -51.31 -18.87
C LYS B 204 -4.57 -52.34 -18.28
N LYS B 205 -3.79 -52.98 -19.14
CA LYS B 205 -2.84 -53.98 -18.70
C LYS B 205 -1.59 -53.83 -19.55
N ALA B 206 -0.48 -53.52 -18.90
CA ALA B 206 0.78 -53.36 -19.60
C ALA B 206 1.08 -54.65 -20.35
N GLY B 207 1.81 -54.54 -21.44
CA GLY B 207 2.11 -55.73 -22.23
C GLY B 207 1.70 -55.43 -23.66
N GLU B 208 2.35 -56.09 -24.62
CA GLU B 208 2.04 -55.82 -26.00
C GLU B 208 2.29 -54.35 -26.28
N GLY B 209 1.63 -53.81 -27.29
CA GLY B 209 1.77 -52.40 -27.60
C GLY B 209 0.39 -51.77 -27.61
N VAL B 210 0.31 -50.48 -27.93
CA VAL B 210 -0.98 -49.82 -27.95
C VAL B 210 -1.80 -50.31 -29.14
N GLU B 211 -1.12 -50.83 -30.17
CA GLU B 211 -1.82 -51.34 -31.35
C GLU B 211 -2.77 -52.48 -30.97
N GLU B 212 -2.43 -53.21 -29.93
CA GLU B 212 -3.23 -54.33 -29.47
C GLU B 212 -4.50 -53.96 -28.71
N SER B 213 -4.65 -52.68 -28.37
CA SER B 213 -5.84 -52.25 -27.65
C SER B 213 -7.09 -52.70 -28.39
N GLU B 214 -8.23 -52.75 -27.70
CA GLU B 214 -9.46 -53.21 -28.36
C GLU B 214 -10.73 -52.96 -27.57
N LEU B 215 -11.88 -53.09 -28.26
CA LEU B 215 -13.19 -52.90 -27.66
C LEU B 215 -13.85 -54.24 -27.35
N VAL B 216 -14.45 -54.36 -26.19
CA VAL B 216 -15.11 -55.61 -25.83
C VAL B 216 -16.59 -55.39 -25.66
N ARG B 217 -17.39 -55.97 -26.55
CA ARG B 217 -18.83 -55.84 -26.45
C ARG B 217 -19.24 -56.75 -25.30
N GLY B 218 -18.92 -56.30 -24.11
CA GLY B 218 -19.20 -57.03 -22.90
C GLY B 218 -18.39 -56.38 -21.78
N VAL B 219 -17.90 -57.18 -20.85
CA VAL B 219 -17.14 -56.63 -19.74
C VAL B 219 -15.86 -57.40 -19.44
N VAL B 220 -14.87 -56.69 -18.92
CA VAL B 220 -13.61 -57.32 -18.54
C VAL B 220 -13.42 -57.03 -17.06
N ILE B 221 -13.55 -58.08 -16.24
CA ILE B 221 -13.40 -57.96 -14.79
C ILE B 221 -12.05 -58.52 -14.36
N ASP B 222 -11.36 -57.79 -13.51
CA ASP B 222 -10.06 -58.20 -13.01
C ASP B 222 -10.23 -59.12 -11.78
N LYS B 223 -10.76 -60.31 -12.03
CA LYS B 223 -10.97 -61.30 -10.98
C LYS B 223 -10.67 -62.66 -11.56
N GLU B 224 -10.83 -63.70 -10.75
CA GLU B 224 -10.59 -65.07 -11.19
C GLU B 224 -11.79 -65.96 -10.94
N VAL B 225 -11.78 -67.14 -11.56
CA VAL B 225 -12.84 -68.13 -11.33
C VAL B 225 -12.45 -68.65 -9.95
N VAL B 226 -13.36 -68.48 -8.99
CA VAL B 226 -13.11 -68.86 -7.60
C VAL B 226 -12.63 -70.28 -7.27
N HIS B 227 -13.06 -71.29 -8.02
CA HIS B 227 -12.65 -72.66 -7.74
C HIS B 227 -11.84 -73.29 -8.87
N PRO B 228 -10.83 -74.11 -8.53
CA PRO B 228 -9.96 -74.78 -9.51
C PRO B 228 -10.68 -75.73 -10.46
N ARG B 229 -11.66 -76.46 -9.95
CA ARG B 229 -12.39 -77.44 -10.73
C ARG B 229 -13.55 -76.83 -11.55
N MET B 230 -13.70 -75.51 -11.51
CA MET B 230 -14.75 -74.86 -12.28
C MET B 230 -14.29 -74.64 -13.71
N PRO B 231 -15.23 -74.51 -14.65
CA PRO B 231 -14.87 -74.29 -16.06
C PRO B 231 -14.17 -72.95 -16.23
N LYS B 232 -13.13 -72.91 -17.06
CA LYS B 232 -12.41 -71.67 -17.31
C LYS B 232 -12.97 -70.97 -18.53
N ARG B 233 -13.90 -71.64 -19.21
CA ARG B 233 -14.49 -71.07 -20.41
C ARG B 233 -15.90 -71.62 -20.64
N VAL B 234 -16.84 -70.72 -20.87
CA VAL B 234 -18.24 -71.10 -21.10
C VAL B 234 -18.79 -70.36 -22.32
N GLU B 235 -19.42 -71.13 -23.21
CA GLU B 235 -20.01 -70.59 -24.44
C GLU B 235 -21.51 -70.54 -24.32
N ASN B 236 -22.10 -69.51 -24.90
CA ASN B 236 -23.54 -69.32 -24.85
C ASN B 236 -23.92 -69.45 -23.39
N ALA B 237 -23.23 -68.64 -22.59
CA ALA B 237 -23.42 -68.63 -21.17
C ALA B 237 -24.72 -67.96 -20.70
N LYS B 238 -25.28 -68.53 -19.65
CA LYS B 238 -26.49 -68.03 -19.01
C LYS B 238 -25.92 -67.45 -17.71
N ILE B 239 -25.91 -66.11 -17.62
CA ILE B 239 -25.31 -65.44 -16.47
C ILE B 239 -26.22 -65.00 -15.32
N ALA B 240 -25.81 -65.34 -14.11
CA ALA B 240 -26.56 -65.00 -12.92
C ALA B 240 -25.77 -63.93 -12.18
N LEU B 241 -26.46 -62.87 -11.78
CA LEU B 241 -25.84 -61.78 -11.04
C LEU B 241 -26.47 -61.71 -9.65
N ILE B 242 -25.70 -62.11 -8.63
CA ILE B 242 -26.17 -62.10 -7.24
C ILE B 242 -25.30 -61.15 -6.45
N ASN B 243 -25.87 -60.42 -5.48
CA ASN B 243 -25.02 -59.55 -4.67
C ASN B 243 -24.88 -60.08 -3.24
N GLU B 244 -25.84 -60.91 -2.83
CA GLU B 244 -25.83 -61.52 -1.52
C GLU B 244 -24.73 -62.58 -1.45
N ALA B 245 -24.03 -62.67 -0.33
CA ALA B 245 -22.97 -63.67 -0.18
C ALA B 245 -23.58 -65.05 -0.05
N LEU B 246 -22.91 -66.04 -0.64
CA LEU B 246 -23.37 -67.42 -0.57
C LEU B 246 -22.71 -68.04 0.65
N GLU B 247 -23.26 -67.71 1.82
CA GLU B 247 -22.75 -68.19 3.09
C GLU B 247 -23.98 -68.50 3.93
N VAL B 248 -23.74 -68.90 5.17
CA VAL B 248 -24.85 -69.19 6.07
C VAL B 248 -25.36 -67.84 6.55
N LYS B 249 -26.61 -67.53 6.18
CA LYS B 249 -27.24 -66.28 6.58
C LYS B 249 -27.54 -66.26 8.10
N LYS B 250 -27.54 -65.08 8.67
CA LYS B 250 -27.81 -64.89 10.09
C LYS B 250 -28.89 -63.81 10.21
N THR B 251 -29.71 -63.84 11.25
CA THR B 251 -30.75 -62.83 11.37
C THR B 251 -30.16 -61.48 11.78
N GLU B 252 -30.87 -60.41 11.45
CA GLU B 252 -30.44 -59.07 11.78
C GLU B 252 -30.56 -58.93 13.28
N THR B 253 -31.62 -59.53 13.83
CA THR B 253 -31.84 -59.51 15.26
C THR B 253 -30.83 -60.46 15.88
N ASP B 254 -30.21 -60.05 16.98
CA ASP B 254 -29.21 -60.90 17.63
C ASP B 254 -29.82 -62.25 17.98
N ALA B 255 -29.07 -63.31 17.74
CA ALA B 255 -29.54 -64.65 18.04
C ALA B 255 -28.38 -65.54 18.48
N LYS B 256 -28.73 -66.66 19.10
CA LYS B 256 -27.74 -67.63 19.57
C LYS B 256 -28.42 -68.98 19.77
N ILE B 257 -27.73 -70.05 19.42
CA ILE B 257 -28.28 -71.38 19.59
C ILE B 257 -28.02 -71.90 21.01
N ASN B 258 -29.08 -72.37 21.66
CA ASN B 258 -28.96 -72.92 23.01
C ASN B 258 -29.02 -74.44 22.94
N ILE B 259 -27.84 -75.05 22.90
CA ILE B 259 -27.71 -76.49 22.81
C ILE B 259 -27.91 -77.19 24.14
N THR B 260 -28.75 -78.23 24.13
CA THR B 260 -29.06 -79.00 25.33
C THR B 260 -28.97 -80.52 25.17
N SER B 261 -28.61 -80.97 23.98
CA SER B 261 -28.45 -82.40 23.73
C SER B 261 -27.39 -82.58 22.64
N PRO B 262 -26.57 -83.64 22.77
CA PRO B 262 -25.51 -83.92 21.78
C PRO B 262 -26.00 -84.08 20.36
N ASP B 263 -27.24 -84.54 20.21
CA ASP B 263 -27.79 -84.74 18.89
C ASP B 263 -27.88 -83.44 18.10
N GLN B 264 -27.92 -82.32 18.81
CA GLN B 264 -28.02 -81.02 18.16
C GLN B 264 -26.68 -80.53 17.58
N LEU B 265 -25.57 -80.89 18.20
CA LEU B 265 -24.29 -80.44 17.67
C LEU B 265 -24.24 -80.78 16.18
N MET B 266 -24.85 -81.90 15.82
CA MET B 266 -24.90 -82.35 14.43
C MET B 266 -26.12 -81.76 13.75
N SER B 267 -27.23 -81.81 14.47
CA SER B 267 -28.50 -81.29 13.99
C SER B 267 -28.36 -79.90 13.35
N PHE B 268 -27.75 -78.96 14.06
CA PHE B 268 -27.59 -77.60 13.52
C PHE B 268 -26.50 -77.49 12.48
N LEU B 269 -25.43 -78.23 12.67
CA LEU B 269 -24.32 -78.21 11.72
C LEU B 269 -24.86 -78.58 10.34
N GLU B 270 -25.55 -79.71 10.26
CA GLU B 270 -26.10 -80.17 9.00
C GLU B 270 -27.14 -79.21 8.45
N GLN B 271 -27.76 -78.43 9.34
CA GLN B 271 -28.78 -77.47 8.92
C GLN B 271 -28.16 -76.35 8.10
N GLU B 272 -26.99 -75.89 8.52
CA GLU B 272 -26.31 -74.82 7.80
C GLU B 272 -25.78 -75.35 6.47
N GLU B 273 -25.43 -76.63 6.43
CA GLU B 273 -24.91 -77.21 5.20
C GLU B 273 -26.04 -77.26 4.18
N LYS B 274 -27.21 -77.69 4.62
CA LYS B 274 -28.37 -77.79 3.76
C LYS B 274 -28.69 -76.41 3.19
N MET B 275 -28.71 -75.41 4.07
CA MET B 275 -28.99 -74.04 3.66
C MET B 275 -28.05 -73.65 2.55
N LEU B 276 -26.76 -73.92 2.75
CA LEU B 276 -25.77 -73.59 1.75
C LEU B 276 -26.06 -74.39 0.47
N LYS B 277 -26.17 -75.71 0.58
CA LYS B 277 -26.46 -76.51 -0.59
C LYS B 277 -27.71 -76.05 -1.34
N ASP B 278 -28.77 -75.69 -0.61
CA ASP B 278 -30.00 -75.24 -1.25
C ASP B 278 -29.73 -74.01 -2.11
N MET B 279 -28.95 -73.07 -1.58
CA MET B 279 -28.63 -71.87 -2.34
C MET B 279 -28.05 -72.29 -3.68
N VAL B 280 -26.92 -72.99 -3.65
CA VAL B 280 -26.27 -73.45 -4.87
C VAL B 280 -27.25 -74.18 -5.77
N ASP B 281 -27.99 -75.14 -5.20
CA ASP B 281 -28.97 -75.91 -5.94
C ASP B 281 -29.94 -75.00 -6.68
N HIS B 282 -30.47 -74.00 -5.98
CA HIS B 282 -31.39 -73.10 -6.63
C HIS B 282 -30.81 -72.37 -7.83
N ILE B 283 -29.56 -71.92 -7.70
CA ILE B 283 -28.91 -71.22 -8.82
C ILE B 283 -28.85 -72.20 -9.98
N ALA B 284 -28.32 -73.39 -9.71
CA ALA B 284 -28.21 -74.43 -10.71
C ALA B 284 -29.57 -74.64 -11.37
N GLN B 285 -30.63 -74.71 -10.56
CA GLN B 285 -31.98 -74.90 -11.06
C GLN B 285 -32.42 -73.88 -12.11
N THR B 286 -31.79 -72.71 -12.14
CA THR B 286 -32.18 -71.70 -13.11
C THR B 286 -31.58 -71.95 -14.49
N GLY B 287 -30.60 -72.84 -14.54
CA GLY B 287 -29.95 -73.14 -15.81
C GLY B 287 -28.69 -72.32 -16.01
N ALA B 288 -28.35 -71.51 -15.02
CA ALA B 288 -27.18 -70.66 -15.05
C ALA B 288 -25.88 -71.47 -15.02
N ASN B 289 -24.88 -71.07 -15.82
CA ASN B 289 -23.60 -71.76 -15.84
C ASN B 289 -22.44 -70.82 -15.51
N VAL B 290 -22.79 -69.57 -15.24
CA VAL B 290 -21.80 -68.57 -14.86
C VAL B 290 -22.51 -67.74 -13.80
N VAL B 291 -21.79 -67.43 -12.72
CA VAL B 291 -22.40 -66.66 -11.65
C VAL B 291 -21.45 -65.64 -11.04
N PHE B 292 -21.82 -64.36 -11.10
CA PHE B 292 -21.01 -63.32 -10.50
C PHE B 292 -21.67 -62.92 -9.19
N VAL B 293 -20.95 -63.08 -8.10
CA VAL B 293 -21.45 -62.74 -6.78
C VAL B 293 -20.78 -61.48 -6.24
N GLN B 294 -21.57 -60.55 -5.71
CA GLN B 294 -20.97 -59.32 -5.20
C GLN B 294 -20.16 -59.57 -3.94
N LYS B 295 -20.79 -60.17 -2.94
CA LYS B 295 -20.11 -60.41 -1.66
C LYS B 295 -19.28 -61.68 -1.75
N GLY B 296 -19.17 -62.42 -0.66
CA GLY B 296 -18.34 -63.61 -0.66
C GLY B 296 -19.05 -64.91 -1.06
N ILE B 297 -18.25 -65.97 -1.18
CA ILE B 297 -18.75 -67.28 -1.53
C ILE B 297 -18.03 -68.27 -0.62
N ASP B 298 -18.81 -68.90 0.26
CA ASP B 298 -18.32 -69.88 1.21
C ASP B 298 -17.68 -71.03 0.45
N ASP B 299 -16.64 -71.63 1.01
CA ASP B 299 -15.96 -72.75 0.36
C ASP B 299 -16.92 -73.86 -0.06
N LEU B 300 -17.74 -74.34 0.87
CA LEU B 300 -18.67 -75.42 0.56
C LEU B 300 -19.51 -75.11 -0.67
N ALA B 301 -20.06 -73.91 -0.73
CA ALA B 301 -20.88 -73.47 -1.87
C ALA B 301 -20.06 -73.59 -3.16
N GLN B 302 -18.83 -73.09 -3.10
CA GLN B 302 -17.93 -73.16 -4.23
C GLN B 302 -17.84 -74.59 -4.71
N HIS B 303 -17.69 -75.50 -3.75
CA HIS B 303 -17.59 -76.92 -4.04
C HIS B 303 -18.79 -77.44 -4.81
N TYR B 304 -20.00 -77.12 -4.37
CA TYR B 304 -21.17 -77.58 -5.08
C TYR B 304 -21.23 -76.91 -6.46
N LEU B 305 -21.04 -75.60 -6.48
CA LEU B 305 -21.03 -74.84 -7.73
C LEU B 305 -20.13 -75.57 -8.74
N ALA B 306 -18.91 -75.88 -8.30
CA ALA B 306 -17.96 -76.59 -9.14
C ALA B 306 -18.58 -77.89 -9.65
N LYS B 307 -19.13 -78.69 -8.73
CA LYS B 307 -19.74 -79.97 -9.12
C LYS B 307 -20.84 -79.80 -10.18
N TYR B 308 -21.49 -78.66 -10.19
CA TYR B 308 -22.54 -78.43 -11.18
C TYR B 308 -21.97 -77.90 -12.49
N GLY B 309 -20.65 -77.74 -12.53
CA GLY B 309 -20.01 -77.24 -13.74
C GLY B 309 -20.22 -75.75 -13.94
N ILE B 310 -20.68 -75.08 -12.91
CA ILE B 310 -20.93 -73.65 -12.98
C ILE B 310 -19.68 -72.83 -12.65
N MET B 311 -19.35 -71.88 -13.53
CA MET B 311 -18.20 -71.00 -13.30
C MET B 311 -18.68 -69.91 -12.35
N ALA B 312 -17.89 -69.61 -11.33
CA ALA B 312 -18.26 -68.59 -10.35
C ALA B 312 -17.15 -67.61 -9.99
N VAL B 313 -17.54 -66.38 -9.67
CA VAL B 313 -16.61 -65.32 -9.28
C VAL B 313 -17.21 -64.60 -8.07
N ARG B 314 -16.37 -64.36 -7.06
CA ARG B 314 -16.83 -63.70 -5.83
C ARG B 314 -16.22 -62.32 -5.64
N ARG B 315 -16.70 -61.62 -4.61
CA ARG B 315 -16.20 -60.30 -4.28
C ARG B 315 -16.04 -59.40 -5.52
N VAL B 316 -17.09 -59.33 -6.34
CA VAL B 316 -17.09 -58.52 -7.55
C VAL B 316 -17.50 -57.08 -7.21
N LYS B 317 -16.82 -56.09 -7.82
CA LYS B 317 -17.14 -54.68 -7.58
C LYS B 317 -18.61 -54.36 -7.89
N LYS B 318 -19.22 -53.49 -7.10
CA LYS B 318 -20.60 -53.12 -7.34
C LYS B 318 -20.77 -52.52 -8.73
N SER B 319 -19.85 -51.64 -9.11
CA SER B 319 -19.94 -51.00 -10.42
C SER B 319 -19.81 -52.03 -11.52
N ASP B 320 -19.06 -53.11 -11.23
CA ASP B 320 -18.86 -54.18 -12.19
C ASP B 320 -20.12 -55.00 -12.39
N MET B 321 -20.87 -55.22 -11.30
CA MET B 321 -22.11 -55.97 -11.35
C MET B 321 -23.07 -55.26 -12.29
N GLU B 322 -23.05 -53.94 -12.23
CA GLU B 322 -23.91 -53.11 -13.07
C GLU B 322 -23.51 -53.13 -14.53
N LYS B 323 -22.20 -53.11 -14.80
CA LYS B 323 -21.76 -53.15 -16.18
C LYS B 323 -22.15 -54.51 -16.76
N LEU B 324 -22.08 -55.55 -15.94
CA LEU B 324 -22.43 -56.90 -16.38
C LEU B 324 -23.94 -57.01 -16.65
N ALA B 325 -24.74 -56.33 -15.85
CA ALA B 325 -26.19 -56.35 -16.06
C ALA B 325 -26.46 -55.66 -17.40
N LYS B 326 -25.93 -54.45 -17.54
CA LYS B 326 -26.09 -53.68 -18.77
C LYS B 326 -25.71 -54.47 -20.02
N ALA B 327 -24.49 -54.99 -20.05
CA ALA B 327 -23.97 -55.72 -21.20
C ALA B 327 -24.68 -57.03 -21.53
N THR B 328 -24.69 -57.93 -20.55
CA THR B 328 -25.29 -59.26 -20.71
C THR B 328 -26.80 -59.26 -20.66
N GLY B 329 -27.38 -58.23 -20.07
CA GLY B 329 -28.83 -58.18 -19.97
C GLY B 329 -29.34 -59.08 -18.86
N ALA B 330 -28.56 -59.25 -17.81
CA ALA B 330 -28.98 -60.06 -16.69
C ALA B 330 -29.49 -59.06 -15.67
N LYS B 331 -30.39 -59.51 -14.82
CA LYS B 331 -30.94 -58.64 -13.79
C LYS B 331 -30.28 -59.01 -12.48
N ILE B 332 -29.72 -58.01 -11.80
CA ILE B 332 -29.06 -58.24 -10.52
C ILE B 332 -30.11 -58.58 -9.47
N VAL B 333 -29.94 -59.73 -8.84
CA VAL B 333 -30.86 -60.19 -7.81
C VAL B 333 -30.13 -60.09 -6.48
N THR B 334 -30.86 -59.75 -5.43
CA THR B 334 -30.26 -59.65 -4.10
C THR B 334 -30.21 -61.00 -3.41
N ASN B 335 -31.35 -61.66 -3.25
CA ASN B 335 -31.34 -62.97 -2.60
C ASN B 335 -31.36 -64.10 -3.63
N VAL B 336 -30.46 -65.06 -3.44
CA VAL B 336 -30.37 -66.19 -4.34
C VAL B 336 -31.76 -66.77 -4.54
N LYS B 337 -32.50 -66.88 -3.44
CA LYS B 337 -33.85 -67.44 -3.44
C LYS B 337 -34.76 -66.85 -4.52
N ASP B 338 -34.54 -65.57 -4.82
CA ASP B 338 -35.35 -64.85 -5.81
C ASP B 338 -34.90 -65.03 -7.26
N LEU B 339 -33.68 -65.50 -7.48
CA LEU B 339 -33.18 -65.68 -8.83
C LEU B 339 -34.05 -66.62 -9.64
N THR B 340 -34.29 -66.28 -10.90
CA THR B 340 -35.08 -67.11 -11.80
C THR B 340 -34.46 -67.02 -13.19
N PRO B 341 -34.88 -67.89 -14.11
CA PRO B 341 -34.31 -67.86 -15.46
C PRO B 341 -34.43 -66.50 -16.15
N GLU B 342 -35.51 -65.78 -15.86
CA GLU B 342 -35.76 -64.48 -16.45
C GLU B 342 -34.75 -63.40 -16.05
N ASP B 343 -33.94 -63.72 -15.04
CA ASP B 343 -32.95 -62.79 -14.54
C ASP B 343 -31.56 -63.11 -15.09
N LEU B 344 -31.49 -64.16 -15.88
CA LEU B 344 -30.21 -64.58 -16.45
C LEU B 344 -29.83 -63.73 -17.63
N GLY B 345 -28.54 -63.48 -17.77
CA GLY B 345 -28.06 -62.67 -18.88
C GLY B 345 -27.39 -63.56 -19.89
N TYR B 346 -27.01 -63.00 -21.04
CA TYR B 346 -26.35 -63.78 -22.08
C TYR B 346 -25.04 -63.18 -22.53
N ALA B 347 -24.06 -64.05 -22.71
CA ALA B 347 -22.74 -63.65 -23.19
C ALA B 347 -22.32 -64.79 -24.09
N GLU B 348 -21.83 -64.46 -25.27
CA GLU B 348 -21.41 -65.48 -26.22
C GLU B 348 -20.24 -66.30 -25.69
N VAL B 349 -19.39 -65.66 -24.88
CA VAL B 349 -18.25 -66.34 -24.28
C VAL B 349 -17.90 -65.67 -22.97
N VAL B 350 -17.60 -66.48 -21.96
CA VAL B 350 -17.18 -65.98 -20.67
C VAL B 350 -15.96 -66.82 -20.40
N GLU B 351 -14.80 -66.19 -20.33
CA GLU B 351 -13.58 -66.94 -20.12
C GLU B 351 -12.50 -66.24 -19.33
N GLU B 352 -11.78 -67.02 -18.54
CA GLU B 352 -10.69 -66.50 -17.73
C GLU B 352 -9.41 -66.51 -18.54
N ARG B 353 -8.78 -65.35 -18.71
CA ARG B 353 -7.55 -65.25 -19.47
C ARG B 353 -6.44 -64.55 -18.70
N LYS B 354 -5.20 -64.92 -19.00
CA LYS B 354 -4.06 -64.28 -18.35
C LYS B 354 -3.56 -63.18 -19.26
N LEU B 355 -3.46 -61.96 -18.73
CA LEU B 355 -2.95 -60.83 -19.48
C LEU B 355 -1.75 -60.37 -18.69
N ALA B 356 -0.58 -60.39 -19.31
CA ALA B 356 0.62 -59.99 -18.60
C ALA B 356 0.60 -60.80 -17.31
N GLY B 357 0.50 -62.12 -17.47
CA GLY B 357 0.47 -63.02 -16.33
C GLY B 357 -0.83 -63.06 -15.53
N GLU B 358 -1.34 -61.89 -15.15
CA GLU B 358 -2.58 -61.73 -14.36
C GLU B 358 -3.87 -62.33 -14.94
N ASN B 359 -4.63 -63.02 -14.10
CA ASN B 359 -5.89 -63.63 -14.52
C ASN B 359 -7.03 -62.61 -14.56
N MET B 360 -7.77 -62.61 -15.66
CA MET B 360 -8.90 -61.71 -15.82
C MET B 360 -10.03 -62.43 -16.49
N ILE B 361 -11.25 -61.93 -16.29
CA ILE B 361 -12.40 -62.58 -16.88
C ILE B 361 -13.01 -61.76 -17.99
N PHE B 362 -13.27 -62.42 -19.12
CA PHE B 362 -13.85 -61.75 -20.25
C PHE B 362 -15.27 -62.19 -20.49
N VAL B 363 -16.17 -61.23 -20.54
CA VAL B 363 -17.56 -61.48 -20.81
C VAL B 363 -17.71 -60.78 -22.14
N GLU B 364 -17.70 -61.55 -23.22
CA GLU B 364 -17.79 -60.95 -24.54
C GLU B 364 -18.80 -61.62 -25.47
N GLY B 365 -19.24 -60.87 -26.48
CA GLY B 365 -20.21 -61.40 -27.41
C GLY B 365 -21.63 -61.20 -26.91
N CYS B 366 -21.84 -60.16 -26.11
CA CYS B 366 -23.17 -59.90 -25.59
C CYS B 366 -24.04 -59.50 -26.76
N LYS B 367 -25.33 -59.81 -26.69
CA LYS B 367 -26.24 -59.50 -27.78
C LYS B 367 -26.21 -58.03 -28.14
N ASN B 368 -26.78 -57.19 -27.29
CA ASN B 368 -26.78 -55.76 -27.58
C ASN B 368 -26.39 -55.06 -26.31
N PRO B 369 -25.10 -55.14 -25.95
CA PRO B 369 -24.55 -54.54 -24.73
C PRO B 369 -24.88 -53.07 -24.56
N LYS B 370 -25.27 -52.71 -23.33
CA LYS B 370 -25.58 -51.32 -22.99
C LYS B 370 -24.41 -50.77 -22.19
N ALA B 371 -23.40 -51.60 -22.03
CA ALA B 371 -22.17 -51.24 -21.33
C ALA B 371 -21.06 -51.99 -22.06
N VAL B 372 -20.01 -51.28 -22.42
CA VAL B 372 -18.90 -51.86 -23.15
C VAL B 372 -17.56 -51.57 -22.48
N THR B 373 -16.52 -52.32 -22.85
CA THR B 373 -15.20 -52.12 -22.26
C THR B 373 -14.09 -51.92 -23.29
N ILE B 374 -13.25 -50.90 -23.08
CA ILE B 374 -12.11 -50.66 -23.98
C ILE B 374 -10.85 -51.13 -23.25
N LEU B 375 -10.34 -52.29 -23.63
CA LEU B 375 -9.15 -52.83 -23.01
C LEU B 375 -7.95 -52.18 -23.65
N ILE B 376 -7.19 -51.44 -22.86
CA ILE B 376 -6.02 -50.73 -23.36
C ILE B 376 -4.75 -51.50 -23.04
N ARG B 377 -3.91 -51.66 -24.05
CA ARG B 377 -2.64 -52.36 -23.89
C ARG B 377 -1.53 -51.37 -24.23
N GLY B 378 -0.32 -51.63 -23.75
CA GLY B 378 0.79 -50.73 -24.00
C GLY B 378 2.08 -51.27 -23.42
N GLY B 379 3.22 -50.83 -23.96
CA GLY B 379 4.48 -51.33 -23.48
C GLY B 379 4.87 -50.91 -22.08
N THR B 380 4.05 -50.08 -21.45
CA THR B 380 4.37 -49.54 -20.14
C THR B 380 3.18 -49.05 -19.35
N GLU B 381 3.29 -49.06 -18.02
CA GLU B 381 2.21 -48.57 -17.17
C GLU B 381 1.92 -47.12 -17.53
N HIS B 382 2.98 -46.32 -17.56
CA HIS B 382 2.85 -44.92 -17.87
C HIS B 382 2.27 -44.68 -19.25
N VAL B 383 2.48 -45.61 -20.16
CA VAL B 383 1.95 -45.46 -21.50
C VAL B 383 0.44 -45.72 -21.50
N ILE B 384 0.02 -46.83 -20.89
CA ILE B 384 -1.40 -47.13 -20.87
C ILE B 384 -2.15 -46.09 -20.04
N ASP B 385 -1.46 -45.44 -19.10
CA ASP B 385 -2.14 -44.44 -18.30
C ASP B 385 -2.47 -43.23 -19.19
N GLU B 386 -1.50 -42.79 -19.99
CA GLU B 386 -1.70 -41.64 -20.85
C GLU B 386 -2.63 -41.99 -22.01
N VAL B 387 -2.62 -43.26 -22.42
CA VAL B 387 -3.52 -43.66 -23.50
C VAL B 387 -4.93 -43.58 -22.94
N GLU B 388 -5.09 -43.98 -21.69
CA GLU B 388 -6.39 -43.93 -21.04
C GLU B 388 -6.91 -42.50 -21.02
N ARG B 389 -6.09 -41.58 -20.55
CA ARG B 389 -6.51 -40.18 -20.52
C ARG B 389 -6.93 -39.74 -21.92
N ALA B 390 -6.12 -40.06 -22.92
CA ALA B 390 -6.43 -39.69 -24.29
C ALA B 390 -7.80 -40.24 -24.68
N LEU B 391 -8.06 -41.48 -24.29
CA LEU B 391 -9.35 -42.10 -24.60
C LEU B 391 -10.50 -41.46 -23.82
N GLU B 392 -10.22 -41.05 -22.59
CA GLU B 392 -11.25 -40.42 -21.77
C GLU B 392 -11.77 -39.21 -22.51
N ASP B 393 -10.87 -38.44 -23.10
CA ASP B 393 -11.27 -37.27 -23.84
C ASP B 393 -12.00 -37.62 -25.14
N ALA B 394 -11.41 -38.49 -25.96
CA ALA B 394 -12.04 -38.89 -27.21
C ALA B 394 -13.47 -39.29 -26.94
N VAL B 395 -13.66 -40.13 -25.93
CA VAL B 395 -14.99 -40.58 -25.58
C VAL B 395 -15.91 -39.41 -25.20
N LYS B 396 -15.38 -38.45 -24.47
CA LYS B 396 -16.16 -37.30 -24.02
C LYS B 396 -16.53 -36.37 -25.18
N VAL B 397 -15.59 -36.12 -26.09
CA VAL B 397 -15.91 -35.24 -27.20
C VAL B 397 -16.86 -35.93 -28.19
N VAL B 398 -16.73 -37.24 -28.32
CA VAL B 398 -17.61 -37.98 -29.21
C VAL B 398 -19.00 -37.88 -28.61
N LYS B 399 -19.05 -37.88 -27.28
CA LYS B 399 -20.31 -37.76 -26.58
C LYS B 399 -20.87 -36.35 -26.78
N ASP B 400 -20.03 -35.33 -26.68
CA ASP B 400 -20.47 -33.94 -26.86
C ASP B 400 -21.26 -33.79 -28.15
N VAL B 401 -20.71 -34.33 -29.24
CA VAL B 401 -21.35 -34.23 -30.54
C VAL B 401 -22.63 -35.07 -30.68
N MET B 402 -22.75 -36.14 -29.91
CA MET B 402 -23.96 -36.94 -30.03
C MET B 402 -25.12 -36.32 -29.27
N GLU B 403 -24.81 -35.47 -28.31
CA GLU B 403 -25.84 -34.81 -27.52
C GLU B 403 -26.22 -33.44 -28.11
N ASP B 404 -25.24 -32.72 -28.64
CA ASP B 404 -25.45 -31.40 -29.27
C ASP B 404 -25.05 -31.65 -30.71
N GLY B 405 -25.99 -31.81 -31.63
CA GLY B 405 -25.58 -32.06 -33.00
C GLY B 405 -24.73 -30.97 -33.64
N ALA B 406 -23.96 -30.25 -32.84
CA ALA B 406 -23.14 -29.14 -33.33
C ALA B 406 -21.64 -29.42 -33.25
N VAL B 407 -20.94 -29.00 -34.31
CA VAL B 407 -19.52 -29.21 -34.42
C VAL B 407 -18.90 -27.91 -34.96
N LEU B 408 -17.57 -27.76 -34.87
CA LEU B 408 -16.89 -26.55 -35.34
C LEU B 408 -15.52 -26.84 -35.92
N PRO B 409 -14.99 -25.92 -36.73
CA PRO B 409 -13.64 -26.15 -37.27
C PRO B 409 -12.68 -25.88 -36.12
N ALA B 410 -11.52 -26.52 -36.14
CA ALA B 410 -10.54 -26.30 -35.08
C ALA B 410 -9.41 -25.43 -35.65
N GLY B 411 -8.16 -25.75 -35.31
CA GLY B 411 -7.04 -24.99 -35.81
C GLY B 411 -7.08 -23.48 -35.61
N GLY B 412 -7.83 -23.03 -34.60
CA GLY B 412 -7.94 -21.60 -34.34
C GLY B 412 -8.99 -20.90 -35.19
N ALA B 413 -9.69 -21.65 -36.04
CA ALA B 413 -10.71 -21.06 -36.90
C ALA B 413 -11.79 -20.32 -36.11
N PRO B 414 -12.41 -20.97 -35.12
CA PRO B 414 -13.46 -20.30 -34.34
C PRO B 414 -12.97 -19.01 -33.71
N GLU B 415 -11.88 -19.10 -32.95
CA GLU B 415 -11.36 -17.92 -32.29
C GLU B 415 -11.05 -16.77 -33.27
N ILE B 416 -10.66 -17.10 -34.50
CA ILE B 416 -10.38 -16.06 -35.50
C ILE B 416 -11.71 -15.42 -35.94
N GLU B 417 -12.71 -16.25 -36.18
CA GLU B 417 -14.02 -15.75 -36.58
C GLU B 417 -14.48 -14.81 -35.49
N LEU B 418 -14.42 -15.29 -34.25
CA LEU B 418 -14.83 -14.51 -33.09
C LEU B 418 -14.08 -13.20 -32.99
N ALA B 419 -12.77 -13.24 -33.19
CA ALA B 419 -11.95 -12.03 -33.12
C ALA B 419 -12.43 -11.03 -34.18
N ILE B 420 -12.65 -11.51 -35.40
CA ILE B 420 -13.13 -10.67 -36.48
C ILE B 420 -14.47 -10.03 -36.14
N ARG B 421 -15.50 -10.85 -35.91
CA ARG B 421 -16.83 -10.36 -35.59
C ARG B 421 -16.96 -9.49 -34.34
N LEU B 422 -16.19 -9.80 -33.30
CA LEU B 422 -16.27 -9.03 -32.06
C LEU B 422 -15.69 -7.64 -32.25
N ASP B 423 -14.72 -7.51 -33.15
CA ASP B 423 -14.11 -6.22 -33.43
C ASP B 423 -15.14 -5.28 -34.03
N GLU B 424 -16.01 -5.81 -34.88
CA GLU B 424 -17.05 -5.00 -35.50
C GLU B 424 -18.04 -4.61 -34.41
N TYR B 425 -18.44 -5.61 -33.64
CA TYR B 425 -19.37 -5.43 -32.55
C TYR B 425 -18.85 -4.33 -31.63
N ALA B 426 -17.55 -4.36 -31.33
CA ALA B 426 -16.96 -3.35 -30.46
C ALA B 426 -17.30 -1.97 -30.99
N LYS B 427 -17.17 -1.80 -32.32
CA LYS B 427 -17.44 -0.53 -32.96
C LYS B 427 -18.87 -0.05 -32.80
N GLN B 428 -19.81 -0.99 -32.75
CA GLN B 428 -21.21 -0.63 -32.61
C GLN B 428 -21.50 -0.14 -31.19
N VAL B 429 -20.78 -0.69 -30.21
CA VAL B 429 -20.96 -0.31 -28.82
C VAL B 429 -20.21 0.97 -28.52
N GLY B 430 -19.03 1.09 -29.12
CA GLY B 430 -18.20 2.26 -28.93
C GLY B 430 -17.92 2.59 -27.48
N GLY B 431 -17.42 3.80 -27.25
CA GLY B 431 -17.13 4.23 -25.89
C GLY B 431 -15.90 3.53 -25.36
N LYS B 432 -15.76 3.52 -24.03
CA LYS B 432 -14.62 2.86 -23.43
C LYS B 432 -14.85 1.37 -23.46
N GLU B 433 -16.13 0.98 -23.41
CA GLU B 433 -16.49 -0.43 -23.44
C GLU B 433 -15.98 -1.08 -24.70
N ALA B 434 -16.00 -0.33 -25.81
CA ALA B 434 -15.54 -0.84 -27.08
C ALA B 434 -14.08 -1.27 -26.95
N LEU B 435 -13.30 -0.49 -26.22
CA LEU B 435 -11.89 -0.80 -26.02
C LEU B 435 -11.75 -2.14 -25.30
N ALA B 436 -12.66 -2.41 -24.38
CA ALA B 436 -12.63 -3.65 -23.63
C ALA B 436 -13.04 -4.79 -24.54
N ILE B 437 -14.06 -4.56 -25.38
CA ILE B 437 -14.52 -5.57 -26.31
C ILE B 437 -13.45 -5.83 -27.38
N GLU B 438 -12.72 -4.79 -27.73
CA GLU B 438 -11.65 -4.90 -28.71
C GLU B 438 -10.53 -5.81 -28.21
N ASN B 439 -10.16 -5.65 -26.93
CA ASN B 439 -9.10 -6.45 -26.32
C ASN B 439 -9.52 -7.88 -26.07
N PHE B 440 -10.81 -8.07 -25.79
CA PHE B 440 -11.32 -9.41 -25.55
C PHE B 440 -11.16 -10.20 -26.85
N ALA B 441 -11.49 -9.54 -27.96
CA ALA B 441 -11.39 -10.17 -29.28
C ALA B 441 -9.93 -10.42 -29.64
N ASP B 442 -9.05 -9.50 -29.25
CA ASP B 442 -7.64 -9.66 -29.55
C ASP B 442 -7.00 -10.70 -28.66
N ALA B 443 -7.57 -10.91 -27.49
CA ALA B 443 -7.03 -11.88 -26.57
C ALA B 443 -7.28 -13.27 -27.12
N LEU B 444 -8.42 -13.47 -27.78
CA LEU B 444 -8.75 -14.80 -28.31
C LEU B 444 -7.75 -15.34 -29.31
N LYS B 445 -6.88 -14.48 -29.83
CA LYS B 445 -5.92 -14.95 -30.82
C LYS B 445 -4.75 -15.80 -30.31
N ILE B 446 -4.56 -15.92 -29.00
CA ILE B 446 -3.44 -16.72 -28.51
C ILE B 446 -3.58 -18.16 -28.98
N ILE B 447 -4.81 -18.60 -29.19
CA ILE B 447 -5.04 -19.95 -29.65
C ILE B 447 -4.34 -20.13 -31.01
N PRO B 448 -4.74 -19.36 -32.04
CA PRO B 448 -4.06 -19.53 -33.32
C PRO B 448 -2.56 -19.30 -33.15
N LYS B 449 -2.23 -18.20 -32.46
CA LYS B 449 -0.85 -17.81 -32.21
C LYS B 449 0.01 -18.88 -31.54
N THR B 450 -0.51 -19.54 -30.52
CA THR B 450 0.31 -20.54 -29.86
C THR B 450 0.27 -21.91 -30.56
N LEU B 451 -0.68 -22.12 -31.47
CA LEU B 451 -0.70 -23.37 -32.21
C LEU B 451 0.51 -23.29 -33.15
N ALA B 452 0.65 -22.13 -33.78
CA ALA B 452 1.75 -21.89 -34.71
C ALA B 452 3.06 -21.79 -33.94
N GLU B 453 3.01 -21.14 -32.79
CA GLU B 453 4.20 -20.99 -31.97
C GLU B 453 4.75 -22.37 -31.61
N ASN B 454 3.94 -23.22 -30.98
CA ASN B 454 4.41 -24.55 -30.61
C ASN B 454 4.94 -25.37 -31.80
N ALA B 455 4.55 -24.97 -33.01
CA ALA B 455 4.99 -25.68 -34.21
C ALA B 455 6.30 -25.08 -34.74
N GLY B 456 6.69 -23.94 -34.19
CA GLY B 456 7.92 -23.30 -34.63
C GLY B 456 7.73 -22.41 -35.84
N LEU B 457 6.51 -21.97 -36.09
CA LEU B 457 6.23 -21.11 -37.23
C LEU B 457 6.31 -19.67 -36.80
N ASP B 458 6.46 -18.77 -37.76
CA ASP B 458 6.51 -17.36 -37.42
C ASP B 458 5.12 -16.92 -37.00
N THR B 459 4.96 -16.72 -35.71
CA THR B 459 3.71 -16.28 -35.13
C THR B 459 3.08 -15.08 -35.83
N VAL B 460 3.86 -14.01 -35.97
CA VAL B 460 3.37 -12.78 -36.58
C VAL B 460 2.84 -12.98 -38.00
N GLU B 461 3.66 -13.56 -38.87
CA GLU B 461 3.28 -13.79 -40.25
C GLU B 461 2.09 -14.73 -40.38
N MET B 462 2.12 -15.85 -39.66
CA MET B 462 1.01 -16.78 -39.72
C MET B 462 -0.29 -16.02 -39.49
N LEU B 463 -0.39 -15.35 -38.35
CA LEU B 463 -1.58 -14.59 -38.01
C LEU B 463 -2.08 -13.72 -39.16
N VAL B 464 -1.18 -12.98 -39.78
CA VAL B 464 -1.58 -12.11 -40.88
C VAL B 464 -2.16 -12.92 -42.04
N LYS B 465 -1.53 -14.03 -42.37
CA LYS B 465 -2.02 -14.86 -43.47
C LYS B 465 -3.36 -15.51 -43.11
N VAL B 466 -3.44 -16.15 -41.95
CA VAL B 466 -4.67 -16.81 -41.52
C VAL B 466 -5.87 -15.87 -41.48
N ILE B 467 -5.72 -14.75 -40.76
CA ILE B 467 -6.80 -13.79 -40.64
C ILE B 467 -7.27 -13.31 -41.99
N SER B 468 -6.31 -12.94 -42.85
CA SER B 468 -6.63 -12.47 -44.19
C SER B 468 -7.41 -13.60 -44.87
N GLU B 469 -6.74 -14.74 -44.99
CA GLU B 469 -7.31 -15.92 -45.61
C GLU B 469 -8.74 -16.18 -45.11
N HIS B 470 -8.92 -16.15 -43.79
CA HIS B 470 -10.21 -16.39 -43.17
C HIS B 470 -11.24 -15.36 -43.66
N LYS B 471 -10.82 -14.10 -43.70
CA LYS B 471 -11.68 -13.01 -44.16
C LYS B 471 -12.15 -13.23 -45.60
N ASN B 472 -11.36 -13.96 -46.38
CA ASN B 472 -11.68 -14.24 -47.76
C ASN B 472 -12.45 -15.53 -47.98
N ARG B 473 -11.83 -16.64 -47.61
CA ARG B 473 -12.43 -17.95 -47.81
C ARG B 473 -13.50 -18.33 -46.78
N GLY B 474 -13.57 -17.62 -45.66
CA GLY B 474 -14.60 -17.93 -44.70
C GLY B 474 -14.26 -18.56 -43.36
N LEU B 475 -15.28 -19.08 -42.70
CA LEU B 475 -15.17 -19.71 -41.39
C LEU B 475 -14.19 -20.87 -41.25
N GLY B 476 -14.29 -21.86 -42.12
CA GLY B 476 -13.41 -23.01 -42.03
C GLY B 476 -11.93 -22.73 -41.98
N ILE B 477 -11.52 -21.54 -42.40
CA ILE B 477 -10.09 -21.20 -42.41
C ILE B 477 -9.44 -21.06 -41.03
N GLY B 478 -8.45 -21.91 -40.81
CA GLY B 478 -7.70 -21.90 -39.57
C GLY B 478 -6.25 -22.18 -39.92
N ILE B 479 -5.43 -22.49 -38.91
CA ILE B 479 -4.03 -22.79 -39.14
C ILE B 479 -3.80 -24.28 -39.22
N ASP B 480 -2.91 -24.68 -40.13
CA ASP B 480 -2.57 -26.07 -40.29
C ASP B 480 -1.10 -26.18 -39.88
N VAL B 481 -0.89 -26.41 -38.59
CA VAL B 481 0.45 -26.51 -38.02
C VAL B 481 1.33 -27.52 -38.74
N PHE B 482 0.71 -28.52 -39.33
CA PHE B 482 1.46 -29.54 -40.04
C PHE B 482 2.01 -29.05 -41.36
N GLU B 483 1.22 -28.28 -42.10
CA GLU B 483 1.69 -27.80 -43.38
C GLU B 483 2.23 -26.37 -43.25
N GLY B 484 2.09 -25.80 -42.05
CA GLY B 484 2.58 -24.46 -41.79
C GLY B 484 1.91 -23.34 -42.57
N LYS B 485 0.62 -23.49 -42.86
CA LYS B 485 -0.10 -22.45 -43.60
C LYS B 485 -1.60 -22.53 -43.32
N PRO B 486 -2.34 -21.45 -43.61
CA PRO B 486 -3.79 -21.46 -43.37
C PRO B 486 -4.41 -22.57 -44.18
N ALA B 487 -5.66 -22.89 -43.91
CA ALA B 487 -6.30 -23.95 -44.65
C ALA B 487 -7.74 -24.10 -44.21
N ASP B 488 -8.54 -24.80 -45.02
CA ASP B 488 -9.92 -25.02 -44.68
C ASP B 488 -9.96 -26.21 -43.71
N MET B 489 -10.13 -25.90 -42.43
CA MET B 489 -10.16 -26.91 -41.40
C MET B 489 -11.19 -27.97 -41.70
N LEU B 490 -12.34 -27.52 -42.21
CA LEU B 490 -13.43 -28.43 -42.52
C LEU B 490 -13.06 -29.45 -43.59
N GLU B 491 -12.54 -28.99 -44.73
CA GLU B 491 -12.14 -29.90 -45.81
C GLU B 491 -11.19 -30.95 -45.28
N LYS B 492 -10.35 -30.56 -44.32
CA LYS B 492 -9.37 -31.47 -43.75
C LYS B 492 -9.90 -32.32 -42.58
N GLY B 493 -11.17 -32.14 -42.23
CA GLY B 493 -11.76 -32.93 -41.16
C GLY B 493 -11.24 -32.64 -39.77
N ILE B 494 -10.60 -31.49 -39.60
CA ILE B 494 -10.06 -31.06 -38.32
C ILE B 494 -11.14 -30.26 -37.62
N ILE B 495 -11.99 -30.95 -36.88
CA ILE B 495 -13.11 -30.33 -36.19
C ILE B 495 -13.19 -30.74 -34.74
N GLU B 496 -13.87 -29.91 -33.95
CA GLU B 496 -14.05 -30.12 -32.53
C GLU B 496 -15.51 -29.86 -32.19
N PRO B 497 -15.97 -30.32 -31.01
CA PRO B 497 -17.37 -30.11 -30.60
C PRO B 497 -17.64 -28.63 -30.33
N LEU B 498 -18.87 -28.20 -30.57
CA LEU B 498 -19.25 -26.80 -30.32
C LEU B 498 -19.14 -26.55 -28.81
N ARG B 499 -19.46 -27.58 -28.02
CA ARG B 499 -19.42 -27.49 -26.56
C ARG B 499 -18.05 -27.15 -26.04
N VAL B 500 -17.02 -27.66 -26.70
CA VAL B 500 -15.67 -27.37 -26.27
C VAL B 500 -15.41 -25.87 -26.26
N LYS B 501 -15.71 -25.21 -27.38
CA LYS B 501 -15.48 -23.78 -27.49
C LYS B 501 -16.43 -22.92 -26.66
N LYS B 502 -17.68 -23.34 -26.52
CA LYS B 502 -18.65 -22.57 -25.74
C LYS B 502 -18.27 -22.53 -24.25
N GLN B 503 -17.87 -23.68 -23.71
CA GLN B 503 -17.50 -23.76 -22.30
C GLN B 503 -16.17 -23.06 -22.09
N ALA B 504 -15.24 -23.27 -23.01
CA ALA B 504 -13.93 -22.64 -22.92
C ALA B 504 -14.13 -21.16 -22.68
N ILE B 505 -14.90 -20.51 -23.55
CA ILE B 505 -15.14 -19.08 -23.43
C ILE B 505 -15.85 -18.71 -22.12
N LYS B 506 -16.87 -19.45 -21.75
CA LYS B 506 -17.58 -19.14 -20.50
C LYS B 506 -16.66 -19.16 -19.28
N SER B 507 -16.06 -20.30 -18.98
CA SER B 507 -15.18 -20.41 -17.83
C SER B 507 -14.04 -19.40 -17.89
N ALA B 508 -13.45 -19.24 -19.06
CA ALA B 508 -12.35 -18.31 -19.21
C ALA B 508 -12.74 -16.88 -18.87
N SER B 509 -13.82 -16.40 -19.46
CA SER B 509 -14.22 -15.03 -19.21
C SER B 509 -14.78 -14.80 -17.81
N GLU B 510 -15.55 -15.74 -17.29
CA GLU B 510 -16.11 -15.54 -15.95
C GLU B 510 -15.00 -15.49 -14.88
N ALA B 511 -13.92 -16.22 -15.10
CA ALA B 511 -12.81 -16.21 -14.15
C ALA B 511 -12.04 -14.91 -14.33
N ALA B 512 -11.78 -14.53 -15.57
CA ALA B 512 -11.05 -13.31 -15.84
C ALA B 512 -11.81 -12.12 -15.26
N ILE B 513 -13.12 -12.08 -15.47
CA ILE B 513 -13.90 -10.99 -14.93
C ILE B 513 -13.87 -10.99 -13.40
N MET B 514 -13.93 -12.17 -12.79
CA MET B 514 -13.89 -12.26 -11.34
C MET B 514 -12.57 -11.73 -10.78
N ILE B 515 -11.49 -12.04 -11.48
CA ILE B 515 -10.17 -11.63 -11.06
C ILE B 515 -9.96 -10.14 -11.20
N LEU B 516 -10.33 -9.61 -12.36
CA LEU B 516 -10.17 -8.19 -12.61
C LEU B 516 -10.94 -7.33 -11.60
N ARG B 517 -11.95 -7.90 -10.95
CA ARG B 517 -12.73 -7.16 -9.95
C ARG B 517 -12.07 -7.10 -8.58
N ILE B 518 -11.03 -7.91 -8.36
CA ILE B 518 -10.34 -7.91 -7.07
C ILE B 518 -9.32 -6.77 -6.96
N ASP B 519 -9.42 -5.95 -5.92
CA ASP B 519 -8.48 -4.84 -5.73
C ASP B 519 -7.92 -4.86 -4.32
N ASP B 520 -8.08 -6.01 -3.67
CA ASP B 520 -7.62 -6.17 -2.30
C ASP B 520 -7.38 -7.65 -2.07
N VAL B 521 -6.18 -7.98 -1.58
CA VAL B 521 -5.85 -9.37 -1.30
C VAL B 521 -5.35 -9.45 0.14
N ILE B 522 -6.02 -10.23 0.97
CA ILE B 522 -5.64 -10.37 2.37
C ILE B 522 -5.47 -11.84 2.72
N ALA B 523 -4.21 -12.27 2.82
CA ALA B 523 -3.88 -13.65 3.13
C ALA B 523 -3.36 -13.82 4.55
N ALA B 524 -3.93 -14.76 5.28
CA ALA B 524 -3.49 -14.99 6.66
C ALA B 524 -2.15 -15.70 6.60
N LYS B 525 -1.53 -15.85 7.76
CA LYS B 525 -0.24 -16.52 7.85
C LYS B 525 -0.52 -18.02 7.83
N ALA B 526 0.19 -18.75 6.97
CA ALA B 526 -0.01 -20.19 6.85
C ALA B 526 0.66 -20.99 7.98
N VAL C 9 8.63 -8.67 -7.73
CA VAL C 9 10.13 -8.63 -7.80
C VAL C 9 10.77 -7.91 -6.60
N VAL C 10 11.86 -8.47 -6.07
CA VAL C 10 12.57 -7.89 -4.92
C VAL C 10 13.35 -6.65 -5.30
N ILE C 11 12.76 -5.48 -5.04
CA ILE C 11 13.40 -4.22 -5.38
C ILE C 11 14.06 -3.57 -4.16
N LEU C 12 13.33 -3.52 -3.05
CA LEU C 12 13.85 -2.95 -1.81
C LEU C 12 14.32 -4.05 -0.89
N PRO C 13 15.39 -3.79 -0.13
CA PRO C 13 15.99 -4.76 0.82
C PRO C 13 14.99 -5.28 1.85
N GLU C 14 15.04 -6.57 2.14
CA GLU C 14 14.13 -7.14 3.13
C GLU C 14 14.45 -6.44 4.44
N GLY C 15 13.45 -5.78 5.01
CA GLY C 15 13.66 -5.07 6.26
C GLY C 15 13.22 -3.63 6.09
N THR C 16 13.25 -3.16 4.85
CA THR C 16 12.83 -1.81 4.55
C THR C 16 11.33 -1.73 4.76
N GLN C 17 10.88 -0.62 5.34
CA GLN C 17 9.47 -0.41 5.60
C GLN C 17 9.00 0.73 4.68
N ARG C 18 7.72 0.74 4.34
CA ARG C 18 7.22 1.78 3.46
C ARG C 18 5.72 2.05 3.61
N TYR C 19 5.35 3.32 3.52
CA TYR C 19 3.95 3.73 3.63
C TYR C 19 3.71 4.74 2.54
N VAL C 20 2.62 4.60 1.80
CA VAL C 20 2.36 5.54 0.72
C VAL C 20 0.99 6.18 0.90
N GLY C 21 0.78 7.30 0.21
CA GLY C 21 -0.49 8.01 0.30
C GLY C 21 -1.00 8.21 1.71
N ARG C 22 -2.30 8.06 1.89
CA ARG C 22 -2.95 8.25 3.18
C ARG C 22 -2.29 7.55 4.36
N ASP C 23 -1.66 6.40 4.14
CA ASP C 23 -1.00 5.72 5.25
C ASP C 23 0.23 6.54 5.66
N ALA C 24 0.94 7.03 4.66
CA ALA C 24 2.11 7.84 4.90
C ALA C 24 1.66 9.08 5.63
N GLN C 25 0.50 9.60 5.22
CA GLN C 25 -0.03 10.81 5.82
C GLN C 25 -0.55 10.60 7.23
N ARG C 26 -1.36 9.57 7.41
CA ARG C 26 -1.92 9.27 8.72
C ARG C 26 -0.79 9.10 9.72
N LEU C 27 0.21 8.32 9.35
CA LEU C 27 1.34 8.08 10.23
C LEU C 27 2.13 9.34 10.56
N ASN C 28 2.64 10.00 9.54
CA ASN C 28 3.44 11.20 9.77
C ASN C 28 2.74 12.26 10.59
N ILE C 29 1.48 12.52 10.29
CA ILE C 29 0.75 13.52 11.06
C ILE C 29 0.58 13.09 12.51
N LEU C 30 0.20 11.84 12.73
CA LEU C 30 -0.01 11.36 14.08
C LEU C 30 1.23 11.46 14.95
N ALA C 31 2.38 11.08 14.41
CA ALA C 31 3.63 11.16 15.15
C ALA C 31 3.84 12.60 15.64
N ALA C 32 3.59 13.54 14.74
CA ALA C 32 3.74 14.96 15.03
C ALA C 32 2.72 15.42 16.06
N ARG C 33 1.48 14.97 15.90
CA ARG C 33 0.43 15.34 16.83
C ARG C 33 0.79 14.85 18.23
N ILE C 34 1.26 13.63 18.32
CA ILE C 34 1.61 13.06 19.62
C ILE C 34 2.78 13.77 20.32
N ILE C 35 3.76 14.21 19.53
CA ILE C 35 4.90 14.94 20.10
C ILE C 35 4.41 16.28 20.64
N ALA C 36 3.57 16.95 19.87
CA ALA C 36 3.03 18.24 20.28
C ALA C 36 2.19 18.03 21.54
N GLU C 37 1.39 16.97 21.54
CA GLU C 37 0.56 16.67 22.69
C GLU C 37 1.42 16.36 23.92
N THR C 38 2.66 15.94 23.69
CA THR C 38 3.58 15.63 24.78
C THR C 38 4.15 16.88 25.44
N VAL C 39 4.50 17.88 24.65
CA VAL C 39 5.05 19.10 25.24
C VAL C 39 4.00 20.15 25.58
N ARG C 40 2.84 20.10 24.95
CA ARG C 40 1.84 21.12 25.24
C ARG C 40 1.49 21.24 26.72
N THR C 41 1.53 20.12 27.46
CA THR C 41 1.20 20.14 28.89
C THR C 41 2.16 20.99 29.71
N THR C 42 3.21 21.44 29.05
CA THR C 42 4.25 22.25 29.68
C THR C 42 4.00 23.74 29.49
N LEU C 43 3.29 24.07 28.42
CA LEU C 43 2.97 25.44 28.02
C LEU C 43 2.18 26.28 29.01
N GLY C 44 2.51 27.57 29.07
CA GLY C 44 1.80 28.50 29.93
C GLY C 44 2.17 28.59 31.39
N PRO C 45 1.77 29.68 32.08
CA PRO C 45 2.06 29.89 33.50
C PRO C 45 1.62 28.78 34.45
N LYS C 46 0.70 27.92 34.04
CA LYS C 46 0.29 26.82 34.91
C LYS C 46 0.68 25.49 34.30
N GLY C 47 1.64 25.52 33.38
CA GLY C 47 2.10 24.30 32.76
C GLY C 47 3.11 23.67 33.71
N MET C 48 3.23 22.34 33.66
CA MET C 48 4.13 21.61 34.54
C MET C 48 5.43 21.18 33.86
N ASP C 49 6.32 20.55 34.62
CA ASP C 49 7.62 20.13 34.12
C ASP C 49 7.78 18.63 33.84
N LYS C 50 8.79 18.28 33.05
CA LYS C 50 9.07 16.89 32.73
C LYS C 50 10.42 16.43 33.30
N MET C 51 10.46 15.19 33.78
CA MET C 51 11.68 14.62 34.32
C MET C 51 12.19 13.64 33.27
N LEU C 52 13.38 13.88 32.76
CA LEU C 52 13.96 13.02 31.73
C LEU C 52 15.26 12.34 32.15
N VAL C 53 15.30 11.02 32.01
CA VAL C 53 16.48 10.24 32.36
C VAL C 53 17.01 9.51 31.12
N ASP C 54 18.23 9.81 30.69
CA ASP C 54 18.77 9.13 29.51
C ASP C 54 19.26 7.73 29.84
N SER C 55 19.94 7.12 28.88
CA SER C 55 20.46 5.75 29.04
C SER C 55 21.53 5.63 30.12
N LEU C 56 22.28 6.72 30.34
CA LEU C 56 23.34 6.72 31.35
C LEU C 56 22.82 7.09 32.75
N GLY C 57 21.52 7.35 32.86
CA GLY C 57 20.96 7.69 34.15
C GLY C 57 21.01 9.17 34.50
N ASP C 58 21.50 9.98 33.56
CA ASP C 58 21.60 11.41 33.77
C ASP C 58 20.17 11.94 33.88
N ILE C 59 19.91 12.81 34.84
CA ILE C 59 18.56 13.34 35.04
C ILE C 59 18.38 14.82 34.66
N VAL C 60 17.37 15.10 33.85
CA VAL C 60 17.07 16.46 33.45
C VAL C 60 15.63 16.84 33.78
N VAL C 61 15.45 17.77 34.72
CA VAL C 61 14.14 18.26 35.11
C VAL C 61 14.01 19.67 34.52
N THR C 62 13.03 19.87 33.65
CA THR C 62 12.88 21.17 33.02
C THR C 62 11.49 21.36 32.44
N ASN C 63 11.15 22.62 32.17
CA ASN C 63 9.86 22.97 31.60
C ASN C 63 10.05 23.38 30.13
N ASP C 64 11.31 23.53 29.74
CA ASP C 64 11.67 23.94 28.38
C ASP C 64 11.36 22.95 27.27
N GLY C 65 10.57 23.38 26.30
CA GLY C 65 10.21 22.52 25.19
C GLY C 65 11.37 22.00 24.36
N ALA C 66 12.29 22.89 23.99
CA ALA C 66 13.44 22.50 23.20
C ALA C 66 14.29 21.49 23.95
N THR C 67 14.63 21.81 25.19
CA THR C 67 15.44 20.90 25.98
C THR C 67 14.81 19.51 26.00
N ILE C 68 13.50 19.47 26.25
CA ILE C 68 12.79 18.21 26.30
C ILE C 68 12.95 17.42 25.02
N LEU C 69 12.52 17.99 23.91
CA LEU C 69 12.62 17.32 22.61
C LEU C 69 14.03 16.91 22.28
N ASP C 70 15.00 17.70 22.72
CA ASP C 70 16.41 17.42 22.47
C ASP C 70 16.93 16.22 23.28
N LYS C 71 16.68 16.23 24.58
CA LYS C 71 17.13 15.16 25.45
C LYS C 71 16.41 13.84 25.20
N ILE C 72 15.11 13.88 24.96
CA ILE C 72 14.36 12.64 24.73
C ILE C 72 14.77 11.98 23.41
N ASP C 73 14.95 10.66 23.45
CA ASP C 73 15.36 9.93 22.26
C ASP C 73 14.19 9.48 21.40
N LEU C 74 13.78 10.33 20.47
CA LEU C 74 12.66 10.03 19.58
C LEU C 74 13.05 9.07 18.49
N GLN C 75 12.06 8.34 17.98
CA GLN C 75 12.30 7.37 16.91
C GLN C 75 11.66 7.85 15.61
N HIS C 76 10.34 7.74 15.51
CA HIS C 76 9.66 8.14 14.29
C HIS C 76 10.19 9.45 13.70
N PRO C 77 10.56 9.43 12.41
CA PRO C 77 11.10 10.60 11.70
C PRO C 77 10.25 11.86 11.75
N ALA C 78 8.93 11.72 11.60
CA ALA C 78 8.07 12.88 11.65
C ALA C 78 8.25 13.56 13.00
N ALA C 79 8.37 12.77 14.06
CA ALA C 79 8.54 13.31 15.41
C ALA C 79 9.88 14.05 15.50
N LYS C 80 10.88 13.55 14.78
CA LYS C 80 12.19 14.17 14.78
C LYS C 80 12.16 15.54 14.12
N MET C 81 11.37 15.67 13.07
CA MET C 81 11.27 16.94 12.38
C MET C 81 10.69 18.02 13.26
N MET C 82 9.74 17.66 14.11
CA MET C 82 9.15 18.65 14.99
C MET C 82 10.24 19.22 15.86
N VAL C 83 11.20 18.37 16.22
CA VAL C 83 12.31 18.77 17.05
C VAL C 83 13.04 19.93 16.38
N GLU C 84 13.14 19.90 15.05
CA GLU C 84 13.82 20.96 14.34
C GLU C 84 13.14 22.30 14.60
N VAL C 85 11.81 22.27 14.64
CA VAL C 85 11.00 23.46 14.89
C VAL C 85 11.39 24.10 16.23
N ALA C 86 11.39 23.30 17.29
CA ALA C 86 11.71 23.79 18.62
C ALA C 86 13.15 24.27 18.71
N LYS C 87 14.05 23.58 18.03
CA LYS C 87 15.46 23.94 18.08
C LYS C 87 15.72 25.29 17.42
N THR C 88 15.11 25.52 16.27
CA THR C 88 15.30 26.77 15.55
C THR C 88 14.63 27.93 16.26
N GLN C 89 13.45 27.66 16.80
CA GLN C 89 12.71 28.66 17.54
C GLN C 89 13.60 29.14 18.69
N ASP C 90 14.19 28.19 19.38
CA ASP C 90 15.06 28.48 20.52
C ASP C 90 16.27 29.34 20.18
N LYS C 91 16.90 29.08 19.04
CA LYS C 91 18.07 29.84 18.66
C LYS C 91 17.77 31.24 18.16
N GLU C 92 16.61 31.40 17.57
CA GLU C 92 16.25 32.67 17.01
C GLU C 92 15.54 33.60 18.00
N ALA C 93 14.61 33.06 18.79
CA ALA C 93 13.88 33.92 19.71
C ALA C 93 13.87 33.56 21.18
N GLY C 94 14.51 32.46 21.56
CA GLY C 94 14.53 32.09 22.96
C GLY C 94 13.27 31.36 23.38
N ASP C 95 12.25 32.10 23.80
CA ASP C 95 10.98 31.51 24.22
C ASP C 95 10.14 31.13 23.01
N GLY C 96 9.01 30.48 23.25
CA GLY C 96 8.11 30.09 22.19
C GLY C 96 8.35 28.71 21.57
N THR C 97 9.29 27.96 22.13
CA THR C 97 9.61 26.65 21.57
C THR C 97 8.47 25.67 21.65
N THR C 98 7.81 25.59 22.81
CA THR C 98 6.68 24.68 22.98
C THR C 98 5.52 25.18 22.09
N THR C 99 5.42 26.49 21.97
CA THR C 99 4.37 27.11 21.17
C THR C 99 4.45 26.69 19.71
N ALA C 100 5.65 26.73 19.14
CA ALA C 100 5.83 26.37 17.74
C ALA C 100 5.55 24.89 17.47
N VAL C 101 6.02 24.02 18.37
CA VAL C 101 5.77 22.59 18.18
C VAL C 101 4.28 22.33 18.27
N VAL C 102 3.63 22.93 19.25
CA VAL C 102 2.20 22.77 19.47
C VAL C 102 1.38 23.28 18.27
N ILE C 103 1.73 24.45 17.76
CA ILE C 103 1.01 25.00 16.62
C ILE C 103 1.22 24.09 15.40
N ALA C 104 2.45 23.61 15.25
CA ALA C 104 2.78 22.73 14.13
C ALA C 104 1.92 21.47 14.19
N GLY C 105 1.74 20.94 15.39
CA GLY C 105 0.94 19.76 15.54
C GLY C 105 -0.50 20.00 15.10
N GLU C 106 -1.08 21.07 15.63
CA GLU C 106 -2.45 21.44 15.32
C GLU C 106 -2.69 21.74 13.85
N LEU C 107 -1.73 22.40 13.21
CA LEU C 107 -1.90 22.72 11.79
C LEU C 107 -2.12 21.43 11.04
N LEU C 108 -1.28 20.44 11.33
CA LEU C 108 -1.39 19.14 10.68
C LEU C 108 -2.74 18.46 10.98
N ARG C 109 -3.16 18.52 12.24
CA ARG C 109 -4.43 17.93 12.63
C ARG C 109 -5.57 18.51 11.79
N LYS C 110 -5.57 19.82 11.65
CA LYS C 110 -6.60 20.51 10.89
C LYS C 110 -6.48 20.22 9.40
N ALA C 111 -5.26 19.92 8.96
CA ALA C 111 -5.05 19.63 7.55
C ALA C 111 -5.59 18.25 7.21
N GLU C 112 -5.56 17.32 8.16
CA GLU C 112 -6.04 15.98 7.85
C GLU C 112 -7.56 15.92 7.71
N GLU C 113 -8.26 16.90 8.25
CA GLU C 113 -9.70 16.89 8.10
C GLU C 113 -9.93 17.18 6.61
N LEU C 114 -9.14 18.10 6.07
CA LEU C 114 -9.25 18.47 4.67
C LEU C 114 -8.75 17.35 3.78
N LEU C 115 -7.63 16.81 4.17
CA LEU C 115 -7.02 15.68 3.47
C LEU C 115 -8.05 14.57 3.35
N ASP C 116 -8.86 14.43 4.38
CA ASP C 116 -9.88 13.39 4.43
C ASP C 116 -11.10 13.71 3.56
N GLN C 117 -11.29 14.97 3.32
CA GLN C 117 -12.37 15.49 2.47
C GLN C 117 -11.94 15.42 1.03
N ASN C 118 -10.72 14.99 0.83
CA ASN C 118 -10.12 14.79 -0.50
C ASN C 118 -9.67 16.06 -1.18
N ILE C 119 -9.24 17.04 -0.40
CA ILE C 119 -8.70 18.25 -0.94
C ILE C 119 -7.27 17.92 -1.30
N HIS C 120 -6.84 18.20 -2.53
CA HIS C 120 -5.48 17.87 -2.91
C HIS C 120 -4.46 18.56 -2.01
N PRO C 121 -3.41 17.83 -1.62
CA PRO C 121 -2.36 18.38 -0.75
C PRO C 121 -1.78 19.71 -1.26
N SER C 122 -1.62 19.86 -2.57
CA SER C 122 -1.08 21.10 -3.09
C SER C 122 -1.98 22.27 -2.70
N ILE C 123 -3.29 22.08 -2.76
CA ILE C 123 -4.21 23.15 -2.40
C ILE C 123 -4.06 23.50 -0.92
N ILE C 124 -4.08 22.49 -0.05
CA ILE C 124 -3.92 22.72 1.39
C ILE C 124 -2.61 23.46 1.61
N THR C 125 -1.55 22.93 1.01
CA THR C 125 -0.23 23.50 1.11
C THR C 125 -0.16 24.95 0.63
N LYS C 126 -0.89 25.26 -0.44
CA LYS C 126 -0.91 26.62 -0.96
C LYS C 126 -1.71 27.52 0.00
N GLY C 127 -2.84 27.00 0.47
CA GLY C 127 -3.67 27.77 1.38
C GLY C 127 -2.91 28.14 2.62
N TYR C 128 -2.13 27.19 3.15
CA TYR C 128 -1.38 27.47 4.36
C TYR C 128 -0.31 28.51 4.11
N ALA C 129 0.43 28.36 3.01
CA ALA C 129 1.48 29.33 2.69
C ALA C 129 0.89 30.73 2.62
N LEU C 130 -0.36 30.84 2.15
CA LEU C 130 -1.02 32.14 2.08
C LEU C 130 -1.34 32.67 3.48
N ALA C 131 -1.91 31.82 4.31
CA ALA C 131 -2.28 32.19 5.66
C ALA C 131 -1.06 32.59 6.46
N ALA C 132 0.02 31.81 6.28
CA ALA C 132 1.28 32.03 6.98
C ALA C 132 1.86 33.40 6.65
N GLU C 133 1.89 33.72 5.37
CA GLU C 133 2.40 35.01 4.90
C GLU C 133 1.54 36.13 5.48
N LYS C 134 0.22 35.93 5.42
CA LYS C 134 -0.72 36.92 5.93
C LYS C 134 -0.59 37.09 7.44
N ALA C 135 -0.23 36.01 8.14
CA ALA C 135 -0.07 36.08 9.59
C ALA C 135 1.10 36.98 9.98
N GLN C 136 2.14 37.00 9.15
CA GLN C 136 3.33 37.83 9.40
C GLN C 136 2.99 39.30 9.18
N GLU C 137 2.18 39.58 8.16
CA GLU C 137 1.79 40.95 7.86
C GLU C 137 1.00 41.53 9.03
N ILE C 138 0.05 40.74 9.51
CA ILE C 138 -0.79 41.16 10.62
C ILE C 138 0.05 41.39 11.86
N LEU C 139 0.98 40.48 12.12
CA LEU C 139 1.84 40.60 13.30
C LEU C 139 2.66 41.86 13.23
N ASP C 140 3.34 42.08 12.11
CA ASP C 140 4.13 43.29 11.97
C ASP C 140 3.22 44.50 12.22
N GLU C 141 1.96 44.41 11.81
CA GLU C 141 1.00 45.51 11.96
C GLU C 141 0.44 45.74 13.35
N ILE C 142 0.03 44.68 14.04
CA ILE C 142 -0.55 44.84 15.36
C ILE C 142 0.48 44.80 16.49
N ALA C 143 1.75 44.69 16.16
CA ALA C 143 2.79 44.68 17.19
C ALA C 143 2.92 46.07 17.76
N ILE C 144 3.29 46.12 19.04
CA ILE C 144 3.45 47.38 19.74
C ILE C 144 4.89 47.86 19.68
N ARG C 145 5.15 48.84 18.82
CA ARG C 145 6.49 49.39 18.69
C ARG C 145 6.88 50.03 20.00
N VAL C 146 8.06 49.68 20.50
CA VAL C 146 8.48 50.17 21.77
C VAL C 146 9.91 50.74 21.74
N ASP C 147 10.26 51.42 22.84
CA ASP C 147 11.57 52.03 23.01
C ASP C 147 12.55 50.91 23.32
N PRO C 148 13.36 50.52 22.32
CA PRO C 148 14.34 49.43 22.47
C PRO C 148 15.03 49.41 23.81
N ASP C 149 15.05 50.56 24.45
CA ASP C 149 15.74 50.74 25.71
C ASP C 149 14.88 50.77 26.97
N ASP C 150 13.60 51.06 26.82
CA ASP C 150 12.67 51.17 27.95
C ASP C 150 12.75 50.04 28.96
N GLU C 151 13.28 50.35 30.13
CA GLU C 151 13.44 49.37 31.18
C GLU C 151 12.12 48.77 31.68
N GLU C 152 11.09 49.59 31.82
CA GLU C 152 9.81 49.06 32.30
C GLU C 152 9.34 47.91 31.42
N THR C 153 9.45 48.09 30.11
CA THR C 153 9.04 47.06 29.16
C THR C 153 9.96 45.85 29.23
N LEU C 154 11.27 46.07 29.17
CA LEU C 154 12.21 44.97 29.22
C LEU C 154 11.99 44.12 30.47
N LEU C 155 11.55 44.73 31.56
CA LEU C 155 11.28 44.00 32.80
C LEU C 155 10.03 43.12 32.69
N LYS C 156 8.98 43.63 32.05
CA LYS C 156 7.77 42.84 31.89
C LYS C 156 8.06 41.66 30.98
N ILE C 157 8.87 41.89 29.94
CA ILE C 157 9.20 40.84 29.00
C ILE C 157 9.96 39.74 29.77
N ALA C 158 10.91 40.18 30.58
CA ALA C 158 11.70 39.26 31.37
C ALA C 158 10.85 38.49 32.38
N ALA C 159 10.06 39.23 33.15
CA ALA C 159 9.20 38.60 34.16
C ALA C 159 8.19 37.64 33.53
N THR C 160 7.59 38.08 32.42
CA THR C 160 6.61 37.26 31.71
C THR C 160 7.28 35.97 31.24
N SER C 161 8.52 36.08 30.83
CA SER C 161 9.28 34.94 30.37
C SER C 161 9.51 33.95 31.50
N ILE C 162 9.96 34.47 32.65
CA ILE C 162 10.25 33.68 33.84
C ILE C 162 8.98 33.31 34.58
N THR C 163 7.97 32.87 33.86
CA THR C 163 6.73 32.51 34.52
C THR C 163 6.31 31.10 34.12
N GLY C 164 5.76 30.36 35.07
CA GLY C 164 5.34 29.01 34.77
C GLY C 164 6.55 28.12 34.64
N LYS C 165 7.61 28.52 35.30
CA LYS C 165 8.86 27.78 35.30
C LYS C 165 9.21 27.62 36.77
N ASN C 166 9.99 26.59 37.09
CA ASN C 166 10.38 26.36 38.46
C ASN C 166 10.80 27.66 39.18
N ALA C 167 11.66 28.44 38.54
CA ALA C 167 12.16 29.68 39.12
C ALA C 167 11.16 30.84 39.33
N GLU C 168 9.91 30.68 38.90
CA GLU C 168 8.94 31.77 39.04
C GLU C 168 8.83 32.37 40.43
N SER C 169 9.26 31.63 41.45
CA SER C 169 9.19 32.11 42.83
C SER C 169 9.97 33.41 43.03
N HIS C 170 11.05 33.57 42.27
CA HIS C 170 11.91 34.74 42.40
C HIS C 170 12.02 35.50 41.07
N LYS C 171 10.92 35.57 40.33
CA LYS C 171 10.96 36.24 39.05
C LYS C 171 11.24 37.72 39.07
N GLU C 172 10.81 38.41 40.12
CA GLU C 172 11.07 39.83 40.21
C GLU C 172 12.58 40.09 40.18
N LEU C 173 13.31 39.32 40.98
CA LEU C 173 14.76 39.43 41.06
C LEU C 173 15.44 38.99 39.77
N LEU C 174 15.19 37.75 39.37
CA LEU C 174 15.79 37.20 38.15
C LEU C 174 15.53 38.09 36.95
N ALA C 175 14.30 38.60 36.83
CA ALA C 175 13.97 39.47 35.71
C ALA C 175 14.91 40.67 35.75
N LYS C 176 15.01 41.26 36.93
CA LYS C 176 15.85 42.42 37.19
C LYS C 176 17.30 42.16 36.78
N LEU C 177 17.85 41.03 37.22
CA LEU C 177 19.22 40.64 36.92
C LEU C 177 19.43 40.40 35.42
N ALA C 178 18.42 39.83 34.77
CA ALA C 178 18.45 39.54 33.35
C ALA C 178 18.39 40.82 32.50
N VAL C 179 17.53 41.76 32.88
CA VAL C 179 17.45 43.00 32.13
C VAL C 179 18.74 43.81 32.29
N GLU C 180 19.19 44.00 33.53
CA GLU C 180 20.41 44.76 33.78
C GLU C 180 21.59 44.24 32.97
N ALA C 181 21.78 42.93 32.97
CA ALA C 181 22.90 42.32 32.25
C ALA C 181 22.86 42.60 30.76
N VAL C 182 21.69 42.45 30.14
CA VAL C 182 21.59 42.69 28.71
C VAL C 182 21.82 44.17 28.40
N LYS C 183 21.25 45.06 29.22
CA LYS C 183 21.43 46.50 29.03
C LYS C 183 22.91 46.84 28.95
N GLN C 184 23.66 46.41 29.96
CA GLN C 184 25.10 46.65 30.04
C GLN C 184 25.87 46.15 28.82
N VAL C 185 25.70 44.87 28.54
CA VAL C 185 26.37 44.23 27.43
C VAL C 185 25.95 44.81 26.08
N ALA C 186 24.66 45.12 25.94
CA ALA C 186 24.13 45.68 24.69
C ALA C 186 24.99 46.76 24.07
N GLU C 187 25.25 46.63 22.78
CA GLU C 187 26.04 47.60 22.03
C GLU C 187 25.13 48.48 21.21
N LYS C 188 25.32 49.79 21.36
CA LYS C 188 24.53 50.79 20.66
C LYS C 188 25.19 51.17 19.34
N LYS C 189 24.41 51.16 18.26
CA LYS C 189 24.93 51.54 16.95
C LYS C 189 23.78 51.83 15.99
N ASP C 190 23.60 53.11 15.67
CA ASP C 190 22.54 53.55 14.75
C ASP C 190 21.17 53.48 15.43
N GLY C 191 21.07 54.04 16.64
CA GLY C 191 19.80 54.02 17.36
C GLY C 191 19.20 52.63 17.42
N LYS C 192 19.96 51.64 16.98
CA LYS C 192 19.52 50.25 16.97
C LYS C 192 20.55 49.43 17.76
N TYR C 193 20.07 48.58 18.67
CA TYR C 193 20.97 47.77 19.49
C TYR C 193 21.29 46.39 18.95
N VAL C 194 22.40 45.84 19.44
CA VAL C 194 22.81 44.49 19.10
C VAL C 194 23.41 43.91 20.36
N VAL C 195 22.92 42.73 20.73
CA VAL C 195 23.38 42.09 21.95
C VAL C 195 24.10 40.79 21.65
N ASP C 196 25.34 40.68 22.14
CA ASP C 196 26.10 39.46 21.98
C ASP C 196 26.02 38.72 23.31
N LEU C 197 25.15 37.72 23.36
CA LEU C 197 24.95 36.96 24.58
C LEU C 197 26.19 36.28 25.16
N ASP C 198 27.29 36.27 24.42
CA ASP C 198 28.54 35.67 24.91
C ASP C 198 29.19 36.58 25.94
N ASN C 199 28.72 37.82 26.02
CA ASN C 199 29.27 38.76 26.97
C ASN C 199 28.60 38.62 28.32
N ILE C 200 27.68 37.66 28.42
CA ILE C 200 27.01 37.43 29.68
C ILE C 200 27.33 36.01 30.17
N LYS C 201 28.06 35.93 31.27
CA LYS C 201 28.45 34.67 31.87
C LYS C 201 27.37 34.16 32.81
N PHE C 202 27.23 32.85 32.86
CA PHE C 202 26.29 32.23 33.79
C PHE C 202 27.10 31.27 34.64
N GLU C 203 27.38 31.71 35.85
CA GLU C 203 28.14 30.90 36.78
C GLU C 203 27.16 30.44 37.84
N LYS C 204 27.10 29.13 38.06
CA LYS C 204 26.18 28.60 39.06
C LYS C 204 26.90 27.78 40.13
N LYS C 205 26.38 27.86 41.35
CA LYS C 205 26.96 27.13 42.46
C LYS C 205 25.86 26.86 43.46
N ALA C 206 25.55 25.58 43.67
CA ALA C 206 24.50 25.21 44.61
C ALA C 206 24.85 25.69 46.03
N GLY C 207 23.81 25.95 46.80
CA GLY C 207 23.99 26.44 48.15
C GLY C 207 23.13 27.68 48.29
N GLU C 208 22.85 28.09 49.52
CA GLU C 208 22.01 29.27 49.72
C GLU C 208 20.67 29.01 49.02
N GLY C 209 20.00 30.08 48.62
CA GLY C 209 18.73 29.93 47.94
C GLY C 209 18.79 30.66 46.61
N VAL C 210 17.81 30.42 45.76
CA VAL C 210 17.80 31.07 44.46
C VAL C 210 17.72 32.57 44.69
N GLU C 211 17.11 32.96 45.80
CA GLU C 211 16.95 34.36 46.15
C GLU C 211 18.29 35.06 46.34
N GLU C 212 19.36 34.28 46.42
CA GLU C 212 20.71 34.81 46.62
C GLU C 212 21.51 35.01 45.34
N SER C 213 20.90 34.74 44.19
CA SER C 213 21.60 34.93 42.93
C SER C 213 21.88 36.43 42.75
N GLU C 214 22.89 36.76 41.95
CA GLU C 214 23.25 38.17 41.74
C GLU C 214 23.96 38.48 40.42
N LEU C 215 24.06 39.77 40.11
CA LEU C 215 24.72 40.24 38.91
C LEU C 215 26.05 40.87 39.31
N VAL C 216 27.12 40.34 38.75
CA VAL C 216 28.45 40.83 39.04
C VAL C 216 28.96 41.66 37.87
N ARG C 217 29.12 42.96 38.08
CA ARG C 217 29.62 43.83 37.01
C ARG C 217 31.09 43.53 36.83
N GLY C 218 31.37 42.37 36.25
CA GLY C 218 32.73 41.93 36.03
C GLY C 218 32.66 40.47 35.67
N VAL C 219 33.60 39.68 36.16
CA VAL C 219 33.62 38.26 35.85
C VAL C 219 33.86 37.39 37.06
N VAL C 220 33.24 36.21 37.10
CA VAL C 220 33.43 35.27 38.20
C VAL C 220 34.09 34.04 37.61
N ILE C 221 35.40 33.89 37.80
CA ILE C 221 36.15 32.75 37.28
C ILE C 221 36.27 31.64 38.31
N ASP C 222 35.93 30.42 37.91
CA ASP C 222 36.02 29.28 38.82
C ASP C 222 37.46 28.76 38.82
N LYS C 223 38.37 29.61 39.28
CA LYS C 223 39.78 29.25 39.33
C LYS C 223 40.34 29.60 40.72
N GLU C 224 41.65 29.51 40.89
CA GLU C 224 42.31 29.82 42.17
C GLU C 224 43.58 30.61 41.99
N VAL C 225 44.01 31.25 43.07
CA VAL C 225 45.26 32.00 43.06
C VAL C 225 46.36 30.94 43.13
N VAL C 226 47.19 30.86 42.08
CA VAL C 226 48.25 29.85 42.01
C VAL C 226 49.14 29.67 43.23
N HIS C 227 49.53 30.76 43.86
CA HIS C 227 50.45 30.67 44.99
C HIS C 227 49.82 31.12 46.31
N PRO C 228 50.08 30.37 47.39
CA PRO C 228 49.52 30.69 48.71
C PRO C 228 50.02 31.97 49.36
N ARG C 229 51.20 32.45 48.95
CA ARG C 229 51.78 33.66 49.52
C ARG C 229 51.27 34.93 48.84
N MET C 230 50.51 34.75 47.75
CA MET C 230 49.98 35.90 47.02
C MET C 230 48.77 36.47 47.76
N PRO C 231 48.39 37.71 47.46
CA PRO C 231 47.24 38.32 48.14
C PRO C 231 45.91 37.75 47.64
N LYS C 232 44.97 37.55 48.57
CA LYS C 232 43.67 37.01 48.20
C LYS C 232 42.65 38.10 47.92
N ARG C 233 43.06 39.36 48.08
CA ARG C 233 42.19 40.48 47.81
C ARG C 233 43.04 41.65 47.37
N VAL C 234 42.60 42.33 46.33
CA VAL C 234 43.32 43.47 45.80
C VAL C 234 42.23 44.47 45.49
N GLU C 235 42.33 45.66 46.08
CA GLU C 235 41.34 46.68 45.89
C GLU C 235 41.35 47.34 44.51
N ASN C 236 42.06 48.43 44.33
CA ASN C 236 42.05 49.07 43.02
C ASN C 236 42.97 48.40 42.04
N ALA C 237 42.67 47.12 41.80
CA ALA C 237 43.43 46.25 40.92
C ALA C 237 43.64 46.69 39.49
N LYS C 238 44.90 46.57 39.07
CA LYS C 238 45.33 46.85 37.72
C LYS C 238 45.49 45.45 37.16
N ILE C 239 44.58 45.04 36.28
CA ILE C 239 44.62 43.70 35.73
C ILE C 239 45.38 43.58 34.42
N ALA C 240 46.23 42.57 34.36
CA ALA C 240 47.02 42.30 33.17
C ALA C 240 46.52 40.97 32.62
N LEU C 241 46.35 40.90 31.31
CA LEU C 241 45.89 39.66 30.69
C LEU C 241 46.93 39.16 29.68
N ILE C 242 47.49 37.99 29.96
CA ILE C 242 48.50 37.39 29.09
C ILE C 242 48.07 35.99 28.73
N ASN C 243 48.29 35.55 27.50
CA ASN C 243 47.89 34.19 27.20
C ASN C 243 49.11 33.33 26.87
N GLU C 244 50.28 33.93 26.96
CA GLU C 244 51.55 33.23 26.74
C GLU C 244 51.90 32.62 28.10
N ALA C 245 52.22 31.33 28.13
CA ALA C 245 52.56 30.71 29.40
C ALA C 245 53.80 31.35 30.03
N LEU C 246 53.71 31.67 31.31
CA LEU C 246 54.85 32.24 32.04
C LEU C 246 55.80 31.08 32.34
N GLU C 247 56.72 30.84 31.41
CA GLU C 247 57.67 29.75 31.54
C GLU C 247 58.81 29.93 30.53
N VAL C 248 59.79 29.03 30.57
CA VAL C 248 60.95 29.09 29.68
C VAL C 248 60.57 28.78 28.23
N LYS C 249 60.63 29.81 27.38
CA LYS C 249 60.28 29.69 25.96
C LYS C 249 61.29 28.85 25.16
N LYS C 250 60.78 28.05 24.21
CA LYS C 250 61.62 27.22 23.35
C LYS C 250 61.27 27.56 21.91
N THR C 251 62.26 27.65 21.04
CA THR C 251 61.98 27.97 19.64
C THR C 251 61.09 26.94 18.96
N GLU C 252 60.55 27.31 17.80
CA GLU C 252 59.69 26.45 17.00
C GLU C 252 60.59 25.52 16.24
N THR C 253 61.73 26.07 15.81
CA THR C 253 62.76 25.34 15.06
C THR C 253 63.43 24.42 16.08
N ASP C 254 63.60 23.14 15.74
CA ASP C 254 64.25 22.23 16.67
C ASP C 254 65.58 22.82 17.07
N ALA C 255 65.94 22.67 18.35
CA ALA C 255 67.19 23.22 18.87
C ALA C 255 67.62 22.42 20.09
N LYS C 256 68.92 22.29 20.29
CA LYS C 256 69.42 21.51 21.43
C LYS C 256 70.76 22.05 21.91
N ILE C 257 70.88 22.26 23.22
CA ILE C 257 72.12 22.77 23.79
C ILE C 257 73.24 21.75 23.68
N ASN C 258 74.43 22.23 23.30
CA ASN C 258 75.58 21.35 23.16
C ASN C 258 76.64 21.62 24.22
N ILE C 259 76.44 21.05 25.41
CA ILE C 259 77.37 21.24 26.51
C ILE C 259 78.73 20.70 26.18
N THR C 260 79.74 21.55 26.37
CA THR C 260 81.11 21.22 26.08
C THR C 260 82.06 21.46 27.25
N SER C 261 81.63 22.27 28.21
CA SER C 261 82.45 22.53 29.39
C SER C 261 81.53 22.45 30.61
N PRO C 262 82.08 22.08 31.77
CA PRO C 262 81.28 21.97 32.98
C PRO C 262 80.64 23.28 33.41
N ASP C 263 81.24 24.40 33.04
CA ASP C 263 80.69 25.67 33.45
C ASP C 263 79.37 26.00 32.75
N GLN C 264 79.16 25.42 31.58
CA GLN C 264 77.93 25.68 30.84
C GLN C 264 76.71 25.14 31.54
N LEU C 265 76.85 24.02 32.23
CA LEU C 265 75.71 23.46 32.93
C LEU C 265 75.05 24.56 33.77
N MET C 266 75.88 25.36 34.45
CA MET C 266 75.40 26.44 35.28
C MET C 266 74.96 27.64 34.45
N SER C 267 75.83 28.10 33.57
CA SER C 267 75.50 29.25 32.75
C SER C 267 74.16 29.12 32.03
N PHE C 268 73.77 27.90 31.64
CA PHE C 268 72.49 27.72 30.95
C PHE C 268 71.30 27.59 31.92
N LEU C 269 71.54 27.03 33.09
CA LEU C 269 70.47 26.91 34.07
C LEU C 269 70.14 28.31 34.53
N GLU C 270 71.16 29.13 34.65
CA GLU C 270 70.97 30.50 35.08
C GLU C 270 70.33 31.34 34.00
N GLN C 271 70.71 31.09 32.76
CA GLN C 271 70.13 31.85 31.67
C GLN C 271 68.62 31.64 31.65
N GLU C 272 68.19 30.39 31.83
CA GLU C 272 66.76 30.13 31.81
C GLU C 272 66.12 30.79 33.01
N GLU C 273 66.84 30.77 34.12
CA GLU C 273 66.36 31.36 35.36
C GLU C 273 66.11 32.85 35.13
N LYS C 274 67.08 33.51 34.51
CA LYS C 274 67.00 34.93 34.22
C LYS C 274 65.81 35.24 33.30
N MET C 275 65.62 34.44 32.27
CA MET C 275 64.51 34.64 31.35
C MET C 275 63.17 34.63 32.10
N LEU C 276 62.99 33.61 32.95
CA LEU C 276 61.79 33.46 33.74
C LEU C 276 61.57 34.67 34.67
N LYS C 277 62.66 35.15 35.28
CA LYS C 277 62.57 36.29 36.18
C LYS C 277 62.24 37.57 35.44
N ASP C 278 62.94 37.81 34.33
CA ASP C 278 62.70 39.02 33.56
C ASP C 278 61.25 39.15 33.15
N MET C 279 60.60 38.02 32.88
CA MET C 279 59.19 38.04 32.50
C MET C 279 58.40 38.62 33.67
N VAL C 280 58.55 38.00 34.84
CA VAL C 280 57.85 38.45 36.03
C VAL C 280 58.22 39.90 36.32
N ASP C 281 59.51 40.21 36.23
CA ASP C 281 59.98 41.58 36.47
C ASP C 281 59.28 42.53 35.52
N HIS C 282 59.21 42.16 34.24
CA HIS C 282 58.58 43.01 33.27
C HIS C 282 57.16 43.33 33.69
N ILE C 283 56.42 42.29 34.08
CA ILE C 283 55.04 42.45 34.50
C ILE C 283 54.96 43.48 35.62
N ALA C 284 55.68 43.23 36.71
CA ALA C 284 55.71 44.14 37.84
C ALA C 284 55.87 45.61 37.44
N GLN C 285 56.82 45.88 36.54
CA GLN C 285 57.11 47.23 36.10
C GLN C 285 55.97 47.96 35.40
N THR C 286 54.95 47.22 34.98
CA THR C 286 53.80 47.85 34.32
C THR C 286 52.90 48.39 35.44
N GLY C 287 53.17 47.95 36.66
CA GLY C 287 52.39 48.37 37.81
C GLY C 287 51.21 47.47 38.08
N ALA C 288 51.13 46.37 37.33
CA ALA C 288 50.04 45.41 37.47
C ALA C 288 50.13 44.66 38.79
N ASN C 289 49.00 44.47 39.47
CA ASN C 289 49.01 43.72 40.73
C ASN C 289 48.13 42.48 40.63
N VAL C 290 47.56 42.25 39.46
CA VAL C 290 46.73 41.09 39.23
C VAL C 290 46.97 40.64 37.80
N VAL C 291 47.31 39.37 37.62
CA VAL C 291 47.56 38.85 36.29
C VAL C 291 46.80 37.56 36.04
N PHE C 292 46.14 37.49 34.89
CA PHE C 292 45.42 36.29 34.49
C PHE C 292 46.18 35.72 33.31
N VAL C 293 46.64 34.48 33.45
CA VAL C 293 47.38 33.84 32.38
C VAL C 293 46.58 32.69 31.78
N GLN C 294 46.36 32.76 30.48
CA GLN C 294 45.60 31.71 29.81
C GLN C 294 46.30 30.36 29.93
N LYS C 295 47.61 30.36 30.02
CA LYS C 295 48.33 29.10 30.13
C LYS C 295 49.09 28.92 31.45
N GLY C 296 50.12 28.08 31.44
CA GLY C 296 50.86 27.81 32.68
C GLY C 296 51.76 28.88 33.26
N ILE C 297 52.17 28.67 34.49
CA ILE C 297 53.05 29.60 35.20
C ILE C 297 54.05 28.79 36.05
N ASP C 298 55.31 28.68 35.60
CA ASP C 298 56.29 27.92 36.38
C ASP C 298 56.39 28.37 37.83
N ASP C 299 56.82 27.44 38.69
CA ASP C 299 56.96 27.73 40.11
C ASP C 299 57.86 28.91 40.36
N LEU C 300 58.97 28.99 39.66
CA LEU C 300 59.86 30.12 39.89
C LEU C 300 59.12 31.42 39.59
N ALA C 301 58.38 31.44 38.47
CA ALA C 301 57.62 32.62 38.09
C ALA C 301 56.66 33.00 39.21
N GLN C 302 55.86 32.02 39.64
CA GLN C 302 54.89 32.22 40.71
C GLN C 302 55.55 32.81 41.93
N HIS C 303 56.74 32.33 42.22
CA HIS C 303 57.50 32.80 43.38
C HIS C 303 57.85 34.28 43.27
N TYR C 304 58.23 34.74 42.09
CA TYR C 304 58.56 36.14 41.96
C TYR C 304 57.28 36.97 41.99
N LEU C 305 56.21 36.46 41.39
CA LEU C 305 54.95 37.18 41.40
C LEU C 305 54.52 37.33 42.86
N ALA C 306 54.68 36.26 43.63
CA ALA C 306 54.31 36.28 45.04
C ALA C 306 55.12 37.32 45.77
N LYS C 307 56.44 37.33 45.57
CA LYS C 307 57.31 38.30 46.24
C LYS C 307 56.99 39.73 45.84
N TYR C 308 56.36 39.89 44.69
CA TYR C 308 56.00 41.22 44.21
C TYR C 308 54.64 41.62 44.74
N GLY C 309 53.97 40.70 45.42
CA GLY C 309 52.65 40.97 45.96
C GLY C 309 51.61 40.95 44.85
N ILE C 310 51.99 40.34 43.73
CA ILE C 310 51.10 40.25 42.59
C ILE C 310 50.25 39.00 42.64
N MET C 311 48.93 39.17 42.58
CA MET C 311 48.04 38.03 42.58
C MET C 311 48.05 37.45 41.17
N ALA C 312 48.06 36.13 41.05
CA ALA C 312 48.07 35.49 39.74
C ALA C 312 47.27 34.18 39.65
N VAL C 313 46.57 34.04 38.53
CA VAL C 313 45.77 32.86 38.24
C VAL C 313 46.27 32.32 36.89
N ARG C 314 46.38 31.00 36.80
CA ARG C 314 46.86 30.39 35.56
C ARG C 314 45.83 29.50 34.88
N ARG C 315 46.19 29.02 33.69
CA ARG C 315 45.34 28.15 32.90
C ARG C 315 43.89 28.67 32.86
N VAL C 316 43.71 29.97 32.60
CA VAL C 316 42.38 30.56 32.53
C VAL C 316 41.76 30.27 31.16
N LYS C 317 40.49 29.87 31.14
CA LYS C 317 39.81 29.55 29.87
C LYS C 317 39.89 30.68 28.85
N LYS C 318 40.06 30.31 27.58
CA LYS C 318 40.15 31.28 26.49
C LYS C 318 38.97 32.25 26.51
N SER C 319 37.77 31.73 26.70
CA SER C 319 36.57 32.55 26.75
C SER C 319 36.55 33.43 28.00
N ASP C 320 37.23 32.98 29.04
CA ASP C 320 37.27 33.75 30.27
C ASP C 320 38.22 34.93 30.13
N MET C 321 39.25 34.77 29.30
CA MET C 321 40.20 35.85 29.09
C MET C 321 39.48 36.97 28.38
N GLU C 322 38.60 36.59 27.45
CA GLU C 322 37.84 37.58 26.68
C GLU C 322 36.86 38.37 27.52
N LYS C 323 36.19 37.70 28.45
CA LYS C 323 35.22 38.37 29.30
C LYS C 323 35.94 39.36 30.19
N LEU C 324 37.07 38.94 30.75
CA LEU C 324 37.86 39.80 31.61
C LEU C 324 38.28 41.06 30.85
N ALA C 325 38.67 40.87 29.60
CA ALA C 325 39.08 41.99 28.77
C ALA C 325 37.92 42.99 28.64
N LYS C 326 36.75 42.51 28.23
CA LYS C 326 35.59 43.37 28.06
C LYS C 326 35.07 43.99 29.34
N ALA C 327 35.23 43.30 30.46
CA ALA C 327 34.75 43.82 31.73
C ALA C 327 35.68 44.87 32.30
N THR C 328 36.94 44.48 32.48
CA THR C 328 37.97 45.35 33.07
C THR C 328 38.60 46.40 32.18
N GLY C 329 38.49 46.26 30.86
CA GLY C 329 39.10 47.24 29.99
C GLY C 329 40.46 46.76 29.52
N ALA C 330 41.05 45.83 30.28
CA ALA C 330 42.36 45.27 29.92
C ALA C 330 42.41 44.75 28.48
N LYS C 331 43.61 44.76 27.90
CA LYS C 331 43.79 44.25 26.54
C LYS C 331 44.66 43.01 26.63
N ILE C 332 44.20 41.90 26.07
CA ILE C 332 44.98 40.67 26.10
C ILE C 332 46.25 40.87 25.30
N VAL C 333 47.37 40.44 25.87
CA VAL C 333 48.66 40.56 25.21
C VAL C 333 49.24 39.17 25.02
N THR C 334 49.65 38.84 23.80
CA THR C 334 50.21 37.52 23.55
C THR C 334 51.52 37.32 24.32
N ASN C 335 52.52 38.18 24.13
CA ASN C 335 53.79 38.04 24.84
C ASN C 335 53.96 39.04 25.99
N VAL C 336 54.48 38.53 27.12
CA VAL C 336 54.73 39.35 28.31
C VAL C 336 55.52 40.59 27.88
N LYS C 337 56.46 40.36 26.98
CA LYS C 337 57.33 41.40 26.43
C LYS C 337 56.59 42.63 25.90
N ASP C 338 55.42 42.41 25.29
CA ASP C 338 54.62 43.49 24.72
C ASP C 338 53.65 44.10 25.72
N LEU C 339 53.68 43.64 26.97
CA LEU C 339 52.77 44.18 27.98
C LEU C 339 53.19 45.59 28.37
N THR C 340 52.24 46.51 28.30
CA THR C 340 52.49 47.90 28.69
C THR C 340 51.38 48.29 29.66
N PRO C 341 51.55 49.40 30.40
CA PRO C 341 50.52 49.82 31.34
C PRO C 341 49.19 50.11 30.65
N GLU C 342 49.26 50.60 29.42
CA GLU C 342 48.06 50.93 28.66
C GLU C 342 47.23 49.68 28.36
N ASP C 343 47.75 48.52 28.74
CA ASP C 343 47.08 47.24 28.52
C ASP C 343 46.43 46.70 29.78
N LEU C 344 46.63 47.37 30.91
CA LEU C 344 46.06 46.91 32.15
C LEU C 344 44.60 47.29 32.27
N GLY C 345 43.81 46.43 32.89
CA GLY C 345 42.40 46.72 33.06
C GLY C 345 42.15 47.15 34.49
N TYR C 346 40.93 47.57 34.79
CA TYR C 346 40.58 48.02 36.13
C TYR C 346 39.40 47.28 36.73
N ALA C 347 39.46 47.09 38.03
CA ALA C 347 38.40 46.43 38.77
C ALA C 347 38.49 46.94 40.20
N GLU C 348 37.33 47.29 40.73
CA GLU C 348 37.23 47.82 42.09
C GLU C 348 37.74 46.82 43.12
N VAL C 349 37.51 45.54 42.86
CA VAL C 349 37.96 44.49 43.77
C VAL C 349 38.12 43.16 43.01
N VAL C 350 39.19 42.46 43.32
CA VAL C 350 39.44 41.18 42.72
C VAL C 350 39.88 40.31 43.88
N GLU C 351 39.09 39.29 44.21
CA GLU C 351 39.50 38.45 45.32
C GLU C 351 38.99 37.01 45.28
N GLU C 352 39.79 36.13 45.87
CA GLU C 352 39.47 34.71 45.97
C GLU C 352 38.38 34.64 47.02
N ARG C 353 37.38 33.79 46.80
CA ARG C 353 36.28 33.69 47.74
C ARG C 353 35.72 32.27 47.64
N LYS C 354 35.34 31.70 48.77
CA LYS C 354 34.81 30.34 48.76
C LYS C 354 33.30 30.28 48.67
N LEU C 355 32.81 29.48 47.73
CA LEU C 355 31.38 29.30 47.54
C LEU C 355 31.06 27.82 47.63
N ALA C 356 30.20 27.48 48.60
CA ALA C 356 29.83 26.09 48.79
C ALA C 356 31.15 25.31 48.82
N GLY C 357 32.10 25.78 49.63
CA GLY C 357 33.38 25.12 49.73
C GLY C 357 34.45 25.59 48.73
N GLU C 358 34.21 25.36 47.44
CA GLU C 358 35.13 25.73 46.35
C GLU C 358 35.55 27.20 46.28
N ASN C 359 36.84 27.44 46.05
CA ASN C 359 37.35 28.80 45.91
C ASN C 359 37.03 29.28 44.49
N MET C 360 36.92 30.59 44.32
CA MET C 360 36.63 31.16 43.01
C MET C 360 37.11 32.59 43.00
N ILE C 361 37.54 33.07 41.85
CA ILE C 361 38.00 34.46 41.78
C ILE C 361 36.87 35.37 41.32
N PHE C 362 36.72 36.50 42.01
CA PHE C 362 35.68 37.47 41.67
C PHE C 362 36.34 38.76 41.22
N VAL C 363 36.04 39.19 40.00
CA VAL C 363 36.55 40.44 39.46
C VAL C 363 35.33 41.33 39.38
N GLU C 364 35.09 42.14 40.40
CA GLU C 364 33.90 42.98 40.42
C GLU C 364 34.14 44.49 40.51
N GLY C 365 33.08 45.25 40.28
CA GLY C 365 33.17 46.69 40.34
C GLY C 365 33.87 47.33 39.17
N CYS C 366 33.80 46.71 38.00
CA CYS C 366 34.45 47.27 36.82
C CYS C 366 33.67 48.53 36.41
N LYS C 367 34.38 49.53 35.88
CA LYS C 367 33.75 50.79 35.49
C LYS C 367 32.51 50.63 34.62
N ASN C 368 32.72 50.29 33.36
CA ASN C 368 31.60 50.10 32.44
C ASN C 368 31.87 48.81 31.70
N PRO C 369 31.68 47.67 32.38
CA PRO C 369 31.91 46.35 31.79
C PRO C 369 31.16 46.14 30.48
N LYS C 370 31.82 45.44 29.55
CA LYS C 370 31.23 45.15 28.25
C LYS C 370 30.89 43.65 28.26
N ALA C 371 31.12 43.04 29.42
CA ALA C 371 30.84 41.64 29.67
C ALA C 371 30.45 41.59 31.15
N VAL C 372 29.38 40.86 31.45
CA VAL C 372 28.87 40.77 32.80
C VAL C 372 28.63 39.31 33.21
N THR C 373 28.49 39.06 34.51
CA THR C 373 28.28 37.70 34.98
C THR C 373 27.13 37.55 35.98
N ILE C 374 26.24 36.61 35.71
CA ILE C 374 25.15 36.35 36.63
C ILE C 374 25.50 35.13 37.47
N LEU C 375 25.59 35.33 38.77
CA LEU C 375 25.94 34.25 39.70
C LEU C 375 24.63 33.64 40.17
N ILE C 376 24.43 32.36 39.84
CA ILE C 376 23.21 31.66 40.22
C ILE C 376 23.42 30.77 41.44
N ARG C 377 22.63 30.99 42.47
CA ARG C 377 22.72 30.17 43.68
C ARG C 377 21.42 29.38 43.82
N GLY C 378 21.43 28.31 44.61
CA GLY C 378 20.22 27.51 44.76
C GLY C 378 20.37 26.29 45.66
N GLY C 379 19.23 25.74 46.09
CA GLY C 379 19.24 24.59 46.98
C GLY C 379 19.87 23.30 46.51
N THR C 380 19.84 23.01 45.22
CA THR C 380 20.44 21.79 44.69
C THR C 380 20.94 22.00 43.28
N GLU C 381 21.78 21.09 42.80
CA GLU C 381 22.32 21.19 41.44
C GLU C 381 21.19 21.27 40.42
N HIS C 382 20.20 20.39 40.56
CA HIS C 382 19.09 20.40 39.63
C HIS C 382 18.36 21.73 39.60
N VAL C 383 18.25 22.38 40.75
CA VAL C 383 17.56 23.66 40.81
C VAL C 383 18.28 24.76 40.05
N ILE C 384 19.57 24.90 40.26
CA ILE C 384 20.33 25.94 39.58
C ILE C 384 20.46 25.68 38.08
N ASP C 385 20.29 24.43 37.67
CA ASP C 385 20.36 24.11 36.24
C ASP C 385 19.11 24.61 35.51
N GLU C 386 17.95 24.44 36.14
CA GLU C 386 16.69 24.89 35.55
C GLU C 386 16.49 26.39 35.75
N VAL C 387 17.33 27.01 36.58
CA VAL C 387 17.23 28.45 36.77
C VAL C 387 18.06 29.03 35.64
N GLU C 388 19.21 28.40 35.39
CA GLU C 388 20.08 28.85 34.35
C GLU C 388 19.35 28.82 33.02
N ARG C 389 18.47 27.84 32.83
CA ARG C 389 17.74 27.78 31.58
C ARG C 389 16.74 28.93 31.55
N ALA C 390 16.00 29.10 32.65
CA ALA C 390 15.01 30.16 32.73
C ALA C 390 15.68 31.49 32.45
N LEU C 391 16.86 31.67 33.03
CA LEU C 391 17.62 32.88 32.83
C LEU C 391 18.10 33.02 31.39
N GLU C 392 18.47 31.90 30.76
CA GLU C 392 18.92 31.91 29.37
C GLU C 392 17.83 32.44 28.45
N ASP C 393 16.60 32.02 28.66
CA ASP C 393 15.50 32.50 27.84
C ASP C 393 15.26 33.98 28.14
N ALA C 394 15.17 34.32 29.42
CA ALA C 394 14.94 35.70 29.82
C ALA C 394 15.90 36.64 29.11
N VAL C 395 17.17 36.29 29.13
CA VAL C 395 18.18 37.10 28.48
C VAL C 395 17.91 37.25 26.99
N LYS C 396 17.63 36.13 26.32
CA LYS C 396 17.38 36.13 24.86
C LYS C 396 16.12 36.91 24.51
N VAL C 397 15.10 36.78 25.34
CA VAL C 397 13.85 37.44 25.09
C VAL C 397 13.99 38.95 25.32
N VAL C 398 14.81 39.33 26.31
CA VAL C 398 15.06 40.74 26.57
C VAL C 398 15.83 41.25 25.35
N LYS C 399 16.78 40.44 24.91
CA LYS C 399 17.59 40.75 23.74
C LYS C 399 16.72 41.00 22.50
N ASP C 400 15.77 40.10 22.26
CA ASP C 400 14.87 40.24 21.11
C ASP C 400 14.24 41.62 21.07
N VAL C 401 13.78 42.10 22.22
CA VAL C 401 13.15 43.41 22.27
C VAL C 401 14.11 44.58 22.03
N MET C 402 15.28 44.56 22.65
CA MET C 402 16.24 45.63 22.45
C MET C 402 16.72 45.68 21.02
N GLU C 403 16.65 44.55 20.32
CA GLU C 403 17.08 44.52 18.94
C GLU C 403 15.94 44.74 17.97
N ASP C 404 14.73 44.40 18.39
CA ASP C 404 13.58 44.54 17.51
C ASP C 404 12.73 45.76 17.80
N GLY C 405 12.63 46.15 19.06
CA GLY C 405 11.84 47.31 19.42
C GLY C 405 10.35 47.04 19.17
N ALA C 406 9.98 45.77 19.22
CA ALA C 406 8.59 45.37 18.99
C ALA C 406 8.18 44.32 20.02
N VAL C 407 6.96 44.47 20.53
CA VAL C 407 6.42 43.60 21.55
C VAL C 407 4.92 43.28 21.30
N LEU C 408 4.42 42.24 21.94
CA LEU C 408 3.01 41.86 21.78
C LEU C 408 2.41 41.37 23.10
N PRO C 409 1.08 41.36 23.18
CA PRO C 409 0.49 40.87 24.43
C PRO C 409 0.62 39.34 24.36
N ALA C 410 0.43 38.66 25.47
CA ALA C 410 0.51 37.20 25.45
C ALA C 410 -0.89 36.65 25.74
N GLY C 411 -0.98 35.70 26.67
CA GLY C 411 -2.27 35.13 27.01
C GLY C 411 -3.06 34.60 25.83
N GLY C 412 -2.42 34.42 24.69
CA GLY C 412 -3.13 33.92 23.54
C GLY C 412 -3.65 35.02 22.64
N ALA C 413 -3.62 36.26 23.14
CA ALA C 413 -4.08 37.43 22.39
C ALA C 413 -3.65 37.42 20.92
N PRO C 414 -2.34 37.31 20.63
CA PRO C 414 -1.91 37.30 19.23
C PRO C 414 -2.58 36.18 18.45
N GLU C 415 -2.49 34.96 18.97
CA GLU C 415 -3.09 33.82 18.30
C GLU C 415 -4.59 34.01 18.09
N ILE C 416 -5.24 34.68 19.04
CA ILE C 416 -6.67 34.94 18.91
C ILE C 416 -6.95 35.93 17.78
N GLU C 417 -6.24 37.05 17.78
CA GLU C 417 -6.42 38.06 16.72
C GLU C 417 -6.19 37.39 15.38
N LEU C 418 -5.05 36.74 15.27
CA LEU C 418 -4.67 36.03 14.05
C LEU C 418 -5.79 35.10 13.59
N ALA C 419 -6.39 34.37 14.53
CA ALA C 419 -7.46 33.46 14.18
C ALA C 419 -8.71 34.18 13.65
N ILE C 420 -8.95 35.40 14.14
CA ILE C 420 -10.08 36.17 13.66
C ILE C 420 -9.77 36.75 12.27
N ARG C 421 -8.64 37.45 12.21
CA ARG C 421 -8.22 38.06 10.97
C ARG C 421 -8.05 37.04 9.84
N LEU C 422 -7.19 36.04 10.03
CA LEU C 422 -6.93 35.04 8.99
C LEU C 422 -8.21 34.39 8.48
N ASP C 423 -9.19 34.20 9.35
CA ASP C 423 -10.46 33.59 8.94
C ASP C 423 -11.22 34.50 7.96
N GLU C 424 -11.19 35.79 8.24
CA GLU C 424 -11.85 36.78 7.40
C GLU C 424 -11.13 36.79 6.07
N TYR C 425 -9.81 36.67 6.13
CA TYR C 425 -8.95 36.64 4.96
C TYR C 425 -9.36 35.45 4.10
N ALA C 426 -9.69 34.34 4.76
CA ALA C 426 -10.11 33.15 4.04
C ALA C 426 -11.29 33.50 3.13
N LYS C 427 -12.30 34.17 3.68
CA LYS C 427 -13.47 34.56 2.90
C LYS C 427 -13.04 35.33 1.66
N GLN C 428 -12.03 36.18 1.81
CA GLN C 428 -11.55 36.96 0.68
C GLN C 428 -11.03 36.11 -0.47
N VAL C 429 -10.21 35.10 -0.16
CA VAL C 429 -9.64 34.26 -1.22
C VAL C 429 -10.61 33.21 -1.76
N GLY C 430 -11.44 32.65 -0.89
CA GLY C 430 -12.40 31.64 -1.31
C GLY C 430 -11.80 30.40 -1.95
N GLY C 431 -12.65 29.61 -2.62
CA GLY C 431 -12.18 28.41 -3.27
C GLY C 431 -11.83 27.38 -2.24
N LYS C 432 -11.07 26.36 -2.62
CA LYS C 432 -10.69 25.33 -1.68
C LYS C 432 -9.56 25.83 -0.79
N GLU C 433 -8.82 26.83 -1.26
CA GLU C 433 -7.74 27.37 -0.45
C GLU C 433 -8.32 28.03 0.79
N ALA C 434 -9.53 28.57 0.66
CA ALA C 434 -10.18 29.22 1.78
C ALA C 434 -10.44 28.21 2.90
N LEU C 435 -10.51 26.93 2.54
CA LEU C 435 -10.75 25.89 3.54
C LEU C 435 -9.47 25.65 4.32
N ALA C 436 -8.35 25.63 3.61
CA ALA C 436 -7.06 25.43 4.25
C ALA C 436 -6.76 26.64 5.13
N ILE C 437 -7.08 27.82 4.63
CA ILE C 437 -6.84 29.05 5.38
C ILE C 437 -7.63 29.13 6.67
N GLU C 438 -8.93 28.87 6.58
CA GLU C 438 -9.73 28.96 7.78
C GLU C 438 -9.33 27.86 8.76
N ASN C 439 -8.69 26.81 8.24
CA ASN C 439 -8.23 25.72 9.09
C ASN C 439 -6.96 26.12 9.79
N PHE C 440 -6.17 26.94 9.11
CA PHE C 440 -4.92 27.43 9.64
C PHE C 440 -5.30 28.37 10.78
N ALA C 441 -6.25 29.24 10.51
CA ALA C 441 -6.71 30.19 11.52
C ALA C 441 -7.22 29.45 12.74
N ASP C 442 -7.98 28.38 12.50
CA ASP C 442 -8.55 27.58 13.58
C ASP C 442 -7.48 26.94 14.44
N ALA C 443 -6.49 26.33 13.79
CA ALA C 443 -5.42 25.67 14.49
C ALA C 443 -4.74 26.60 15.49
N LEU C 444 -4.62 27.88 15.15
CA LEU C 444 -3.95 28.80 16.07
C LEU C 444 -4.60 28.87 17.45
N LYS C 445 -5.85 28.45 17.55
CA LYS C 445 -6.50 28.51 18.86
C LYS C 445 -5.97 27.55 19.90
N ILE C 446 -5.06 26.62 19.56
CA ILE C 446 -4.58 25.71 20.61
C ILE C 446 -3.80 26.46 21.67
N ILE C 447 -3.12 27.54 21.28
CA ILE C 447 -2.36 28.29 22.27
C ILE C 447 -3.30 28.73 23.38
N PRO C 448 -4.29 29.58 23.07
CA PRO C 448 -5.19 29.98 24.16
C PRO C 448 -5.87 28.77 24.80
N LYS C 449 -6.27 27.80 23.97
CA LYS C 449 -6.93 26.57 24.42
C LYS C 449 -6.08 25.72 25.36
N THR C 450 -4.78 25.65 25.06
CA THR C 450 -3.86 24.86 25.86
C THR C 450 -3.54 25.56 27.16
N LEU C 451 -3.53 26.88 27.14
CA LEU C 451 -3.24 27.64 28.34
C LEU C 451 -4.34 27.37 29.36
N ALA C 452 -5.59 27.43 28.92
CA ALA C 452 -6.70 27.19 29.82
C ALA C 452 -6.70 25.73 30.24
N GLU C 453 -6.39 24.86 29.30
CA GLU C 453 -6.38 23.44 29.61
C GLU C 453 -5.40 23.13 30.73
N ASN C 454 -4.14 23.49 30.55
CA ASN C 454 -3.13 23.23 31.57
C ASN C 454 -3.53 23.82 32.92
N ALA C 455 -4.31 24.89 32.90
CA ALA C 455 -4.77 25.54 34.13
C ALA C 455 -6.00 24.82 34.72
N GLY C 456 -6.40 23.73 34.08
CA GLY C 456 -7.55 22.98 34.54
C GLY C 456 -8.85 23.74 34.36
N LEU C 457 -8.94 24.53 33.30
CA LEU C 457 -10.13 25.31 33.03
C LEU C 457 -10.94 24.64 31.95
N ASP C 458 -12.20 25.01 31.82
CA ASP C 458 -13.05 24.44 30.80
C ASP C 458 -12.68 25.11 29.49
N THR C 459 -11.98 24.34 28.66
CA THR C 459 -11.54 24.80 27.36
C THR C 459 -12.61 25.43 26.48
N VAL C 460 -13.75 24.76 26.34
CA VAL C 460 -14.82 25.28 25.50
C VAL C 460 -15.35 26.63 25.97
N GLU C 461 -15.61 26.75 27.26
CA GLU C 461 -16.13 27.98 27.82
C GLU C 461 -15.18 29.15 27.62
N MET C 462 -13.92 28.96 28.00
CA MET C 462 -12.91 30.01 27.87
C MET C 462 -12.77 30.59 26.46
N LEU C 463 -12.54 29.73 25.47
CA LEU C 463 -12.40 30.22 24.10
C LEU C 463 -13.58 31.12 23.77
N VAL C 464 -14.78 30.67 24.10
CA VAL C 464 -15.98 31.43 23.85
C VAL C 464 -15.86 32.81 24.48
N LYS C 465 -15.42 32.84 25.73
CA LYS C 465 -15.26 34.10 26.45
C LYS C 465 -14.15 35.01 25.88
N VAL C 466 -12.93 34.50 25.70
CA VAL C 466 -11.87 35.37 25.17
C VAL C 466 -12.11 35.87 23.76
N ILE C 467 -12.46 34.98 22.83
CA ILE C 467 -12.69 35.42 21.46
C ILE C 467 -13.67 36.59 21.42
N SER C 468 -14.86 36.40 22.00
CA SER C 468 -15.86 37.45 22.00
C SER C 468 -15.37 38.69 22.76
N GLU C 469 -14.86 38.48 23.96
CA GLU C 469 -14.36 39.58 24.76
C GLU C 469 -13.23 40.31 24.02
N HIS C 470 -12.43 39.55 23.26
CA HIS C 470 -11.34 40.12 22.50
C HIS C 470 -11.93 40.88 21.31
N LYS C 471 -12.89 40.28 20.63
CA LYS C 471 -13.51 40.94 19.49
C LYS C 471 -14.09 42.26 19.92
N ASN C 472 -14.67 42.31 21.10
CA ASN C 472 -15.26 43.53 21.59
C ASN C 472 -14.22 44.53 22.07
N ARG C 473 -13.50 44.16 23.11
CA ARG C 473 -12.49 45.03 23.72
C ARG C 473 -11.23 45.30 22.92
N GLY C 474 -10.67 44.29 22.26
CA GLY C 474 -9.48 44.55 21.47
C GLY C 474 -8.28 43.64 21.53
N LEU C 475 -7.32 43.97 20.67
CA LEU C 475 -6.06 43.26 20.51
C LEU C 475 -5.40 42.67 21.75
N GLY C 476 -5.49 43.36 22.88
CA GLY C 476 -4.84 42.87 24.07
C GLY C 476 -5.58 41.86 24.92
N ILE C 477 -6.78 41.47 24.51
CA ILE C 477 -7.54 40.52 25.28
C ILE C 477 -6.98 39.12 25.09
N GLY C 478 -6.61 38.50 26.20
CA GLY C 478 -6.08 37.17 26.16
C GLY C 478 -6.59 36.46 27.40
N ILE C 479 -6.07 35.28 27.67
CA ILE C 479 -6.48 34.51 28.83
C ILE C 479 -5.56 34.74 30.03
N ASP C 480 -6.13 35.15 31.15
CA ASP C 480 -5.34 35.32 32.36
C ASP C 480 -5.52 34.00 33.09
N VAL C 481 -4.63 33.04 32.84
CA VAL C 481 -4.77 31.73 33.46
C VAL C 481 -4.80 31.77 34.98
N PHE C 482 -4.10 32.72 35.59
CA PHE C 482 -4.09 32.80 37.04
C PHE C 482 -5.48 33.15 37.58
N GLU C 483 -6.14 34.11 36.95
CA GLU C 483 -7.48 34.50 37.41
C GLU C 483 -8.55 33.73 36.64
N GLY C 484 -8.13 32.90 35.70
CA GLY C 484 -9.06 32.11 34.93
C GLY C 484 -10.18 32.87 34.23
N LYS C 485 -9.85 34.01 33.65
CA LYS C 485 -10.84 34.81 32.93
C LYS C 485 -10.17 35.66 31.86
N PRO C 486 -10.93 36.06 30.84
CA PRO C 486 -10.30 36.89 29.80
C PRO C 486 -9.78 38.14 30.50
N ALA C 487 -8.75 38.76 29.96
CA ALA C 487 -8.22 39.94 30.58
C ALA C 487 -7.36 40.69 29.59
N ASP C 488 -7.04 41.94 29.90
CA ASP C 488 -6.21 42.75 29.03
C ASP C 488 -4.75 42.49 29.39
N MET C 489 -4.09 41.72 28.55
CA MET C 489 -2.69 41.37 28.77
C MET C 489 -1.78 42.59 28.89
N LEU C 490 -2.09 43.64 28.12
CA LEU C 490 -1.29 44.85 28.16
C LEU C 490 -1.29 45.47 29.55
N GLU C 491 -2.47 45.69 30.14
CA GLU C 491 -2.51 46.26 31.49
C GLU C 491 -1.82 45.32 32.50
N LYS C 492 -2.11 44.03 32.40
CA LYS C 492 -1.52 43.04 33.31
C LYS C 492 0.00 43.00 33.21
N GLY C 493 0.55 43.52 32.11
CA GLY C 493 1.99 43.52 31.91
C GLY C 493 2.48 42.21 31.31
N ILE C 494 1.54 41.35 30.95
CA ILE C 494 1.81 40.04 30.37
C ILE C 494 2.21 40.29 28.92
N ILE C 495 3.50 40.42 28.69
CA ILE C 495 4.01 40.75 27.38
C ILE C 495 5.19 39.88 26.88
N GLU C 496 5.26 39.68 25.56
CA GLU C 496 6.32 38.89 24.92
C GLU C 496 6.82 39.57 23.67
N PRO C 497 8.01 39.19 23.17
CA PRO C 497 8.57 39.80 21.96
C PRO C 497 7.81 39.43 20.69
N LEU C 498 7.81 40.34 19.73
CA LEU C 498 7.15 40.12 18.46
C LEU C 498 7.84 38.92 17.79
N ARG C 499 9.16 38.87 17.92
CA ARG C 499 9.93 37.80 17.30
C ARG C 499 9.51 36.42 17.72
N VAL C 500 9.09 36.25 18.98
CA VAL C 500 8.68 34.93 19.43
C VAL C 500 7.56 34.40 18.54
N LYS C 501 6.50 35.20 18.37
CA LYS C 501 5.36 34.81 17.57
C LYS C 501 5.70 34.74 16.08
N LYS C 502 6.58 35.61 15.60
CA LYS C 502 6.98 35.61 14.19
C LYS C 502 7.70 34.30 13.84
N GLN C 503 8.78 34.01 14.56
CA GLN C 503 9.56 32.81 14.32
C GLN C 503 8.72 31.56 14.56
N ALA C 504 7.86 31.61 15.57
CA ALA C 504 7.00 30.48 15.90
C ALA C 504 6.13 30.13 14.70
N ILE C 505 5.45 31.11 14.12
CA ILE C 505 4.59 30.83 12.98
C ILE C 505 5.39 30.43 11.73
N LYS C 506 6.58 30.99 11.58
CA LYS C 506 7.40 30.64 10.41
C LYS C 506 7.83 29.19 10.47
N SER C 507 8.51 28.78 11.54
CA SER C 507 8.96 27.40 11.65
C SER C 507 7.84 26.37 11.61
N ALA C 508 6.78 26.59 12.39
CA ALA C 508 5.66 25.68 12.40
C ALA C 508 5.06 25.53 11.02
N SER C 509 4.74 26.65 10.38
CA SER C 509 4.15 26.63 9.04
C SER C 509 4.97 25.84 8.04
N GLU C 510 6.22 26.25 7.87
CA GLU C 510 7.11 25.60 6.92
C GLU C 510 7.25 24.12 7.21
N ALA C 511 7.33 23.76 8.49
CA ALA C 511 7.47 22.36 8.86
C ALA C 511 6.20 21.60 8.51
N ALA C 512 5.06 22.20 8.81
CA ALA C 512 3.78 21.56 8.52
C ALA C 512 3.63 21.35 7.02
N ILE C 513 3.83 22.41 6.26
CA ILE C 513 3.70 22.31 4.81
C ILE C 513 4.67 21.29 4.22
N MET C 514 5.83 21.11 4.84
CA MET C 514 6.77 20.13 4.33
C MET C 514 6.24 18.73 4.59
N ILE C 515 5.86 18.46 5.84
CA ILE C 515 5.34 17.15 6.22
C ILE C 515 4.09 16.83 5.41
N LEU C 516 3.24 17.84 5.24
CA LEU C 516 1.99 17.69 4.51
C LEU C 516 2.17 17.27 3.05
N ARG C 517 3.35 17.51 2.48
CA ARG C 517 3.63 17.14 1.09
C ARG C 517 4.15 15.72 0.90
N ILE C 518 4.52 15.07 1.99
CA ILE C 518 5.06 13.71 1.95
C ILE C 518 3.98 12.69 1.73
N ASP C 519 4.01 12.00 0.59
CA ASP C 519 3.01 10.98 0.29
C ASP C 519 3.68 9.63 0.08
N ASP C 520 4.90 9.49 0.59
CA ASP C 520 5.65 8.26 0.45
C ASP C 520 6.80 8.28 1.44
N VAL C 521 6.79 7.34 2.37
CA VAL C 521 7.84 7.24 3.37
C VAL C 521 8.54 5.91 3.18
N ILE C 522 9.86 5.95 2.96
CA ILE C 522 10.62 4.73 2.78
C ILE C 522 11.78 4.68 3.75
N ALA C 523 11.65 3.84 4.78
CA ALA C 523 12.67 3.68 5.79
C ALA C 523 13.36 2.33 5.70
N ALA C 524 14.68 2.34 5.78
CA ALA C 524 15.44 1.10 5.73
C ALA C 524 15.39 0.46 7.12
N LYS C 525 16.17 -0.60 7.30
CA LYS C 525 16.23 -1.30 8.58
C LYS C 525 17.48 -0.75 9.27
N ALA C 526 17.40 -0.49 10.58
CA ALA C 526 18.54 0.07 11.31
C ALA C 526 19.65 -0.93 11.66
N VAL D 9 25.12 -31.14 -14.77
CA VAL D 9 26.51 -30.82 -14.28
C VAL D 9 26.54 -29.47 -13.54
N VAL D 10 27.34 -29.41 -12.46
CA VAL D 10 27.47 -28.20 -11.65
C VAL D 10 28.49 -27.21 -12.24
N ILE D 11 28.00 -26.32 -13.07
CA ILE D 11 28.84 -25.31 -13.71
C ILE D 11 28.99 -24.06 -12.87
N LEU D 12 27.88 -23.56 -12.35
CA LEU D 12 27.90 -22.37 -11.52
C LEU D 12 27.90 -22.67 -10.02
N PRO D 13 28.40 -21.74 -9.19
CA PRO D 13 28.46 -21.92 -7.74
C PRO D 13 27.08 -21.97 -7.11
N GLU D 14 26.94 -22.75 -6.04
CA GLU D 14 25.67 -22.88 -5.35
C GLU D 14 25.22 -21.49 -4.90
N GLY D 15 23.93 -21.21 -5.03
CA GLY D 15 23.43 -19.92 -4.61
C GLY D 15 23.32 -18.91 -5.73
N THR D 16 23.92 -19.21 -6.89
CA THR D 16 23.85 -18.31 -8.03
C THR D 16 22.46 -18.40 -8.61
N GLN D 17 21.87 -17.25 -8.91
CA GLN D 17 20.54 -17.21 -9.48
C GLN D 17 20.70 -16.89 -10.96
N ARG D 18 19.78 -17.39 -11.77
CA ARG D 18 19.86 -17.13 -13.20
C ARG D 18 18.47 -17.15 -13.83
N TYR D 19 18.28 -16.28 -14.83
CA TYR D 19 17.01 -16.20 -15.53
C TYR D 19 17.37 -16.00 -16.97
N VAL D 20 16.59 -16.57 -17.88
CA VAL D 20 16.87 -16.44 -19.30
C VAL D 20 15.62 -16.10 -20.09
N GLY D 21 15.81 -15.53 -21.27
CA GLY D 21 14.69 -15.15 -22.13
C GLY D 21 13.58 -14.31 -21.50
N ARG D 22 12.34 -14.73 -21.72
CA ARG D 22 11.16 -14.06 -21.21
C ARG D 22 11.31 -13.77 -19.72
N ASP D 23 11.89 -14.71 -18.98
CA ASP D 23 12.08 -14.52 -17.54
C ASP D 23 13.03 -13.39 -17.25
N ALA D 24 14.15 -13.40 -17.96
CA ALA D 24 15.14 -12.37 -17.79
C ALA D 24 14.48 -11.05 -18.16
N GLN D 25 13.73 -11.05 -19.25
CA GLN D 25 13.07 -9.85 -19.72
C GLN D 25 11.96 -9.39 -18.80
N ARG D 26 11.13 -10.33 -18.38
CA ARG D 26 10.01 -10.00 -17.51
C ARG D 26 10.44 -9.34 -16.20
N LEU D 27 11.45 -9.90 -15.54
CA LEU D 27 11.91 -9.32 -14.29
C LEU D 27 12.61 -7.98 -14.47
N ASN D 28 13.50 -7.90 -15.46
CA ASN D 28 14.23 -6.66 -15.69
C ASN D 28 13.28 -5.51 -15.95
N ILE D 29 12.31 -5.72 -16.84
CA ILE D 29 11.36 -4.68 -17.15
C ILE D 29 10.44 -4.35 -15.98
N LEU D 30 10.15 -5.34 -15.13
CA LEU D 30 9.28 -5.10 -14.00
C LEU D 30 9.93 -4.20 -12.97
N ALA D 31 11.17 -4.50 -12.61
CA ALA D 31 11.87 -3.68 -11.63
C ALA D 31 11.94 -2.22 -12.09
N ALA D 32 12.28 -2.02 -13.36
CA ALA D 32 12.39 -0.68 -13.94
C ALA D 32 11.04 0.02 -13.94
N ARG D 33 10.00 -0.70 -14.34
CA ARG D 33 8.66 -0.15 -14.36
C ARG D 33 8.27 0.30 -12.96
N ILE D 34 8.56 -0.54 -11.99
CA ILE D 34 8.22 -0.21 -10.62
C ILE D 34 9.02 0.98 -10.12
N ILE D 35 10.31 1.02 -10.43
CA ILE D 35 11.11 2.14 -9.96
C ILE D 35 10.53 3.42 -10.58
N ALA D 36 10.02 3.31 -11.80
CA ALA D 36 9.44 4.45 -12.48
C ALA D 36 8.11 4.83 -11.83
N GLU D 37 7.28 3.83 -11.54
CA GLU D 37 5.99 4.08 -10.91
C GLU D 37 6.16 4.76 -9.56
N THR D 38 7.30 4.51 -8.92
CA THR D 38 7.59 5.07 -7.62
C THR D 38 7.90 6.57 -7.63
N VAL D 39 8.61 7.02 -8.66
CA VAL D 39 8.94 8.44 -8.73
C VAL D 39 7.96 9.27 -9.54
N ARG D 40 7.09 8.62 -10.30
CA ARG D 40 6.15 9.35 -11.11
C ARG D 40 5.21 10.21 -10.26
N THR D 41 4.82 9.71 -9.09
CA THR D 41 3.92 10.46 -8.21
C THR D 41 4.54 11.75 -7.70
N THR D 42 5.78 12.01 -8.12
CA THR D 42 6.51 13.19 -7.71
C THR D 42 6.50 14.21 -8.85
N LEU D 43 6.16 13.74 -10.05
CA LEU D 43 6.14 14.56 -11.26
C LEU D 43 5.12 15.69 -11.38
N GLY D 44 5.56 16.83 -11.89
CA GLY D 44 4.66 17.95 -12.08
C GLY D 44 4.44 18.88 -10.91
N PRO D 45 3.80 20.05 -11.15
CA PRO D 45 3.53 21.05 -10.12
C PRO D 45 2.48 20.61 -9.12
N LYS D 46 1.98 19.39 -9.29
CA LYS D 46 0.96 18.86 -8.39
C LYS D 46 1.51 17.59 -7.76
N GLY D 47 2.76 17.27 -8.08
CA GLY D 47 3.39 16.08 -7.54
C GLY D 47 3.78 16.26 -6.08
N MET D 48 3.89 15.14 -5.36
CA MET D 48 4.24 15.14 -3.94
C MET D 48 5.67 14.70 -3.67
N ASP D 49 6.07 14.66 -2.39
CA ASP D 49 7.43 14.28 -2.04
C ASP D 49 7.58 12.96 -1.27
N LYS D 50 8.83 12.60 -1.00
CA LYS D 50 9.13 11.38 -0.28
C LYS D 50 10.08 11.65 0.89
N MET D 51 9.84 10.97 1.99
CA MET D 51 10.71 11.12 3.15
C MET D 51 11.50 9.82 3.17
N LEU D 52 12.82 9.93 3.10
CA LEU D 52 13.66 8.75 3.08
C LEU D 52 14.55 8.67 4.31
N VAL D 53 14.40 7.59 5.07
CA VAL D 53 15.20 7.37 6.26
C VAL D 53 16.19 6.24 6.00
N ASP D 54 17.49 6.51 6.10
CA ASP D 54 18.48 5.47 5.87
C ASP D 54 18.73 4.59 7.08
N SER D 55 19.69 3.69 6.94
CA SER D 55 20.04 2.75 7.99
C SER D 55 20.60 3.40 9.25
N LEU D 56 21.05 4.64 9.13
CA LEU D 56 21.59 5.36 10.28
C LEU D 56 20.51 6.19 10.97
N GLY D 57 19.42 6.48 10.27
CA GLY D 57 18.36 7.26 10.88
C GLY D 57 18.32 8.70 10.39
N ASP D 58 19.11 9.01 9.36
CA ASP D 58 19.12 10.35 8.82
C ASP D 58 17.95 10.48 7.87
N ILE D 59 17.25 11.60 7.97
CA ILE D 59 16.05 11.85 7.18
C ILE D 59 16.23 12.75 5.96
N VAL D 60 15.67 12.33 4.82
CA VAL D 60 15.75 13.14 3.61
C VAL D 60 14.35 13.32 3.00
N VAL D 61 13.80 14.52 3.13
CA VAL D 61 12.49 14.83 2.58
C VAL D 61 12.76 15.65 1.33
N THR D 62 12.29 15.17 0.19
CA THR D 62 12.52 15.88 -1.06
C THR D 62 11.54 15.48 -2.14
N ASN D 63 11.66 16.13 -3.30
CA ASN D 63 10.80 15.88 -4.44
C ASN D 63 11.66 15.48 -5.64
N ASP D 64 12.94 15.83 -5.57
CA ASP D 64 13.90 15.55 -6.63
C ASP D 64 14.03 14.07 -6.92
N GLY D 65 13.90 13.69 -8.19
CA GLY D 65 14.00 12.30 -8.57
C GLY D 65 15.36 11.70 -8.29
N ALA D 66 16.41 12.39 -8.74
CA ALA D 66 17.77 11.89 -8.55
C ALA D 66 18.08 11.63 -7.08
N THR D 67 17.75 12.57 -6.21
CA THR D 67 18.03 12.39 -4.79
C THR D 67 17.35 11.13 -4.28
N ILE D 68 16.06 11.01 -4.55
CA ILE D 68 15.29 9.85 -4.12
C ILE D 68 15.98 8.56 -4.52
N LEU D 69 16.10 8.35 -5.82
CA LEU D 69 16.73 7.16 -6.39
C LEU D 69 18.15 6.92 -5.89
N ASP D 70 18.83 7.99 -5.55
CA ASP D 70 20.20 7.88 -5.04
C ASP D 70 20.22 7.47 -3.57
N LYS D 71 19.35 8.08 -2.76
CA LYS D 71 19.31 7.78 -1.33
C LYS D 71 18.70 6.42 -1.00
N ILE D 72 17.75 5.97 -1.80
CA ILE D 72 17.11 4.67 -1.58
C ILE D 72 18.10 3.52 -1.79
N ASP D 73 18.01 2.49 -0.95
CA ASP D 73 18.91 1.35 -1.08
C ASP D 73 18.31 0.27 -2.00
N LEU D 74 18.43 0.47 -3.31
CA LEU D 74 17.89 -0.47 -4.30
C LEU D 74 18.61 -1.81 -4.34
N GLN D 75 17.84 -2.87 -4.57
CA GLN D 75 18.41 -4.21 -4.63
C GLN D 75 18.52 -4.73 -6.04
N HIS D 76 17.39 -4.90 -6.71
CA HIS D 76 17.39 -5.41 -8.08
C HIS D 76 18.32 -4.59 -9.00
N PRO D 77 19.16 -5.29 -9.80
CA PRO D 77 20.09 -4.63 -10.71
C PRO D 77 19.44 -3.71 -11.75
N ALA D 78 18.33 -4.17 -12.33
CA ALA D 78 17.61 -3.37 -13.31
C ALA D 78 17.19 -2.06 -12.66
N ALA D 79 16.86 -2.11 -11.37
CA ALA D 79 16.47 -0.90 -10.67
C ALA D 79 17.69 0.00 -10.56
N LYS D 80 18.85 -0.60 -10.28
CA LYS D 80 20.08 0.16 -10.17
C LYS D 80 20.40 0.82 -11.50
N MET D 81 19.94 0.21 -12.59
CA MET D 81 20.15 0.74 -13.93
C MET D 81 19.45 2.10 -14.08
N MET D 82 18.23 2.18 -13.59
CA MET D 82 17.44 3.39 -13.67
C MET D 82 18.07 4.53 -12.89
N VAL D 83 18.77 4.19 -11.81
CA VAL D 83 19.41 5.22 -11.02
C VAL D 83 20.37 6.00 -11.92
N GLU D 84 21.01 5.30 -12.85
CA GLU D 84 21.96 5.94 -13.75
C GLU D 84 21.33 7.01 -14.62
N VAL D 85 20.10 6.77 -15.07
CA VAL D 85 19.40 7.73 -15.90
C VAL D 85 19.17 9.04 -15.13
N ALA D 86 18.48 8.94 -13.99
CA ALA D 86 18.20 10.12 -13.18
C ALA D 86 19.47 10.89 -12.83
N LYS D 87 20.54 10.15 -12.52
CA LYS D 87 21.79 10.79 -12.14
C LYS D 87 22.40 11.60 -13.28
N THR D 88 22.46 11.00 -14.46
CA THR D 88 23.04 11.68 -15.61
C THR D 88 22.22 12.92 -15.99
N GLN D 89 20.89 12.81 -15.92
CA GLN D 89 20.00 13.94 -16.22
C GLN D 89 20.40 15.10 -15.33
N ASP D 90 20.51 14.80 -14.04
CA ASP D 90 20.85 15.77 -13.02
C ASP D 90 22.14 16.51 -13.27
N LYS D 91 23.19 15.80 -13.67
CA LYS D 91 24.49 16.43 -13.90
C LYS D 91 24.43 17.33 -15.14
N GLU D 92 23.88 16.78 -16.20
CA GLU D 92 23.79 17.45 -17.48
C GLU D 92 22.78 18.60 -17.61
N ALA D 93 21.53 18.37 -17.20
CA ALA D 93 20.52 19.39 -17.34
C ALA D 93 19.86 19.90 -16.06
N GLY D 94 20.07 19.20 -14.96
CA GLY D 94 19.45 19.64 -13.72
C GLY D 94 18.05 19.09 -13.61
N ASP D 95 17.05 19.87 -14.03
CA ASP D 95 15.67 19.41 -13.98
C ASP D 95 15.47 18.27 -14.97
N GLY D 96 14.38 17.52 -14.78
CA GLY D 96 14.06 16.43 -15.68
C GLY D 96 14.50 15.05 -15.24
N THR D 97 14.94 14.91 -13.99
CA THR D 97 15.40 13.60 -13.51
C THR D 97 14.28 12.58 -13.48
N THR D 98 13.17 12.94 -12.84
CA THR D 98 12.01 12.06 -12.74
C THR D 98 11.43 11.68 -14.12
N THR D 99 11.18 12.67 -14.97
CA THR D 99 10.61 12.36 -16.28
C THR D 99 11.48 11.39 -17.09
N ALA D 100 12.79 11.49 -16.94
CA ALA D 100 13.67 10.61 -17.69
C ALA D 100 13.47 9.15 -17.25
N VAL D 101 13.36 8.95 -15.94
CA VAL D 101 13.17 7.62 -15.40
C VAL D 101 11.79 7.10 -15.77
N VAL D 102 10.80 7.99 -15.75
CA VAL D 102 9.43 7.62 -16.08
C VAL D 102 9.32 7.19 -17.53
N ILE D 103 9.93 7.96 -18.43
CA ILE D 103 9.90 7.62 -19.85
C ILE D 103 10.60 6.28 -20.06
N ALA D 104 11.73 6.09 -19.38
CA ALA D 104 12.46 4.85 -19.50
C ALA D 104 11.57 3.68 -19.06
N GLY D 105 10.83 3.90 -17.98
CA GLY D 105 9.96 2.85 -17.50
C GLY D 105 8.90 2.55 -18.55
N GLU D 106 8.27 3.61 -19.04
CA GLU D 106 7.22 3.45 -20.03
C GLU D 106 7.71 2.79 -21.30
N LEU D 107 8.87 3.22 -21.79
CA LEU D 107 9.42 2.64 -23.01
C LEU D 107 9.53 1.12 -22.89
N LEU D 108 10.12 0.66 -21.82
CA LEU D 108 10.26 -0.77 -21.62
C LEU D 108 8.88 -1.45 -21.56
N ARG D 109 7.93 -0.79 -20.90
CA ARG D 109 6.59 -1.35 -20.79
C ARG D 109 5.93 -1.58 -22.15
N LYS D 110 6.06 -0.60 -23.03
CA LYS D 110 5.48 -0.70 -24.36
C LYS D 110 6.25 -1.70 -25.19
N ALA D 111 7.55 -1.79 -24.92
CA ALA D 111 8.40 -2.71 -25.65
C ALA D 111 7.98 -4.15 -25.34
N GLU D 112 7.66 -4.44 -24.09
CA GLU D 112 7.28 -5.80 -23.74
C GLU D 112 6.03 -6.27 -24.47
N GLU D 113 5.15 -5.35 -24.82
CA GLU D 113 3.96 -5.72 -25.55
C GLU D 113 4.38 -6.32 -26.89
N LEU D 114 5.47 -5.78 -27.45
CA LEU D 114 5.99 -6.24 -28.72
C LEU D 114 6.74 -7.56 -28.53
N LEU D 115 7.46 -7.67 -27.41
CA LEU D 115 8.18 -8.91 -27.10
C LEU D 115 7.15 -10.02 -27.05
N ASP D 116 6.03 -9.72 -26.44
CA ASP D 116 4.97 -10.69 -26.28
C ASP D 116 4.36 -11.05 -27.63
N GLN D 117 4.37 -10.09 -28.55
CA GLN D 117 3.82 -10.29 -29.88
C GLN D 117 4.85 -11.10 -30.64
N ASN D 118 5.94 -11.40 -29.95
CA ASN D 118 7.06 -12.16 -30.49
C ASN D 118 7.91 -11.44 -31.53
N ILE D 119 8.01 -10.13 -31.39
CA ILE D 119 8.83 -9.32 -32.29
C ILE D 119 10.24 -9.47 -31.75
N HIS D 120 11.19 -9.84 -32.61
CA HIS D 120 12.56 -10.01 -32.14
C HIS D 120 13.09 -8.71 -31.53
N PRO D 121 13.79 -8.82 -30.38
CA PRO D 121 14.38 -7.68 -29.65
C PRO D 121 15.22 -6.73 -30.50
N SER D 122 16.04 -7.27 -31.39
CA SER D 122 16.89 -6.42 -32.21
C SER D 122 16.06 -5.49 -33.08
N ILE D 123 14.85 -5.90 -33.41
CA ILE D 123 13.97 -5.06 -34.21
C ILE D 123 13.36 -3.98 -33.33
N ILE D 124 12.89 -4.36 -32.15
CA ILE D 124 12.31 -3.39 -31.22
C ILE D 124 13.38 -2.34 -30.90
N THR D 125 14.59 -2.84 -30.66
CA THR D 125 15.73 -1.98 -30.36
C THR D 125 16.03 -1.03 -31.51
N LYS D 126 16.00 -1.54 -32.73
CA LYS D 126 16.25 -0.73 -33.91
C LYS D 126 15.19 0.36 -34.05
N GLY D 127 13.93 -0.02 -33.83
CA GLY D 127 12.84 0.92 -33.91
C GLY D 127 12.99 2.03 -32.89
N TYR D 128 13.38 1.68 -31.67
CA TYR D 128 13.56 2.68 -30.64
C TYR D 128 14.71 3.64 -30.95
N ALA D 129 15.78 3.12 -31.54
CA ALA D 129 16.94 3.94 -31.88
C ALA D 129 16.57 4.92 -33.00
N LEU D 130 15.84 4.43 -33.99
CA LEU D 130 15.40 5.26 -35.09
C LEU D 130 14.54 6.38 -34.52
N ALA D 131 13.60 5.97 -33.66
CA ALA D 131 12.67 6.88 -33.04
C ALA D 131 13.35 7.92 -32.16
N ALA D 132 14.36 7.49 -31.42
CA ALA D 132 15.09 8.37 -30.51
C ALA D 132 15.93 9.39 -31.26
N GLU D 133 16.49 8.99 -32.40
CA GLU D 133 17.31 9.91 -33.18
C GLU D 133 16.40 10.95 -33.84
N LYS D 134 15.28 10.48 -34.34
CA LYS D 134 14.31 11.34 -35.00
C LYS D 134 13.79 12.37 -34.00
N ALA D 135 13.69 11.94 -32.75
CA ALA D 135 13.20 12.80 -31.69
C ALA D 135 14.12 13.99 -31.45
N GLN D 136 15.43 13.77 -31.59
CA GLN D 136 16.38 14.84 -31.38
C GLN D 136 16.29 15.89 -32.48
N GLU D 137 16.08 15.44 -33.71
CA GLU D 137 15.94 16.38 -34.82
C GLU D 137 14.69 17.20 -34.59
N ILE D 138 13.61 16.52 -34.20
CA ILE D 138 12.36 17.20 -33.96
C ILE D 138 12.52 18.21 -32.82
N LEU D 139 13.14 17.80 -31.73
CA LEU D 139 13.34 18.70 -30.60
C LEU D 139 14.17 19.92 -31.02
N ASP D 140 15.26 19.68 -31.75
CA ASP D 140 16.10 20.78 -32.20
C ASP D 140 15.32 21.73 -33.11
N GLU D 141 14.42 21.16 -33.90
CA GLU D 141 13.62 21.92 -34.86
C GLU D 141 12.48 22.76 -34.31
N ILE D 142 11.80 22.26 -33.28
CA ILE D 142 10.69 23.00 -32.71
C ILE D 142 11.15 23.87 -31.56
N ALA D 143 12.36 23.61 -31.07
CA ALA D 143 12.91 24.38 -29.96
C ALA D 143 12.78 25.86 -30.27
N ILE D 144 12.36 26.61 -29.26
CA ILE D 144 12.18 28.04 -29.38
C ILE D 144 13.46 28.79 -29.02
N ARG D 145 14.18 29.25 -30.03
CA ARG D 145 15.43 29.96 -29.81
C ARG D 145 15.12 31.32 -29.21
N VAL D 146 15.85 31.67 -28.16
CA VAL D 146 15.68 32.95 -27.47
C VAL D 146 17.09 33.48 -27.19
N ASP D 147 17.23 34.75 -26.84
CA ASP D 147 18.60 35.20 -26.58
C ASP D 147 19.03 35.02 -25.12
N PRO D 148 20.14 34.29 -24.94
CA PRO D 148 20.86 33.88 -23.74
C PRO D 148 20.59 34.60 -22.43
N ASP D 149 20.61 35.92 -22.44
CA ASP D 149 20.40 36.65 -21.19
C ASP D 149 19.06 37.37 -21.06
N ASP D 150 18.08 36.99 -21.88
CA ASP D 150 16.76 37.61 -21.79
C ASP D 150 16.21 37.33 -20.40
N GLU D 151 16.33 38.32 -19.53
CA GLU D 151 15.88 38.17 -18.16
C GLU D 151 14.46 37.62 -18.03
N GLU D 152 13.52 38.13 -18.82
CA GLU D 152 12.15 37.64 -18.73
C GLU D 152 12.08 36.13 -18.94
N THR D 153 12.72 35.66 -20.00
CA THR D 153 12.74 34.23 -20.29
C THR D 153 13.37 33.45 -19.12
N LEU D 154 14.55 33.86 -18.69
CA LEU D 154 15.25 33.20 -17.60
C LEU D 154 14.39 33.09 -16.34
N LEU D 155 13.64 34.14 -16.04
CA LEU D 155 12.78 34.14 -14.86
C LEU D 155 11.66 33.12 -15.01
N LYS D 156 11.16 32.95 -16.24
CA LYS D 156 10.10 31.97 -16.43
C LYS D 156 10.67 30.57 -16.27
N ILE D 157 11.90 30.39 -16.76
CA ILE D 157 12.54 29.10 -16.68
C ILE D 157 12.77 28.71 -15.20
N ALA D 158 13.31 29.63 -14.42
CA ALA D 158 13.57 29.36 -13.01
C ALA D 158 12.27 29.18 -12.25
N ALA D 159 11.27 29.99 -12.55
CA ALA D 159 10.00 29.89 -11.86
C ALA D 159 9.35 28.54 -12.17
N THR D 160 9.39 28.16 -13.44
CA THR D 160 8.82 26.90 -13.87
C THR D 160 9.55 25.76 -13.16
N SER D 161 10.85 25.93 -12.98
CA SER D 161 11.64 24.91 -12.32
C SER D 161 11.23 24.75 -10.87
N ILE D 162 11.16 25.87 -10.16
CA ILE D 162 10.82 25.89 -8.75
C ILE D 162 9.41 25.39 -8.39
N THR D 163 8.49 25.39 -9.34
CA THR D 163 7.12 24.94 -9.06
C THR D 163 7.02 23.45 -8.80
N GLY D 164 6.12 23.07 -7.89
CA GLY D 164 5.93 21.65 -7.61
C GLY D 164 6.86 21.14 -6.54
N LYS D 165 7.65 22.05 -5.96
CA LYS D 165 8.59 21.69 -4.91
C LYS D 165 8.15 22.42 -3.65
N ASN D 166 8.75 22.07 -2.52
CA ASN D 166 8.43 22.69 -1.23
C ASN D 166 8.50 24.23 -1.30
N ALA D 167 9.57 24.73 -1.90
CA ALA D 167 9.78 26.16 -2.02
C ALA D 167 8.79 26.94 -2.90
N GLU D 168 8.04 26.27 -3.78
CA GLU D 168 7.11 26.95 -4.66
C GLU D 168 6.39 28.13 -4.02
N SER D 169 6.15 28.05 -2.72
CA SER D 169 5.46 29.10 -1.98
C SER D 169 6.15 30.45 -2.13
N HIS D 170 7.46 30.42 -2.43
CA HIS D 170 8.27 31.63 -2.60
C HIS D 170 9.00 31.64 -3.94
N LYS D 171 8.44 30.98 -4.97
CA LYS D 171 9.13 30.91 -6.26
C LYS D 171 9.46 32.21 -6.97
N GLU D 172 8.78 33.29 -6.65
CA GLU D 172 9.08 34.56 -7.31
C GLU D 172 10.42 35.07 -6.85
N LEU D 173 10.64 34.98 -5.53
CA LEU D 173 11.88 35.42 -4.91
C LEU D 173 13.03 34.52 -5.32
N LEU D 174 12.85 33.22 -5.10
CA LEU D 174 13.88 32.26 -5.44
C LEU D 174 14.26 32.29 -6.93
N ALA D 175 13.27 32.48 -7.80
CA ALA D 175 13.58 32.55 -9.21
C ALA D 175 14.51 33.75 -9.46
N LYS D 176 14.12 34.90 -8.89
CA LYS D 176 14.89 36.14 -9.03
C LYS D 176 16.34 35.98 -8.58
N LEU D 177 16.55 35.31 -7.46
CA LEU D 177 17.89 35.10 -6.93
C LEU D 177 18.69 34.19 -7.85
N ALA D 178 18.08 33.08 -8.26
CA ALA D 178 18.75 32.14 -9.16
C ALA D 178 19.24 32.88 -10.40
N VAL D 179 18.32 33.53 -11.11
CA VAL D 179 18.64 34.27 -12.33
C VAL D 179 19.74 35.32 -12.12
N GLU D 180 19.61 36.16 -11.10
CA GLU D 180 20.61 37.19 -10.84
C GLU D 180 21.98 36.61 -10.62
N ALA D 181 22.04 35.53 -9.84
CA ALA D 181 23.30 34.87 -9.54
C ALA D 181 23.97 34.34 -10.80
N VAL D 182 23.20 33.73 -11.69
CA VAL D 182 23.77 33.19 -12.91
C VAL D 182 24.21 34.28 -13.88
N LYS D 183 23.40 35.32 -14.05
CA LYS D 183 23.74 36.41 -14.95
C LYS D 183 25.07 37.04 -14.54
N GLN D 184 25.22 37.28 -13.24
CA GLN D 184 26.43 37.88 -12.71
C GLN D 184 27.68 37.02 -12.92
N VAL D 185 27.55 35.74 -12.58
CA VAL D 185 28.63 34.77 -12.68
C VAL D 185 29.01 34.36 -14.10
N ALA D 186 28.05 34.42 -15.01
CA ALA D 186 28.28 34.02 -16.39
C ALA D 186 29.38 34.80 -17.12
N GLU D 187 30.12 34.08 -17.97
CA GLU D 187 31.20 34.66 -18.77
C GLU D 187 30.81 34.48 -20.23
N LYS D 188 30.99 35.53 -21.03
CA LYS D 188 30.65 35.47 -22.45
C LYS D 188 31.90 35.42 -23.32
N LYS D 189 31.98 34.40 -24.17
CA LYS D 189 33.12 34.26 -25.07
C LYS D 189 32.65 33.92 -26.48
N ASP D 190 32.86 34.86 -27.41
CA ASP D 190 32.46 34.69 -28.80
C ASP D 190 30.95 34.70 -28.93
N GLY D 191 30.30 35.67 -28.29
CA GLY D 191 28.85 35.74 -28.36
C GLY D 191 28.21 34.53 -27.70
N LYS D 192 29.04 33.71 -27.05
CA LYS D 192 28.59 32.51 -26.34
C LYS D 192 28.78 32.68 -24.84
N TYR D 193 27.86 32.12 -24.05
CA TYR D 193 27.94 32.19 -22.59
C TYR D 193 28.29 30.85 -21.99
N VAL D 194 29.11 30.88 -20.94
CA VAL D 194 29.48 29.65 -20.24
C VAL D 194 29.37 29.98 -18.76
N VAL D 195 28.78 29.08 -17.98
CA VAL D 195 28.61 29.32 -16.57
C VAL D 195 29.20 28.23 -15.70
N ASP D 196 30.08 28.60 -14.77
CA ASP D 196 30.64 27.61 -13.86
C ASP D 196 29.89 27.79 -12.55
N LEU D 197 29.03 26.81 -12.25
CA LEU D 197 28.22 26.84 -11.05
C LEU D 197 29.01 26.83 -9.74
N ASP D 198 30.34 26.83 -9.82
CA ASP D 198 31.17 26.84 -8.61
C ASP D 198 31.32 28.28 -8.13
N ASN D 199 30.99 29.23 -9.00
CA ASN D 199 31.07 30.64 -8.66
C ASN D 199 29.80 31.08 -7.96
N ILE D 200 29.00 30.10 -7.56
CA ILE D 200 27.75 30.37 -6.86
C ILE D 200 27.65 29.48 -5.61
N LYS D 201 27.89 30.06 -4.44
CA LYS D 201 27.81 29.31 -3.20
C LYS D 201 26.41 29.40 -2.60
N PHE D 202 26.03 28.36 -1.87
CA PHE D 202 24.76 28.31 -1.17
C PHE D 202 25.11 28.16 0.30
N GLU D 203 24.74 29.15 1.10
CA GLU D 203 25.00 29.08 2.52
C GLU D 203 23.67 28.88 3.19
N LYS D 204 23.58 27.86 4.03
CA LYS D 204 22.35 27.57 4.74
C LYS D 204 22.46 28.00 6.19
N LYS D 205 21.31 28.31 6.79
CA LYS D 205 21.27 28.71 8.19
C LYS D 205 19.84 28.87 8.64
N ALA D 206 19.34 27.90 9.41
CA ALA D 206 17.97 27.92 9.90
C ALA D 206 17.67 29.17 10.73
N GLY D 207 16.41 29.58 10.69
CA GLY D 207 15.98 30.77 11.41
C GLY D 207 15.24 31.59 10.37
N GLU D 208 14.36 32.48 10.83
CA GLU D 208 13.59 33.30 9.89
C GLU D 208 12.78 32.36 9.02
N GLY D 209 12.43 32.81 7.82
CA GLY D 209 11.66 31.98 6.91
C GLY D 209 12.33 31.96 5.55
N VAL D 210 11.98 30.99 4.73
CA VAL D 210 12.55 30.89 3.39
C VAL D 210 12.46 32.25 2.70
N GLU D 211 11.42 33.00 3.08
CA GLU D 211 11.16 34.32 2.53
C GLU D 211 12.31 35.30 2.79
N GLU D 212 13.15 35.01 3.77
CA GLU D 212 14.27 35.86 4.13
C GLU D 212 15.56 35.60 3.36
N SER D 213 15.56 34.58 2.51
CA SER D 213 16.74 34.26 1.73
C SER D 213 17.14 35.45 0.85
N GLU D 214 18.44 35.59 0.57
CA GLU D 214 18.92 36.71 -0.25
C GLU D 214 20.11 36.34 -1.11
N LEU D 215 20.48 37.26 -2.00
CA LEU D 215 21.62 37.09 -2.88
C LEU D 215 22.69 38.06 -2.41
N VAL D 216 23.87 37.55 -2.10
CA VAL D 216 24.95 38.41 -1.65
C VAL D 216 26.00 38.57 -2.73
N ARG D 217 26.06 39.76 -3.33
CA ARG D 217 27.04 40.04 -4.39
C ARG D 217 28.42 40.08 -3.74
N GLY D 218 28.83 38.92 -3.25
CA GLY D 218 30.10 38.78 -2.56
C GLY D 218 30.19 37.38 -2.03
N VAL D 219 30.72 37.21 -0.81
CA VAL D 219 30.87 35.89 -0.24
C VAL D 219 30.50 35.80 1.24
N VAL D 220 29.85 34.73 1.64
CA VAL D 220 29.49 34.55 3.03
C VAL D 220 30.29 33.35 3.52
N ILE D 221 31.36 33.62 4.25
CA ILE D 221 32.23 32.58 4.79
C ILE D 221 31.79 32.20 6.18
N ASP D 222 31.61 30.93 6.42
CA ASP D 222 31.20 30.51 7.75
C ASP D 222 32.40 30.34 8.69
N LYS D 223 32.94 31.47 9.14
CA LYS D 223 34.04 31.49 10.08
C LYS D 223 33.96 32.78 10.88
N GLU D 224 34.91 33.02 11.77
CA GLU D 224 34.87 34.24 12.54
C GLU D 224 36.24 34.92 12.64
N VAL D 225 36.23 36.20 13.04
CA VAL D 225 37.46 36.97 13.19
C VAL D 225 38.28 36.29 14.29
N VAL D 226 39.48 35.83 13.95
CA VAL D 226 40.33 35.12 14.90
C VAL D 226 40.67 35.81 16.20
N HIS D 227 40.83 37.12 16.16
CA HIS D 227 41.18 37.84 17.36
C HIS D 227 40.04 38.73 17.85
N PRO D 228 39.79 38.72 19.17
CA PRO D 228 38.74 39.50 19.80
C PRO D 228 38.88 41.01 19.70
N ARG D 229 40.12 41.49 19.69
CA ARG D 229 40.38 42.93 19.61
C ARG D 229 40.38 43.47 18.18
N MET D 230 40.23 42.60 17.18
CA MET D 230 40.20 43.04 15.79
C MET D 230 38.83 43.64 15.49
N PRO D 231 38.72 44.50 14.45
CA PRO D 231 37.43 45.09 14.13
C PRO D 231 36.45 44.03 13.63
N LYS D 232 35.17 44.31 13.78
CA LYS D 232 34.14 43.38 13.35
C LYS D 232 33.45 43.91 12.11
N ARG D 233 33.85 45.09 11.68
CA ARG D 233 33.28 45.70 10.50
C ARG D 233 34.30 46.61 9.86
N VAL D 234 34.50 46.43 8.56
CA VAL D 234 35.44 47.25 7.80
C VAL D 234 34.67 47.70 6.56
N GLU D 235 34.49 49.00 6.43
CA GLU D 235 33.76 49.57 5.31
C GLU D 235 34.40 49.43 3.94
N ASN D 236 35.25 50.36 3.53
CA ASN D 236 35.82 50.21 2.20
C ASN D 236 37.05 49.31 2.23
N ALA D 237 36.82 48.10 2.70
CA ALA D 237 37.82 47.06 2.86
C ALA D 237 38.80 46.81 1.73
N LYS D 238 40.07 46.70 2.11
CA LYS D 238 41.16 46.39 1.20
C LYS D 238 41.51 44.98 1.65
N ILE D 239 41.08 44.01 0.85
CA ILE D 239 41.25 42.60 1.18
C ILE D 239 42.49 41.86 0.66
N ALA D 240 43.16 41.17 1.57
CA ALA D 240 44.36 40.40 1.23
C ALA D 240 44.04 38.92 1.37
N LEU D 241 44.42 38.14 0.37
CA LEU D 241 44.20 36.71 0.39
C LEU D 241 45.54 35.98 0.40
N ILE D 242 45.83 35.32 1.51
CA ILE D 242 47.08 34.59 1.68
C ILE D 242 46.78 33.16 2.10
N ASN D 243 47.52 32.19 1.56
CA ASN D 243 47.27 30.82 1.99
C ASN D 243 48.40 30.28 2.86
N GLU D 244 49.58 30.85 2.71
CA GLU D 244 50.71 30.45 3.55
C GLU D 244 50.37 30.80 5.01
N ALA D 245 50.67 29.90 5.94
CA ALA D 245 50.35 30.19 7.33
C ALA D 245 51.20 31.34 7.89
N LEU D 246 50.58 32.19 8.68
CA LEU D 246 51.29 33.29 9.32
C LEU D 246 51.90 32.70 10.58
N GLU D 247 52.99 31.94 10.41
CA GLU D 247 53.68 31.29 11.51
C GLU D 247 55.17 31.30 11.20
N VAL D 248 55.96 30.73 12.09
CA VAL D 248 57.41 30.67 11.90
C VAL D 248 57.76 29.60 10.88
N LYS D 249 58.20 30.04 9.71
CA LYS D 249 58.57 29.14 8.62
C LYS D 249 59.77 28.24 8.93
N LYS D 250 59.75 27.03 8.37
CA LYS D 250 60.82 26.06 8.55
C LYS D 250 61.23 25.53 7.18
N THR D 251 62.49 25.19 7.02
CA THR D 251 62.96 24.70 5.73
C THR D 251 62.41 23.31 5.42
N GLU D 252 62.39 22.96 4.15
CA GLU D 252 61.94 21.65 3.70
C GLU D 252 62.97 20.63 4.11
N THR D 253 64.23 21.03 4.05
CA THR D 253 65.36 20.18 4.43
C THR D 253 65.37 20.20 5.95
N ASP D 254 65.71 19.07 6.57
CA ASP D 254 65.73 19.01 8.03
C ASP D 254 66.79 19.94 8.59
N ALA D 255 66.49 20.53 9.73
CA ALA D 255 67.42 21.43 10.37
C ALA D 255 67.21 21.43 11.86
N LYS D 256 68.27 21.76 12.58
CA LYS D 256 68.23 21.81 14.04
C LYS D 256 69.19 22.87 14.52
N ILE D 257 68.73 23.69 15.44
CA ILE D 257 69.58 24.74 15.97
C ILE D 257 70.53 24.07 16.97
N ASN D 258 71.82 24.40 16.85
CA ASN D 258 72.82 23.85 17.73
C ASN D 258 73.30 24.91 18.71
N ILE D 259 72.63 25.01 19.85
CA ILE D 259 72.97 26.00 20.86
C ILE D 259 74.30 25.72 21.52
N THR D 260 75.12 26.75 21.63
CA THR D 260 76.45 26.63 22.21
C THR D 260 76.75 27.67 23.30
N SER D 261 75.98 28.75 23.33
CA SER D 261 76.14 29.78 24.35
C SER D 261 74.75 30.21 24.78
N PRO D 262 74.58 30.61 26.04
CA PRO D 262 73.30 31.04 26.61
C PRO D 262 72.66 32.21 25.89
N ASP D 263 73.50 33.13 25.42
CA ASP D 263 73.01 34.31 24.72
C ASP D 263 72.18 33.87 23.52
N GLN D 264 72.44 32.66 23.02
CA GLN D 264 71.70 32.15 21.87
C GLN D 264 70.26 31.83 22.23
N LEU D 265 70.03 31.25 23.40
CA LEU D 265 68.66 30.92 23.79
C LEU D 265 67.72 32.10 23.50
N MET D 266 68.22 33.31 23.67
CA MET D 266 67.42 34.51 23.45
C MET D 266 67.48 35.01 22.02
N SER D 267 68.67 35.05 21.44
CA SER D 267 68.82 35.54 20.09
C SER D 267 67.95 34.79 19.07
N PHE D 268 67.78 33.49 19.24
CA PHE D 268 66.96 32.74 18.29
C PHE D 268 65.47 32.96 18.52
N LEU D 269 65.08 33.08 19.78
CA LEU D 269 63.67 33.33 20.09
C LEU D 269 63.26 34.66 19.47
N GLU D 270 64.10 35.67 19.63
CA GLU D 270 63.83 36.99 19.09
C GLU D 270 63.88 37.03 17.58
N GLN D 271 64.56 36.07 16.98
CA GLN D 271 64.65 36.03 15.54
C GLN D 271 63.32 35.53 14.99
N GLU D 272 62.76 34.52 15.65
CA GLU D 272 61.48 33.98 15.21
C GLU D 272 60.44 35.07 15.46
N GLU D 273 60.65 35.77 16.58
CA GLU D 273 59.79 36.86 16.99
C GLU D 273 59.74 37.87 15.85
N LYS D 274 60.92 38.23 15.37
CA LYS D 274 61.08 39.19 14.28
C LYS D 274 60.44 38.71 12.98
N MET D 275 60.62 37.43 12.66
CA MET D 275 60.05 36.86 11.46
C MET D 275 58.53 36.97 11.46
N LEU D 276 57.92 36.61 12.59
CA LEU D 276 56.48 36.68 12.75
C LEU D 276 56.02 38.12 12.52
N LYS D 277 56.67 39.05 13.22
CA LYS D 277 56.35 40.46 13.11
C LYS D 277 56.55 41.00 11.70
N ASP D 278 57.70 40.73 11.11
CA ASP D 278 57.98 41.22 9.77
C ASP D 278 56.86 40.89 8.80
N MET D 279 56.32 39.67 8.88
CA MET D 279 55.23 39.27 8.00
C MET D 279 54.06 40.23 8.18
N VAL D 280 53.56 40.33 9.41
CA VAL D 280 52.44 41.22 9.70
C VAL D 280 52.74 42.64 9.19
N ASP D 281 53.94 43.14 9.47
CA ASP D 281 54.32 44.47 9.00
C ASP D 281 54.15 44.56 7.50
N HIS D 282 54.68 43.58 6.77
CA HIS D 282 54.58 43.60 5.32
C HIS D 282 53.14 43.71 4.84
N ILE D 283 52.25 42.96 5.49
CA ILE D 283 50.84 42.98 5.15
C ILE D 283 50.32 44.39 5.36
N ALA D 284 50.46 44.90 6.58
CA ALA D 284 50.01 46.24 6.91
C ALA D 284 50.48 47.27 5.87
N GLN D 285 51.73 47.16 5.45
CA GLN D 285 52.33 48.08 4.49
C GLN D 285 51.61 48.15 3.14
N THR D 286 50.99 47.06 2.72
CA THR D 286 50.29 47.03 1.45
C THR D 286 49.03 47.89 1.48
N GLY D 287 48.54 48.16 2.68
CA GLY D 287 47.35 48.97 2.83
C GLY D 287 46.16 48.11 3.24
N ALA D 288 46.37 46.81 3.22
CA ALA D 288 45.33 45.85 3.58
C ALA D 288 44.76 46.11 4.98
N ASN D 289 43.46 45.86 5.15
CA ASN D 289 42.80 46.03 6.45
C ASN D 289 41.87 44.87 6.74
N VAL D 290 41.92 43.87 5.86
CA VAL D 290 41.13 42.64 5.99
C VAL D 290 41.95 41.57 5.30
N VAL D 291 42.22 40.47 6.01
CA VAL D 291 42.99 39.39 5.41
C VAL D 291 42.42 38.02 5.73
N PHE D 292 42.29 37.20 4.69
CA PHE D 292 41.80 35.85 4.83
C PHE D 292 42.99 34.94 4.58
N VAL D 293 43.39 34.22 5.61
CA VAL D 293 44.52 33.30 5.52
C VAL D 293 43.94 31.91 5.42
N GLN D 294 44.42 31.13 4.47
CA GLN D 294 43.92 29.78 4.29
C GLN D 294 44.40 28.84 5.38
N LYS D 295 45.66 28.99 5.78
CA LYS D 295 46.24 28.16 6.81
C LYS D 295 46.02 28.80 8.18
N GLY D 296 46.92 28.55 9.12
CA GLY D 296 46.75 29.10 10.46
C GLY D 296 47.36 30.47 10.72
N ILE D 297 47.04 31.05 11.86
CA ILE D 297 47.56 32.35 12.24
C ILE D 297 48.00 32.34 13.71
N ASP D 298 49.31 32.43 13.91
CA ASP D 298 49.93 32.44 15.23
C ASP D 298 49.40 33.51 16.17
N ASP D 299 49.41 33.24 17.46
CA ASP D 299 48.94 34.21 18.43
C ASP D 299 49.68 35.52 18.30
N LEU D 300 51.01 35.47 18.23
CA LEU D 300 51.80 36.68 18.11
C LEU D 300 51.37 37.46 16.88
N ALA D 301 51.15 36.76 15.78
CA ALA D 301 50.73 37.41 14.54
C ALA D 301 49.39 38.12 14.72
N GLN D 302 48.41 37.39 15.26
CA GLN D 302 47.09 37.94 15.49
C GLN D 302 47.19 39.18 16.32
N HIS D 303 48.09 39.16 17.29
CA HIS D 303 48.31 40.27 18.19
C HIS D 303 48.81 41.49 17.44
N TYR D 304 49.78 41.31 16.55
CA TYR D 304 50.26 42.46 15.80
C TYR D 304 49.20 42.89 14.79
N LEU D 305 48.61 41.90 14.13
CA LEU D 305 47.56 42.14 13.14
C LEU D 305 46.46 42.99 13.80
N ALA D 306 46.12 42.62 15.04
CA ALA D 306 45.11 43.35 15.79
C ALA D 306 45.57 44.79 16.00
N LYS D 307 46.74 44.97 16.61
CA LYS D 307 47.26 46.32 16.85
C LYS D 307 47.22 47.19 15.60
N TYR D 308 47.25 46.58 14.43
CA TYR D 308 47.19 47.34 13.19
C TYR D 308 45.76 47.63 12.81
N GLY D 309 44.82 47.02 13.53
CA GLY D 309 43.42 47.23 13.22
C GLY D 309 43.05 46.49 11.95
N ILE D 310 43.69 45.36 11.74
CA ILE D 310 43.41 44.56 10.56
C ILE D 310 42.55 43.36 10.94
N MET D 311 41.43 43.19 10.25
CA MET D 311 40.58 42.05 10.53
C MET D 311 41.23 40.84 9.88
N ALA D 312 41.21 39.70 10.57
CA ALA D 312 41.81 38.50 10.02
C ALA D 312 41.00 37.21 10.32
N VAL D 313 41.09 36.25 9.41
CA VAL D 313 40.40 34.99 9.53
C VAL D 313 41.40 33.88 9.23
N ARG D 314 41.51 32.89 10.12
CA ARG D 314 42.45 31.79 9.91
C ARG D 314 41.70 30.59 9.35
N ARG D 315 42.46 29.63 8.82
CA ARG D 315 41.91 28.39 8.28
C ARG D 315 40.68 28.50 7.36
N VAL D 316 40.77 29.36 6.35
CA VAL D 316 39.68 29.54 5.41
C VAL D 316 39.78 28.48 4.32
N LYS D 317 38.70 27.72 4.12
CA LYS D 317 38.67 26.67 3.10
C LYS D 317 39.20 27.16 1.77
N LYS D 318 39.94 26.30 1.07
CA LYS D 318 40.50 26.67 -0.24
C LYS D 318 39.45 27.12 -1.27
N SER D 319 38.29 26.46 -1.27
CA SER D 319 37.25 26.81 -2.22
C SER D 319 36.71 28.20 -1.91
N ASP D 320 36.69 28.56 -0.64
CA ASP D 320 36.22 29.88 -0.24
C ASP D 320 37.26 30.94 -0.54
N MET D 321 38.54 30.56 -0.54
CA MET D 321 39.62 31.49 -0.87
C MET D 321 39.47 31.88 -2.34
N GLU D 322 39.16 30.88 -3.16
CA GLU D 322 38.99 31.09 -4.59
C GLU D 322 37.80 31.95 -4.95
N LYS D 323 36.72 31.84 -4.19
CA LYS D 323 35.55 32.63 -4.51
C LYS D 323 35.63 34.03 -3.91
N LEU D 324 36.52 34.21 -2.93
CA LEU D 324 36.73 35.52 -2.32
C LEU D 324 37.53 36.34 -3.33
N ALA D 325 38.37 35.65 -4.10
CA ALA D 325 39.19 36.30 -5.10
C ALA D 325 38.29 36.73 -6.25
N LYS D 326 37.55 35.76 -6.78
CA LYS D 326 36.61 35.97 -7.88
C LYS D 326 35.71 37.16 -7.57
N ALA D 327 35.18 37.18 -6.35
CA ALA D 327 34.27 38.23 -5.91
C ALA D 327 34.88 39.61 -5.68
N THR D 328 35.88 39.68 -4.81
CA THR D 328 36.54 40.93 -4.42
C THR D 328 37.57 41.47 -5.40
N GLY D 329 38.06 40.60 -6.28
CA GLY D 329 39.07 41.06 -7.21
C GLY D 329 40.45 40.76 -6.71
N ALA D 330 40.57 40.46 -5.43
CA ALA D 330 41.85 40.12 -4.82
C ALA D 330 42.55 38.98 -5.57
N LYS D 331 43.87 38.93 -5.45
CA LYS D 331 44.66 37.88 -6.08
C LYS D 331 45.32 37.06 -4.99
N ILE D 332 45.04 35.76 -4.96
CA ILE D 332 45.62 34.88 -3.94
C ILE D 332 47.13 34.79 -4.05
N VAL D 333 47.82 35.23 -3.00
CA VAL D 333 49.27 35.19 -2.93
C VAL D 333 49.71 34.02 -2.06
N THR D 334 50.78 33.36 -2.44
CA THR D 334 51.27 32.22 -1.66
C THR D 334 52.09 32.68 -0.47
N ASN D 335 53.16 33.44 -0.70
CA ASN D 335 53.99 33.94 0.39
C ASN D 335 53.66 35.38 0.75
N VAL D 336 53.49 35.63 2.05
CA VAL D 336 53.18 36.96 2.55
C VAL D 336 54.08 37.98 1.85
N LYS D 337 55.35 37.66 1.79
CA LYS D 337 56.37 38.51 1.17
C LYS D 337 56.06 38.97 -0.24
N ASP D 338 55.35 38.15 -1.00
CA ASP D 338 55.01 38.50 -2.39
C ASP D 338 53.71 39.30 -2.50
N LEU D 339 53.10 39.61 -1.36
CA LEU D 339 51.84 40.37 -1.35
C LEU D 339 52.11 41.81 -1.71
N THR D 340 51.24 42.36 -2.55
CA THR D 340 51.37 43.72 -3.05
C THR D 340 50.03 44.44 -3.01
N PRO D 341 50.04 45.79 -3.12
CA PRO D 341 48.74 46.45 -3.09
C PRO D 341 47.88 45.99 -4.27
N GLU D 342 48.51 45.81 -5.44
CA GLU D 342 47.78 45.36 -6.62
C GLU D 342 47.18 43.98 -6.42
N ASP D 343 47.52 43.33 -5.31
CA ASP D 343 46.99 42.00 -5.03
C ASP D 343 45.75 42.05 -4.16
N LEU D 344 45.43 43.25 -3.66
CA LEU D 344 44.29 43.44 -2.79
C LEU D 344 42.97 43.57 -3.54
N GLY D 345 41.92 43.01 -2.95
CA GLY D 345 40.60 43.07 -3.55
C GLY D 345 39.75 44.09 -2.84
N TYR D 346 38.55 44.34 -3.37
CA TYR D 346 37.66 45.32 -2.77
C TYR D 346 36.30 44.75 -2.40
N ALA D 347 35.74 45.28 -1.32
CA ALA D 347 34.42 44.88 -0.84
C ALA D 347 33.86 46.08 -0.09
N GLU D 348 32.66 46.51 -0.48
CA GLU D 348 32.04 47.66 0.16
C GLU D 348 31.89 47.51 1.67
N VAL D 349 31.75 46.27 2.13
CA VAL D 349 31.62 45.99 3.55
C VAL D 349 32.00 44.54 3.86
N VAL D 350 32.73 44.36 4.95
CA VAL D 350 33.12 43.04 5.39
C VAL D 350 32.87 43.09 6.89
N GLU D 351 32.06 42.16 7.39
CA GLU D 351 31.80 42.16 8.83
C GLU D 351 31.30 40.84 9.36
N GLU D 352 31.69 40.56 10.61
CA GLU D 352 31.28 39.35 11.29
C GLU D 352 29.83 39.58 11.63
N ARG D 353 29.07 38.51 11.83
CA ARG D 353 27.65 38.63 12.16
C ARG D 353 27.10 37.31 12.63
N LYS D 354 26.18 37.37 13.58
CA LYS D 354 25.58 36.15 14.11
C LYS D 354 24.28 35.82 13.38
N LEU D 355 24.13 34.55 13.03
CA LEU D 355 22.92 34.08 12.36
C LEU D 355 22.40 32.93 13.19
N ALA D 356 21.22 33.12 13.77
CA ALA D 356 20.62 32.09 14.60
C ALA D 356 21.63 31.71 15.70
N GLY D 357 22.42 32.69 16.14
CA GLY D 357 23.41 32.43 17.18
C GLY D 357 24.84 32.32 16.70
N GLU D 358 25.14 31.39 15.79
CA GLU D 358 26.50 31.20 15.28
C GLU D 358 27.03 32.38 14.45
N ASN D 359 28.27 32.78 14.73
CA ASN D 359 28.93 33.89 14.01
C ASN D 359 29.16 33.55 12.55
N MET D 360 29.48 34.57 11.76
CA MET D 360 29.73 34.37 10.34
C MET D 360 30.35 35.63 9.75
N ILE D 361 30.93 35.51 8.57
CA ILE D 361 31.57 36.65 7.95
C ILE D 361 30.96 37.01 6.61
N PHE D 362 30.58 38.28 6.46
CA PHE D 362 29.99 38.75 5.22
C PHE D 362 30.92 39.65 4.44
N VAL D 363 31.21 39.26 3.21
CA VAL D 363 32.03 40.05 2.31
C VAL D 363 31.02 40.45 1.26
N GLU D 364 30.33 41.57 1.50
CA GLU D 364 29.30 42.02 0.58
C GLU D 364 29.65 43.35 -0.10
N GLY D 365 28.91 43.66 -1.16
CA GLY D 365 29.12 44.89 -1.89
C GLY D 365 30.38 44.96 -2.74
N CYS D 366 30.65 43.92 -3.53
CA CYS D 366 31.82 43.93 -4.40
C CYS D 366 31.40 44.62 -5.69
N LYS D 367 32.38 45.11 -6.46
CA LYS D 367 32.07 45.82 -7.70
C LYS D 367 31.35 44.92 -8.72
N ASN D 368 32.11 44.13 -9.45
CA ASN D 368 31.48 43.24 -10.43
C ASN D 368 31.97 41.85 -10.06
N PRO D 369 31.46 41.31 -8.94
CA PRO D 369 31.86 39.98 -8.47
C PRO D 369 31.77 38.94 -9.56
N LYS D 370 32.65 37.94 -9.48
CA LYS D 370 32.66 36.86 -10.46
C LYS D 370 32.17 35.57 -9.79
N ALA D 371 31.92 35.68 -8.48
CA ALA D 371 31.40 34.59 -7.68
C ALA D 371 30.43 35.24 -6.69
N VAL D 372 29.29 34.60 -6.43
CA VAL D 372 28.30 35.16 -5.51
C VAL D 372 27.76 34.10 -4.55
N THR D 373 27.04 34.56 -3.52
CA THR D 373 26.48 33.66 -2.52
C THR D 373 24.97 33.81 -2.34
N ILE D 374 24.26 32.70 -2.42
CA ILE D 374 22.82 32.76 -2.18
C ILE D 374 22.61 32.25 -0.77
N LEU D 375 22.35 33.19 0.14
CA LEU D 375 22.14 32.88 1.55
C LEU D 375 20.73 32.38 1.74
N ILE D 376 20.60 31.14 2.21
CA ILE D 376 19.30 30.52 2.42
C ILE D 376 18.88 30.51 3.87
N ARG D 377 17.64 30.94 4.12
CA ARG D 377 17.11 30.94 5.48
C ARG D 377 15.87 30.08 5.45
N GLY D 378 15.46 29.55 6.61
CA GLY D 378 14.28 28.70 6.65
C GLY D 378 13.88 28.30 8.07
N GLY D 379 12.65 27.84 8.21
CA GLY D 379 12.18 27.45 9.53
C GLY D 379 12.85 26.24 10.16
N THR D 380 13.43 25.35 9.36
CA THR D 380 14.08 24.16 9.89
C THR D 380 15.21 23.67 9.00
N GLU D 381 16.05 22.77 9.54
CA GLU D 381 17.16 22.23 8.76
C GLU D 381 16.64 21.60 7.48
N HIS D 382 15.65 20.72 7.60
CA HIS D 382 15.07 20.06 6.44
C HIS D 382 14.52 21.00 5.37
N VAL D 383 13.95 22.12 5.80
CA VAL D 383 13.39 23.06 4.84
C VAL D 383 14.47 23.72 4.02
N ILE D 384 15.49 24.25 4.67
CA ILE D 384 16.56 24.91 3.93
C ILE D 384 17.30 23.91 3.07
N ASP D 385 17.27 22.64 3.48
CA ASP D 385 17.92 21.59 2.73
C ASP D 385 17.24 21.38 1.40
N GLU D 386 15.90 21.37 1.42
CA GLU D 386 15.11 21.20 0.20
C GLU D 386 15.17 22.47 -0.63
N VAL D 387 15.23 23.61 0.04
CA VAL D 387 15.30 24.87 -0.68
C VAL D 387 16.59 24.86 -1.46
N GLU D 388 17.66 24.43 -0.80
CA GLU D 388 18.95 24.37 -1.46
C GLU D 388 18.86 23.55 -2.75
N ARG D 389 18.21 22.39 -2.68
CA ARG D 389 18.06 21.53 -3.85
C ARG D 389 17.31 22.23 -4.99
N ALA D 390 16.21 22.89 -4.62
CA ALA D 390 15.40 23.61 -5.59
C ALA D 390 16.23 24.72 -6.22
N LEU D 391 17.00 25.42 -5.39
CA LEU D 391 17.84 26.50 -5.87
C LEU D 391 18.86 25.92 -6.84
N GLU D 392 19.37 24.74 -6.50
CA GLU D 392 20.37 24.07 -7.34
C GLU D 392 19.80 23.79 -8.74
N ASP D 393 18.61 23.20 -8.79
CA ASP D 393 17.98 22.92 -10.08
C ASP D 393 17.76 24.25 -10.81
N ALA D 394 17.08 25.18 -10.15
CA ALA D 394 16.78 26.48 -10.73
C ALA D 394 17.99 27.08 -11.42
N VAL D 395 19.09 27.13 -10.69
CA VAL D 395 20.34 27.67 -11.21
C VAL D 395 20.84 26.94 -12.44
N LYS D 396 20.75 25.61 -12.44
CA LYS D 396 21.21 24.82 -13.57
C LYS D 396 20.30 24.95 -14.80
N VAL D 397 19.02 25.15 -14.57
CA VAL D 397 18.09 25.32 -15.67
C VAL D 397 18.39 26.68 -16.32
N VAL D 398 18.70 27.67 -15.48
CA VAL D 398 19.03 29.00 -15.98
C VAL D 398 20.34 28.90 -16.76
N LYS D 399 21.25 28.04 -16.31
CA LYS D 399 22.51 27.85 -17.00
C LYS D 399 22.23 27.24 -18.38
N ASP D 400 21.42 26.19 -18.41
CA ASP D 400 21.10 25.53 -19.67
C ASP D 400 20.70 26.54 -20.72
N VAL D 401 19.78 27.44 -20.38
CA VAL D 401 19.31 28.43 -21.35
C VAL D 401 20.33 29.48 -21.75
N MET D 402 21.18 29.92 -20.84
CA MET D 402 22.17 30.92 -21.21
C MET D 402 23.23 30.32 -22.11
N GLU D 403 23.45 29.01 -22.00
CA GLU D 403 24.46 28.36 -22.82
C GLU D 403 23.86 27.81 -24.13
N ASP D 404 22.63 27.30 -24.05
CA ASP D 404 21.96 26.73 -25.20
C ASP D 404 21.22 27.78 -26.02
N GLY D 405 20.56 28.71 -25.33
CA GLY D 405 19.82 29.75 -26.01
C GLY D 405 18.55 29.21 -26.66
N ALA D 406 18.07 28.08 -26.17
CA ALA D 406 16.87 27.46 -26.72
C ALA D 406 16.01 26.99 -25.57
N VAL D 407 14.71 27.06 -25.77
CA VAL D 407 13.76 26.69 -24.74
C VAL D 407 12.54 26.01 -25.38
N LEU D 408 11.83 25.20 -24.61
CA LEU D 408 10.64 24.52 -25.11
C LEU D 408 9.50 24.71 -24.13
N PRO D 409 8.26 24.51 -24.58
CA PRO D 409 7.13 24.67 -23.66
C PRO D 409 7.06 23.42 -22.77
N ALA D 410 6.44 23.51 -21.60
CA ALA D 410 6.35 22.33 -20.73
C ALA D 410 4.95 21.72 -20.80
N GLY D 411 4.43 21.29 -19.65
CA GLY D 411 3.10 20.71 -19.59
C GLY D 411 2.84 19.53 -20.49
N GLY D 412 3.90 18.79 -20.84
CA GLY D 412 3.75 17.64 -21.72
C GLY D 412 3.61 18.01 -23.18
N ALA D 413 3.74 19.31 -23.45
CA ALA D 413 3.63 19.82 -24.81
C ALA D 413 4.66 19.19 -25.77
N PRO D 414 5.95 19.18 -25.39
CA PRO D 414 6.98 18.61 -26.24
C PRO D 414 6.74 17.13 -26.50
N GLU D 415 6.30 16.43 -25.47
CA GLU D 415 6.03 15.01 -25.60
C GLU D 415 4.82 14.77 -26.51
N ILE D 416 3.85 15.67 -26.47
CA ILE D 416 2.69 15.52 -27.31
C ILE D 416 3.09 15.83 -28.74
N GLU D 417 3.99 16.79 -28.89
CA GLU D 417 4.48 17.16 -30.22
C GLU D 417 5.21 15.93 -30.75
N LEU D 418 6.15 15.43 -29.95
CA LEU D 418 6.94 14.27 -30.31
C LEU D 418 6.07 13.08 -30.65
N ALA D 419 5.07 12.83 -29.81
CA ALA D 419 4.16 11.71 -30.02
C ALA D 419 3.45 11.79 -31.36
N ILE D 420 2.98 12.98 -31.72
CA ILE D 420 2.29 13.12 -33.01
C ILE D 420 3.26 12.75 -34.15
N ARG D 421 4.25 13.60 -34.34
CA ARG D 421 5.24 13.41 -35.38
C ARG D 421 5.89 12.04 -35.45
N LEU D 422 6.46 11.58 -34.35
CA LEU D 422 7.13 10.28 -34.34
C LEU D 422 6.21 9.16 -34.86
N ASP D 423 4.92 9.28 -34.53
CA ASP D 423 3.93 8.30 -34.97
C ASP D 423 3.76 8.34 -36.50
N GLU D 424 3.97 9.52 -37.06
CA GLU D 424 3.86 9.76 -38.49
C GLU D 424 5.14 9.28 -39.16
N TYR D 425 6.24 9.33 -38.41
CA TYR D 425 7.54 8.87 -38.89
C TYR D 425 7.45 7.34 -39.02
N ALA D 426 6.73 6.73 -38.09
CA ALA D 426 6.54 5.29 -38.10
C ALA D 426 5.94 4.89 -39.44
N LYS D 427 4.76 5.46 -39.72
CA LYS D 427 4.06 5.20 -40.97
C LYS D 427 5.04 5.26 -42.13
N GLN D 428 6.03 6.14 -42.03
CA GLN D 428 7.01 6.28 -43.10
C GLN D 428 7.94 5.08 -43.25
N VAL D 429 8.62 4.67 -42.17
CA VAL D 429 9.54 3.53 -42.28
C VAL D 429 8.78 2.23 -42.44
N GLY D 430 7.63 2.12 -41.78
CA GLY D 430 6.82 0.92 -41.88
C GLY D 430 7.51 -0.37 -41.43
N GLY D 431 6.84 -1.49 -41.67
CA GLY D 431 7.42 -2.77 -41.29
C GLY D 431 7.25 -2.99 -39.82
N LYS D 432 8.13 -3.78 -39.22
CA LYS D 432 8.04 -4.05 -37.78
C LYS D 432 8.69 -2.92 -37.01
N GLU D 433 9.70 -2.29 -37.60
CA GLU D 433 10.34 -1.17 -36.93
C GLU D 433 9.26 -0.12 -36.66
N ALA D 434 8.28 -0.06 -37.56
CA ALA D 434 7.17 0.87 -37.45
C ALA D 434 6.41 0.65 -36.14
N LEU D 435 6.31 -0.60 -35.71
CA LEU D 435 5.61 -0.92 -34.47
C LEU D 435 6.40 -0.36 -33.30
N ALA D 436 7.71 -0.60 -33.34
CA ALA D 436 8.59 -0.12 -32.29
C ALA D 436 8.60 1.41 -32.26
N ILE D 437 8.59 2.04 -33.44
CA ILE D 437 8.59 3.49 -33.48
C ILE D 437 7.29 4.08 -32.97
N GLU D 438 6.17 3.49 -33.36
CA GLU D 438 4.90 4.02 -32.90
C GLU D 438 4.68 3.77 -31.40
N ASN D 439 5.40 2.80 -30.85
CA ASN D 439 5.31 2.50 -29.42
C ASN D 439 6.13 3.48 -28.62
N PHE D 440 7.25 3.90 -29.21
CA PHE D 440 8.14 4.86 -28.58
C PHE D 440 7.32 6.16 -28.48
N ALA D 441 6.59 6.47 -29.54
CA ALA D 441 5.78 7.67 -29.56
C ALA D 441 4.68 7.58 -28.51
N ASP D 442 4.08 6.41 -28.41
CA ASP D 442 3.02 6.22 -27.44
C ASP D 442 3.58 6.39 -26.04
N ALA D 443 4.65 5.64 -25.76
CA ALA D 443 5.31 5.68 -24.47
C ALA D 443 5.55 7.12 -24.00
N LEU D 444 5.91 8.01 -24.92
CA LEU D 444 6.19 9.40 -24.55
C LEU D 444 5.05 10.13 -23.86
N LYS D 445 3.84 9.61 -23.96
CA LYS D 445 2.71 10.28 -23.34
C LYS D 445 2.54 10.08 -21.83
N ILE D 446 3.41 9.34 -21.16
CA ILE D 446 3.24 9.18 -19.71
C ILE D 446 3.41 10.53 -19.07
N ILE D 447 4.28 11.34 -19.63
CA ILE D 447 4.52 12.66 -19.07
C ILE D 447 3.21 13.44 -18.96
N PRO D 448 2.56 13.76 -20.10
CA PRO D 448 1.30 14.50 -19.95
C PRO D 448 0.30 13.69 -19.12
N LYS D 449 0.30 12.37 -19.30
CA LYS D 449 -0.62 11.51 -18.56
C LYS D 449 -0.40 11.62 -17.06
N THR D 450 0.87 11.54 -16.66
CA THR D 450 1.24 11.60 -15.25
C THR D 450 0.97 12.97 -14.62
N LEU D 451 1.12 14.03 -15.40
CA LEU D 451 0.85 15.36 -14.90
C LEU D 451 -0.61 15.40 -14.48
N ALA D 452 -1.47 14.90 -15.36
CA ALA D 452 -2.89 14.87 -15.09
C ALA D 452 -3.17 13.90 -13.96
N GLU D 453 -2.48 12.78 -13.97
CA GLU D 453 -2.71 11.77 -12.94
C GLU D 453 -2.40 12.30 -11.55
N ASN D 454 -1.28 13.00 -11.39
CA ASN D 454 -0.92 13.54 -10.08
C ASN D 454 -1.81 14.71 -9.67
N ALA D 455 -2.50 15.30 -10.63
CA ALA D 455 -3.38 16.43 -10.36
C ALA D 455 -4.79 15.93 -10.07
N GLY D 456 -4.98 14.62 -10.17
CA GLY D 456 -6.28 14.05 -9.92
C GLY D 456 -7.26 14.18 -11.07
N LEU D 457 -6.76 14.50 -12.26
CA LEU D 457 -7.62 14.65 -13.44
C LEU D 457 -7.83 13.32 -14.15
N ASP D 458 -8.87 13.24 -14.96
CA ASP D 458 -9.14 12.03 -15.71
C ASP D 458 -8.11 11.88 -16.85
N THR D 459 -7.15 10.99 -16.63
CA THR D 459 -6.11 10.72 -17.60
C THR D 459 -6.61 10.53 -19.03
N VAL D 460 -7.56 9.61 -19.22
CA VAL D 460 -8.08 9.32 -20.55
C VAL D 460 -8.67 10.53 -21.29
N GLU D 461 -9.49 11.30 -20.59
CA GLU D 461 -10.12 12.46 -21.21
C GLU D 461 -9.13 13.59 -21.44
N MET D 462 -8.35 13.94 -20.42
CA MET D 462 -7.37 15.01 -20.56
C MET D 462 -6.48 14.74 -21.78
N LEU D 463 -6.00 13.51 -21.87
CA LEU D 463 -5.14 13.10 -22.96
C LEU D 463 -5.81 13.32 -24.31
N VAL D 464 -7.11 13.10 -24.37
CA VAL D 464 -7.82 13.29 -25.62
C VAL D 464 -7.91 14.77 -25.96
N LYS D 465 -8.22 15.59 -24.95
CA LYS D 465 -8.34 17.03 -25.17
C LYS D 465 -7.04 17.71 -25.57
N VAL D 466 -5.91 17.32 -24.98
CA VAL D 466 -4.65 17.96 -25.34
C VAL D 466 -4.22 17.59 -26.74
N ILE D 467 -4.11 16.29 -27.00
CA ILE D 467 -3.68 15.86 -28.31
C ILE D 467 -4.51 16.56 -29.36
N SER D 468 -5.81 16.65 -29.10
CA SER D 468 -6.73 17.30 -30.03
C SER D 468 -6.40 18.79 -30.18
N GLU D 469 -6.48 19.54 -29.10
CA GLU D 469 -6.20 20.96 -29.18
C GLU D 469 -4.78 21.20 -29.67
N HIS D 470 -3.85 20.38 -29.21
CA HIS D 470 -2.47 20.54 -29.64
C HIS D 470 -2.37 20.47 -31.17
N LYS D 471 -3.16 19.59 -31.76
CA LYS D 471 -3.16 19.42 -33.20
C LYS D 471 -3.77 20.62 -33.90
N ASN D 472 -4.62 21.37 -33.21
CA ASN D 472 -5.24 22.54 -33.81
C ASN D 472 -4.47 23.81 -33.57
N ARG D 473 -3.94 23.97 -32.36
CA ARG D 473 -3.23 25.19 -32.05
C ARG D 473 -1.71 25.07 -32.02
N GLY D 474 -1.20 23.87 -32.24
CA GLY D 474 0.24 23.68 -32.29
C GLY D 474 1.10 23.53 -31.07
N LEU D 475 2.40 23.44 -31.34
CA LEU D 475 3.44 23.27 -30.34
C LEU D 475 3.11 23.71 -28.93
N GLY D 476 2.79 24.98 -28.76
CA GLY D 476 2.50 25.47 -27.43
C GLY D 476 1.52 24.71 -26.54
N ILE D 477 0.57 24.01 -27.14
CA ILE D 477 -0.43 23.31 -26.35
C ILE D 477 0.08 22.16 -25.51
N GLY D 478 -0.11 22.30 -24.20
CA GLY D 478 0.30 21.30 -23.23
C GLY D 478 -0.81 21.28 -22.18
N ILE D 479 -0.60 20.59 -21.07
CA ILE D 479 -1.62 20.54 -20.02
C ILE D 479 -1.41 21.53 -18.89
N ASP D 480 -2.48 22.22 -18.53
CA ASP D 480 -2.40 23.17 -17.43
C ASP D 480 -2.98 22.47 -16.19
N VAL D 481 -2.12 21.78 -15.46
CA VAL D 481 -2.57 21.03 -14.29
C VAL D 481 -3.33 21.90 -13.28
N PHE D 482 -2.92 23.15 -13.11
CA PHE D 482 -3.61 24.01 -12.16
C PHE D 482 -5.01 24.42 -12.59
N GLU D 483 -5.36 24.21 -13.85
CA GLU D 483 -6.69 24.57 -14.33
C GLU D 483 -7.43 23.36 -14.89
N GLY D 484 -6.80 22.19 -14.79
CA GLY D 484 -7.41 20.97 -15.28
C GLY D 484 -7.93 21.12 -16.69
N LYS D 485 -7.15 21.82 -17.51
CA LYS D 485 -7.53 22.10 -18.89
C LYS D 485 -6.28 22.30 -19.74
N PRO D 486 -6.36 21.96 -21.03
CA PRO D 486 -5.20 22.15 -21.92
C PRO D 486 -4.94 23.66 -21.99
N ALA D 487 -3.81 24.07 -22.54
CA ALA D 487 -3.53 25.50 -22.61
C ALA D 487 -2.25 25.78 -23.38
N ASP D 488 -2.09 27.04 -23.77
CA ASP D 488 -0.89 27.44 -24.49
C ASP D 488 0.18 27.72 -23.45
N MET D 489 1.08 26.75 -23.29
CA MET D 489 2.16 26.84 -22.32
C MET D 489 3.06 28.05 -22.52
N LEU D 490 3.31 28.40 -23.77
CA LEU D 490 4.15 29.56 -24.08
C LEU D 490 3.52 30.85 -23.59
N GLU D 491 2.20 30.94 -23.74
CA GLU D 491 1.47 32.13 -23.30
C GLU D 491 1.53 32.26 -21.79
N LYS D 492 1.39 31.14 -21.08
CA LYS D 492 1.41 31.16 -19.62
C LYS D 492 2.79 31.16 -18.98
N GLY D 493 3.85 31.20 -19.81
CA GLY D 493 5.21 31.22 -19.28
C GLY D 493 5.73 29.88 -18.76
N ILE D 494 4.93 28.84 -18.87
CA ILE D 494 5.30 27.51 -18.43
C ILE D 494 6.33 27.01 -19.44
N ILE D 495 7.58 27.38 -19.21
CA ILE D 495 8.64 27.04 -20.14
C ILE D 495 9.85 26.31 -19.51
N GLU D 496 10.55 25.50 -20.31
CA GLU D 496 11.72 24.74 -19.84
C GLU D 496 12.83 24.64 -20.91
N PRO D 497 14.08 24.36 -20.48
CA PRO D 497 15.24 24.24 -21.38
C PRO D 497 15.14 23.12 -22.41
N LEU D 498 15.75 23.34 -23.56
CA LEU D 498 15.77 22.36 -24.63
C LEU D 498 16.59 21.16 -24.13
N ARG D 499 17.68 21.46 -23.44
CA ARG D 499 18.57 20.43 -22.90
C ARG D 499 17.83 19.45 -21.99
N VAL D 500 16.91 19.95 -21.17
CA VAL D 500 16.16 19.09 -20.26
C VAL D 500 15.49 17.95 -21.02
N LYS D 501 14.77 18.29 -22.08
CA LYS D 501 14.07 17.28 -22.87
C LYS D 501 15.01 16.43 -23.73
N LYS D 502 16.05 17.04 -24.30
CA LYS D 502 17.01 16.32 -25.14
C LYS D 502 17.75 15.23 -24.37
N GLN D 503 18.35 15.63 -23.26
CA GLN D 503 19.09 14.71 -22.42
C GLN D 503 18.19 13.64 -21.87
N ALA D 504 16.93 14.00 -21.63
CA ALA D 504 15.97 13.05 -21.09
C ALA D 504 15.73 11.91 -22.05
N ILE D 505 15.45 12.24 -23.31
CA ILE D 505 15.19 11.22 -24.32
C ILE D 505 16.46 10.39 -24.55
N LYS D 506 17.60 11.06 -24.61
CA LYS D 506 18.86 10.35 -24.80
C LYS D 506 19.09 9.26 -23.75
N SER D 507 19.09 9.65 -22.48
CA SER D 507 19.32 8.68 -21.41
C SER D 507 18.19 7.68 -21.26
N ALA D 508 16.96 8.14 -21.46
CA ALA D 508 15.82 7.24 -21.33
C ALA D 508 15.92 6.14 -22.37
N SER D 509 16.25 6.52 -23.59
CA SER D 509 16.39 5.61 -24.73
C SER D 509 17.49 4.57 -24.63
N GLU D 510 18.70 5.04 -24.42
CA GLU D 510 19.85 4.16 -24.35
C GLU D 510 19.72 3.16 -23.21
N ALA D 511 19.15 3.61 -22.10
CA ALA D 511 18.96 2.72 -20.98
C ALA D 511 17.93 1.66 -21.38
N ALA D 512 16.78 2.11 -21.88
CA ALA D 512 15.72 1.19 -22.28
C ALA D 512 16.22 0.17 -23.28
N ILE D 513 17.03 0.61 -24.24
CA ILE D 513 17.55 -0.31 -25.24
C ILE D 513 18.52 -1.30 -24.61
N MET D 514 19.41 -0.81 -23.75
CA MET D 514 20.38 -1.69 -23.09
C MET D 514 19.68 -2.79 -22.30
N ILE D 515 18.67 -2.42 -21.52
CA ILE D 515 17.94 -3.40 -20.73
C ILE D 515 17.24 -4.39 -21.63
N LEU D 516 16.61 -3.86 -22.67
CA LEU D 516 15.86 -4.64 -23.65
C LEU D 516 16.72 -5.65 -24.43
N ARG D 517 18.02 -5.41 -24.51
CA ARG D 517 18.91 -6.32 -25.23
C ARG D 517 19.33 -7.49 -24.34
N ILE D 518 18.95 -7.43 -23.07
CA ILE D 518 19.30 -8.45 -22.08
C ILE D 518 18.37 -9.66 -22.05
N ASP D 519 18.93 -10.83 -22.34
CA ASP D 519 18.14 -12.07 -22.34
C ASP D 519 18.79 -13.12 -21.45
N ASP D 520 19.60 -12.69 -20.49
CA ASP D 520 20.25 -13.62 -19.60
C ASP D 520 20.82 -12.85 -18.42
N VAL D 521 20.35 -13.18 -17.22
CA VAL D 521 20.82 -12.53 -16.01
C VAL D 521 21.50 -13.56 -15.13
N ILE D 522 22.71 -13.27 -14.70
CA ILE D 522 23.47 -14.19 -13.86
C ILE D 522 24.02 -13.49 -12.63
N ALA D 523 23.42 -13.79 -11.48
CA ALA D 523 23.81 -13.16 -10.22
C ALA D 523 24.40 -14.11 -9.19
N ALA D 524 25.58 -13.76 -8.70
CA ALA D 524 26.26 -14.57 -7.70
C ALA D 524 25.67 -14.22 -6.34
N LYS D 525 25.76 -15.15 -5.40
CA LYS D 525 25.27 -14.94 -4.04
C LYS D 525 26.16 -13.85 -3.45
N ALA D 526 25.60 -12.97 -2.62
CA ALA D 526 26.38 -11.88 -2.03
C ALA D 526 27.10 -12.24 -0.71
#